data_8TD2
#
_entry.id   8TD2
#
_cell.length_a   111.497
_cell.length_b   180.567
_cell.length_c   88.169
_cell.angle_alpha   90.00
_cell.angle_beta   106.64
_cell.angle_gamma   90.00
#
_symmetry.space_group_name_H-M   'C 1 2 1'
#
loop_
_entity.id
_entity.type
_entity.pdbx_description
1 polymer 'Pyrroline-5-carboxylate reductase 1, mitochondrial'
2 non-polymer '1,4-DIHYDRONICOTINAMIDE ADENINE DINUCLEOTIDE'
3 non-polymer 'cyclobutane-1,1-dicarboxylic acid'
4 non-polymer 'SULFATE ION'
5 water water
#
_entity_poly.entity_id   1
_entity_poly.type   'polypeptide(L)'
_entity_poly.pdbx_seq_one_letter_code
;MHHHHHHSSGVDLGTENLYFQSMSVGFIGAGQLAFALAKGFTAAGVLAAHKIMASSPDMDLATVSALRKMGVKLTPHNKE
TVQHSDVLFLAVKPHIIPFILDEIGADIEDRHIVVSCAAGVTISSIEKKLSAFRPAPRVIRCMTNTPVVVREGATVYATG
THAQVEDGRLMEQLLSSVGFCTEVEEDLIDAVTGLSGSGPAYAFTALDALADGGVKMGLPRRLAVRLGAQALLGAAKMLL
HSEQHPGQLKDNVSSPGGATIHALHVLESGGFRSLLINAVEASCIRTRELQSMADQEQVSPAAIKKTILDKVKLDS
;
_entity_poly.pdbx_strand_id   A,B,C,D,E
#
loop_
_chem_comp.id
_chem_comp.type
_chem_comp.name
_chem_comp.formula
NAI non-polymer '1,4-DIHYDRONICOTINAMIDE ADENINE DINUCLEOTIDE' 'C21 H29 N7 O14 P2'
SO4 non-polymer 'SULFATE ION' 'O4 S -2'
ZPS non-polymer 'cyclobutane-1,1-dicarboxylic acid' 'C6 H8 O4'
#
# COMPACT_ATOMS: atom_id res chain seq x y z
N SER A 22 26.64 21.11 -20.56
CA SER A 22 27.92 20.57 -21.01
C SER A 22 28.29 19.26 -20.32
N MET A 23 27.57 18.96 -19.24
CA MET A 23 27.88 17.78 -18.44
C MET A 23 27.43 16.52 -19.16
N SER A 24 28.28 15.50 -19.18
CA SER A 24 27.93 14.21 -19.74
C SER A 24 27.60 13.25 -18.60
N VAL A 25 26.44 12.61 -18.67
CA VAL A 25 25.94 11.77 -17.59
C VAL A 25 25.82 10.35 -18.11
N GLY A 26 26.18 9.39 -17.27
CA GLY A 26 26.03 7.99 -17.62
C GLY A 26 25.23 7.23 -16.58
N PHE A 27 24.53 6.21 -17.05
CA PHE A 27 23.86 5.25 -16.18
C PHE A 27 24.36 3.85 -16.52
N ILE A 28 24.97 3.18 -15.55
CA ILE A 28 25.23 1.74 -15.64
CA ILE A 28 25.22 1.74 -15.67
C ILE A 28 23.98 1.06 -15.11
N GLY A 29 23.24 0.40 -15.99
CA GLY A 29 21.90 -0.06 -15.68
C GLY A 29 20.95 0.83 -16.43
N ALA A 30 20.00 0.24 -17.17
CA ALA A 30 19.07 1.05 -17.95
C ALA A 30 17.65 0.65 -17.59
N GLY A 31 17.37 0.59 -16.29
CA GLY A 31 16.11 0.12 -15.78
C GLY A 31 15.20 1.24 -15.33
N GLN A 32 14.38 0.93 -14.30
CA GLN A 32 13.34 1.85 -13.84
C GLN A 32 13.94 3.15 -13.32
N LEU A 33 15.01 3.06 -12.53
CA LEU A 33 15.54 4.28 -11.93
C LEU A 33 16.30 5.10 -12.95
N ALA A 34 17.11 4.47 -13.81
CA ALA A 34 17.74 5.20 -14.90
C ALA A 34 16.70 5.95 -15.72
N PHE A 35 15.57 5.31 -16.02
CA PHE A 35 14.56 5.98 -16.81
C PHE A 35 13.97 7.16 -16.05
N ALA A 36 13.63 6.96 -14.79
CA ALA A 36 13.00 8.02 -13.99
C ALA A 36 13.93 9.22 -13.87
N LEU A 37 15.21 8.98 -13.56
CA LEU A 37 16.15 10.10 -13.44
C LEU A 37 16.38 10.79 -14.78
N ALA A 38 16.57 10.02 -15.85
CA ALA A 38 16.80 10.65 -17.15
C ALA A 38 15.61 11.48 -17.58
N LYS A 39 14.40 10.96 -17.35
CA LYS A 39 13.20 11.72 -17.67
C LYS A 39 13.12 12.99 -16.83
N GLY A 40 13.40 12.88 -15.53
CA GLY A 40 13.36 14.08 -14.70
C GLY A 40 14.39 15.11 -15.10
N PHE A 41 15.64 14.65 -15.33
CA PHE A 41 16.71 15.58 -15.69
C PHE A 41 16.42 16.31 -17.00
N THR A 42 15.88 15.60 -17.99
CA THR A 42 15.62 16.25 -19.26
C THR A 42 14.39 17.15 -19.19
N ALA A 43 13.37 16.76 -18.41
CA ALA A 43 12.22 17.63 -18.21
C ALA A 43 12.59 18.89 -17.45
N ALA A 44 13.53 18.77 -16.50
CA ALA A 44 14.08 19.93 -15.81
C ALA A 44 14.93 20.82 -16.70
N GLY A 45 15.33 20.35 -17.88
CA GLY A 45 16.19 21.12 -18.74
C GLY A 45 17.63 21.23 -18.28
N VAL A 46 18.06 20.40 -17.34
CA VAL A 46 19.44 20.50 -16.89
C VAL A 46 20.38 19.75 -17.84
N LEU A 47 19.87 18.74 -18.53
CA LEU A 47 20.66 17.88 -19.39
C LEU A 47 19.92 17.68 -20.71
N ALA A 48 20.67 17.67 -21.81
CA ALA A 48 20.11 17.19 -23.06
C ALA A 48 20.06 15.66 -23.01
N ALA A 49 18.98 15.08 -23.55
CA ALA A 49 18.86 13.62 -23.53
C ALA A 49 20.04 12.95 -24.22
N HIS A 50 20.55 13.53 -25.30
CA HIS A 50 21.65 12.88 -26.02
C HIS A 50 23.00 13.07 -25.33
N LYS A 51 23.05 13.84 -24.25
CA LYS A 51 24.24 13.88 -23.41
C LYS A 51 24.20 12.82 -22.31
N ILE A 52 23.14 12.03 -22.26
CA ILE A 52 23.02 10.90 -21.35
C ILE A 52 23.29 9.62 -22.14
N MET A 53 24.09 8.73 -21.56
CA MET A 53 24.32 7.41 -22.11
C MET A 53 23.97 6.39 -21.04
N ALA A 54 23.29 5.31 -21.43
CA ALA A 54 22.90 4.28 -20.48
C ALA A 54 23.26 2.93 -21.07
N SER A 55 23.67 1.99 -20.22
CA SER A 55 24.06 0.68 -20.71
C SER A 55 23.31 -0.42 -19.97
N SER A 56 23.05 -1.50 -20.70
CA SER A 56 22.38 -2.68 -20.20
C SER A 56 22.81 -3.85 -21.08
N PRO A 57 22.95 -5.04 -20.50
CA PRO A 57 23.25 -6.22 -21.33
C PRO A 57 22.06 -6.69 -22.14
N ASP A 58 20.87 -6.18 -21.86
CA ASP A 58 19.64 -6.59 -22.52
C ASP A 58 19.00 -5.34 -23.10
N MET A 59 19.08 -5.19 -24.42
CA MET A 59 18.51 -4.03 -25.11
C MET A 59 17.04 -4.23 -25.48
N ASP A 60 16.46 -5.39 -25.16
CA ASP A 60 15.04 -5.66 -25.43
C ASP A 60 14.18 -5.43 -24.20
N LEU A 61 14.45 -4.35 -23.46
CA LEU A 61 13.66 -3.97 -22.30
C LEU A 61 12.80 -2.76 -22.61
N ALA A 62 11.63 -2.69 -21.96
CA ALA A 62 10.76 -1.55 -22.15
C ALA A 62 11.40 -0.26 -21.65
N THR A 63 12.16 -0.35 -20.54
CA THR A 63 12.87 0.84 -20.06
C THR A 63 13.89 1.32 -21.07
N VAL A 64 14.59 0.38 -21.73
CA VAL A 64 15.56 0.76 -22.76
C VAL A 64 14.84 1.39 -23.95
N SER A 65 13.70 0.83 -24.34
CA SER A 65 12.94 1.40 -25.45
C SER A 65 12.47 2.81 -25.14
N ALA A 66 12.07 3.05 -23.89
CA ALA A 66 11.65 4.38 -23.48
C ALA A 66 12.83 5.34 -23.43
N LEU A 67 13.98 4.90 -22.94
CA LEU A 67 15.17 5.75 -22.98
C LEU A 67 15.53 6.10 -24.42
N ARG A 68 15.43 5.12 -25.32
CA ARG A 68 15.77 5.34 -26.72
C ARG A 68 14.88 6.40 -27.34
N LYS A 69 13.56 6.31 -27.09
CA LYS A 69 12.62 7.29 -27.62
C LYS A 69 12.91 8.69 -27.09
N MET A 70 13.41 8.81 -25.86
CA MET A 70 13.79 10.09 -25.29
C MET A 70 14.97 10.74 -26.01
N GLY A 71 15.79 9.95 -26.70
CA GLY A 71 17.02 10.44 -27.26
C GLY A 71 18.25 10.12 -26.44
N VAL A 72 18.12 9.35 -25.36
CA VAL A 72 19.29 8.90 -24.61
C VAL A 72 20.09 7.93 -25.46
N LYS A 73 21.43 8.02 -25.37
CA LYS A 73 22.32 7.09 -26.06
C LYS A 73 22.35 5.75 -25.33
N LEU A 74 22.26 4.66 -26.07
CA LEU A 74 22.22 3.33 -25.50
C LEU A 74 23.36 2.47 -26.05
N THR A 75 23.97 1.68 -25.17
CA THR A 75 25.07 0.80 -25.56
C THR A 75 25.03 -0.42 -24.67
N PRO A 76 25.45 -1.58 -25.17
CA PRO A 76 25.57 -2.76 -24.28
C PRO A 76 26.84 -2.74 -23.46
N HIS A 77 27.79 -1.85 -23.77
CA HIS A 77 29.13 -1.89 -23.19
C HIS A 77 29.23 -0.87 -22.06
N ASN A 78 29.39 -1.38 -20.84
CA ASN A 78 29.55 -0.50 -19.68
C ASN A 78 30.78 0.39 -19.80
N LYS A 79 31.85 -0.10 -20.47
CA LYS A 79 33.03 0.74 -20.65
C LYS A 79 32.69 1.98 -21.46
N GLU A 80 31.82 1.86 -22.46
CA GLU A 80 31.46 3.03 -23.25
C GLU A 80 30.73 4.06 -22.39
N THR A 81 29.84 3.61 -21.51
CA THR A 81 29.17 4.53 -20.61
C THR A 81 30.16 5.25 -19.70
N VAL A 82 31.16 4.52 -19.20
CA VAL A 82 32.17 5.14 -18.34
C VAL A 82 32.94 6.21 -19.11
N GLN A 83 33.42 5.88 -20.31
CA GLN A 83 34.25 6.80 -21.07
C GLN A 83 33.46 8.01 -21.53
N HIS A 84 32.14 7.85 -21.75
CA HIS A 84 31.29 8.98 -22.10
C HIS A 84 31.11 9.93 -20.93
N SER A 85 31.03 9.39 -19.72
CA SER A 85 30.43 10.08 -18.59
C SER A 85 31.43 10.97 -17.85
N ASP A 86 30.88 12.05 -17.29
CA ASP A 86 31.52 12.85 -16.26
C ASP A 86 30.99 12.49 -14.88
N VAL A 87 29.67 12.48 -14.73
CA VAL A 87 28.98 11.93 -13.57
C VAL A 87 28.44 10.57 -13.97
N LEU A 88 28.77 9.54 -13.19
CA LEU A 88 28.44 8.16 -13.51
C LEU A 88 27.52 7.61 -12.44
N PHE A 89 26.25 7.37 -12.79
CA PHE A 89 25.30 6.76 -11.88
C PHE A 89 25.38 5.25 -11.97
N LEU A 90 25.46 4.60 -10.81
CA LEU A 90 25.36 3.14 -10.74
C LEU A 90 23.92 2.81 -10.42
N ALA A 91 23.19 2.32 -11.43
CA ALA A 91 21.77 2.06 -11.34
C ALA A 91 21.46 0.60 -11.68
N VAL A 92 22.31 -0.30 -11.24
CA VAL A 92 22.04 -1.72 -11.30
C VAL A 92 21.58 -2.18 -9.91
N LYS A 93 21.03 -3.39 -9.85
CA LYS A 93 20.61 -3.99 -8.59
C LYS A 93 21.81 -4.07 -7.63
N PRO A 94 21.56 -3.98 -6.32
CA PRO A 94 22.69 -3.94 -5.37
C PRO A 94 23.65 -5.11 -5.49
N HIS A 95 23.14 -6.33 -5.72
CA HIS A 95 24.04 -7.46 -5.80
C HIS A 95 24.88 -7.47 -7.07
N ILE A 96 24.55 -6.61 -8.04
CA ILE A 96 25.36 -6.47 -9.25
C ILE A 96 26.47 -5.44 -9.09
N ILE A 97 26.38 -4.56 -8.08
CA ILE A 97 27.38 -3.49 -7.93
C ILE A 97 28.81 -4.03 -7.90
N PRO A 98 29.16 -5.03 -7.07
CA PRO A 98 30.56 -5.49 -7.08
C PRO A 98 31.02 -6.02 -8.43
N PHE A 99 30.16 -6.73 -9.16
CA PHE A 99 30.56 -7.19 -10.49
C PHE A 99 30.87 -6.01 -11.41
N ILE A 100 30.02 -4.97 -11.35
CA ILE A 100 30.22 -3.78 -12.17
C ILE A 100 31.54 -3.11 -11.82
N LEU A 101 31.84 -2.98 -10.53
CA LEU A 101 33.06 -2.30 -10.12
C LEU A 101 34.30 -3.06 -10.57
N ASP A 102 34.25 -4.40 -10.49
CA ASP A 102 35.33 -5.21 -11.04
C ASP A 102 35.48 -4.99 -12.54
N GLU A 103 34.35 -4.83 -13.25
CA GLU A 103 34.40 -4.77 -14.71
C GLU A 103 35.00 -3.46 -15.20
N ILE A 104 34.57 -2.33 -14.64
CA ILE A 104 34.97 -1.05 -15.18
C ILE A 104 35.85 -0.25 -14.21
N GLY A 105 36.31 -0.87 -13.13
CA GLY A 105 37.12 -0.13 -12.16
C GLY A 105 38.37 0.45 -12.78
N ALA A 106 39.00 -0.29 -13.69
CA ALA A 106 40.18 0.21 -14.38
C ALA A 106 39.88 1.38 -15.28
N ASP A 107 38.61 1.61 -15.62
CA ASP A 107 38.20 2.69 -16.51
C ASP A 107 37.80 3.97 -15.76
N ILE A 108 37.71 3.94 -14.43
CA ILE A 108 37.38 5.15 -13.69
C ILE A 108 38.57 6.09 -13.72
N GLU A 109 38.34 7.34 -14.09
CA GLU A 109 39.38 8.34 -14.19
CA GLU A 109 39.37 8.36 -14.21
C GLU A 109 39.26 9.33 -13.04
N ASP A 110 40.33 10.12 -12.85
CA ASP A 110 40.31 11.11 -11.78
C ASP A 110 39.18 12.12 -11.96
N ARG A 111 38.72 12.34 -13.20
CA ARG A 111 37.66 13.29 -13.49
C ARG A 111 36.27 12.77 -13.10
N HIS A 112 36.11 11.48 -12.82
CA HIS A 112 34.77 10.92 -12.62
C HIS A 112 34.24 11.23 -11.22
N ILE A 113 32.93 11.47 -11.14
CA ILE A 113 32.18 11.40 -9.90
C ILE A 113 31.29 10.17 -10.02
N VAL A 114 31.50 9.18 -9.16
CA VAL A 114 30.75 7.94 -9.18
C VAL A 114 29.63 8.04 -8.16
N VAL A 115 28.39 7.95 -8.63
CA VAL A 115 27.22 8.12 -7.78
C VAL A 115 26.51 6.78 -7.70
N SER A 116 26.60 6.11 -6.56
CA SER A 116 25.89 4.85 -6.39
C SER A 116 24.47 5.13 -5.94
N CYS A 117 23.50 4.60 -6.68
CA CYS A 117 22.10 4.68 -6.29
C CYS A 117 21.63 3.43 -5.56
N ALA A 118 22.47 2.42 -5.44
CA ALA A 118 22.03 1.11 -5.00
C ALA A 118 21.64 1.12 -3.53
N ALA A 119 20.48 0.53 -3.21
CA ALA A 119 20.09 0.38 -1.82
C ALA A 119 21.13 -0.43 -1.06
N GLY A 120 21.48 0.05 0.13
CA GLY A 120 22.28 -0.71 1.06
C GLY A 120 23.78 -0.66 0.85
N VAL A 121 24.22 -0.49 -0.40
CA VAL A 121 25.65 -0.64 -0.71
C VAL A 121 26.43 0.51 -0.12
N THR A 122 27.46 0.18 0.65
CA THR A 122 28.18 1.21 1.40
C THR A 122 29.24 1.89 0.53
N ILE A 123 29.50 3.15 0.85
CA ILE A 123 30.63 3.87 0.25
C ILE A 123 31.92 3.09 0.45
N SER A 124 32.13 2.57 1.65
CA SER A 124 33.33 1.81 1.96
C SER A 124 33.52 0.65 0.99
N SER A 125 32.45 -0.10 0.71
CA SER A 125 32.56 -1.25 -0.19
C SER A 125 32.94 -0.82 -1.60
N ILE A 126 32.39 0.31 -2.05
CA ILE A 126 32.69 0.82 -3.39
C ILE A 126 34.12 1.34 -3.46
N GLU A 127 34.53 2.12 -2.46
CA GLU A 127 35.88 2.67 -2.48
C GLU A 127 36.93 1.56 -2.39
N LYS A 128 36.63 0.48 -1.66
CA LYS A 128 37.60 -0.60 -1.56
C LYS A 128 37.86 -1.23 -2.93
N LYS A 129 36.81 -1.46 -3.70
CA LYS A 129 36.97 -2.00 -5.06
C LYS A 129 37.69 -1.01 -5.97
N LEU A 130 37.24 0.24 -6.01
CA LEU A 130 37.79 1.19 -6.98
C LEU A 130 39.21 1.62 -6.64
N SER A 131 39.55 1.67 -5.36
CA SER A 131 40.89 2.10 -4.95
C SER A 131 41.98 1.12 -5.37
N ALA A 132 41.64 -0.12 -5.71
CA ALA A 132 42.66 -1.03 -6.21
C ALA A 132 43.14 -0.63 -7.60
N PHE A 133 42.39 0.21 -8.31
CA PHE A 133 42.81 0.65 -9.63
C PHE A 133 43.45 2.03 -9.58
N ARG A 134 42.67 3.06 -9.25
CA ARG A 134 43.20 4.40 -9.04
C ARG A 134 42.96 4.81 -7.60
N PRO A 135 43.92 5.47 -6.96
N PRO A 135 43.87 5.58 -7.00
CA PRO A 135 43.65 6.05 -5.67
CA PRO A 135 43.89 5.66 -5.52
C PRO A 135 42.64 7.18 -5.79
C PRO A 135 42.82 6.53 -4.88
N ALA A 136 42.03 7.50 -4.67
N ALA A 136 42.21 7.48 -5.57
CA ALA A 136 41.10 8.62 -4.54
CA ALA A 136 41.32 8.45 -4.91
C ALA A 136 39.93 8.60 -5.52
C ALA A 136 39.99 8.57 -5.63
N PRO A 137 39.22 7.49 -5.71
CA PRO A 137 37.95 7.54 -6.45
C PRO A 137 36.97 8.45 -5.73
N ARG A 138 36.29 9.30 -6.50
CA ARG A 138 35.32 10.26 -5.97
C ARG A 138 33.93 9.60 -5.97
N VAL A 139 33.45 9.22 -4.79
CA VAL A 139 32.24 8.41 -4.66
C VAL A 139 31.22 9.19 -3.86
N ILE A 140 29.99 9.19 -4.35
CA ILE A 140 28.83 9.70 -3.64
C ILE A 140 27.78 8.59 -3.60
N ARG A 141 27.13 8.41 -2.46
CA ARG A 141 26.04 7.45 -2.34
C ARG A 141 24.74 8.22 -2.20
N CYS A 142 23.72 7.80 -2.93
CA CYS A 142 22.43 8.46 -2.79
C CYS A 142 21.31 7.46 -2.66
N MET A 143 20.18 7.95 -2.15
CA MET A 143 18.95 7.20 -2.13
C MET A 143 17.89 8.16 -2.63
N THR A 144 17.21 7.78 -3.71
CA THR A 144 16.21 8.64 -4.33
C THR A 144 14.94 7.80 -4.46
N ASN A 145 14.03 8.22 -5.33
CA ASN A 145 12.80 7.45 -5.53
C ASN A 145 12.20 7.79 -6.88
N THR A 146 11.22 6.98 -7.30
CA THR A 146 10.72 7.12 -8.67
C THR A 146 10.05 8.46 -8.96
N PRO A 147 9.47 9.19 -7.97
CA PRO A 147 8.84 10.47 -8.35
C PRO A 147 9.79 11.54 -8.87
N VAL A 148 11.11 11.26 -8.97
CA VAL A 148 11.94 12.16 -9.77
C VAL A 148 11.41 12.29 -11.19
N VAL A 149 10.64 11.29 -11.65
CA VAL A 149 10.13 11.32 -13.02
C VAL A 149 9.15 12.48 -13.23
N VAL A 150 8.50 12.95 -12.16
CA VAL A 150 7.68 14.16 -12.22
C VAL A 150 8.33 15.30 -11.42
N ARG A 151 9.65 15.23 -11.23
CA ARG A 151 10.42 16.28 -10.56
C ARG A 151 9.94 16.53 -9.12
N GLU A 152 9.43 15.49 -8.46
CA GLU A 152 9.06 15.57 -7.05
C GLU A 152 9.67 14.42 -6.26
N GLY A 153 10.91 14.07 -6.59
CA GLY A 153 11.60 13.04 -5.84
C GLY A 153 11.98 13.50 -4.45
N ALA A 154 12.40 12.52 -3.66
CA ALA A 154 12.98 12.74 -2.33
C ALA A 154 14.34 12.07 -2.35
N THR A 155 15.41 12.86 -2.26
CA THR A 155 16.77 12.36 -2.44
C THR A 155 17.64 12.76 -1.27
N VAL A 156 18.43 11.81 -0.76
CA VAL A 156 19.49 12.11 0.19
C VAL A 156 20.79 11.60 -0.42
N TYR A 157 21.90 12.20 0.01
CA TYR A 157 23.21 11.72 -0.44
C TYR A 157 24.24 11.89 0.66
N ALA A 158 25.26 11.03 0.62
CA ALA A 158 26.44 11.16 1.47
C ALA A 158 27.69 11.13 0.62
N THR A 159 28.68 11.95 0.98
CA THR A 159 29.90 12.08 0.22
C THR A 159 30.96 11.11 0.74
N GLY A 160 31.74 10.57 -0.19
CA GLY A 160 32.79 9.64 0.15
C GLY A 160 34.08 10.31 0.58
N THR A 161 35.07 9.46 0.82
CA THR A 161 36.36 9.88 1.38
C THR A 161 37.06 10.92 0.51
N HIS A 162 37.02 10.75 -0.82
CA HIS A 162 37.77 11.60 -1.73
C HIS A 162 36.90 12.56 -2.51
N ALA A 163 35.59 12.56 -2.27
CA ALA A 163 34.70 13.51 -2.92
C ALA A 163 35.04 14.92 -2.48
N GLN A 164 35.18 15.83 -3.43
CA GLN A 164 35.48 17.22 -3.11
C GLN A 164 34.22 17.94 -2.64
N VAL A 165 34.40 19.04 -1.92
CA VAL A 165 33.26 19.86 -1.53
C VAL A 165 32.44 20.23 -2.75
N GLU A 166 33.11 20.59 -3.85
CA GLU A 166 32.40 20.94 -5.08
C GLU A 166 31.63 19.75 -5.65
N ASP A 167 32.08 18.52 -5.39
CA ASP A 167 31.36 17.34 -5.86
C ASP A 167 30.00 17.22 -5.18
N GLY A 168 29.97 17.42 -3.86
CA GLY A 168 28.72 17.39 -3.15
C GLY A 168 27.78 18.49 -3.59
N ARG A 169 28.31 19.70 -3.79
CA ARG A 169 27.47 20.81 -4.23
C ARG A 169 26.89 20.54 -5.62
N LEU A 170 27.71 19.98 -6.51
CA LEU A 170 27.24 19.62 -7.86
C LEU A 170 26.11 18.60 -7.77
N MET A 171 26.33 17.54 -6.97
N MET A 171 26.29 17.55 -6.97
CA MET A 171 25.32 16.51 -6.78
CA MET A 171 25.23 16.54 -6.94
C MET A 171 24.01 17.10 -6.31
C MET A 171 23.95 17.08 -6.29
N GLU A 172 24.08 18.00 -5.33
CA GLU A 172 22.86 18.57 -4.75
C GLU A 172 22.14 19.44 -5.77
N GLN A 173 22.88 20.26 -6.53
CA GLN A 173 22.25 21.05 -7.58
C GLN A 173 21.54 20.16 -8.59
N LEU A 174 22.22 19.09 -9.04
CA LEU A 174 21.64 18.18 -10.02
C LEU A 174 20.39 17.49 -9.46
N LEU A 175 20.50 16.89 -8.29
CA LEU A 175 19.35 16.14 -7.78
C LEU A 175 18.24 17.05 -7.27
N SER A 176 18.56 18.31 -6.91
CA SER A 176 17.51 19.25 -6.56
C SER A 176 16.65 19.64 -7.76
N SER A 177 17.16 19.44 -8.98
CA SER A 177 16.36 19.79 -10.15
C SER A 177 15.17 18.86 -10.33
N VAL A 178 15.16 17.71 -9.63
CA VAL A 178 14.10 16.73 -9.78
C VAL A 178 13.39 16.42 -8.47
N GLY A 179 13.59 17.22 -7.44
CA GLY A 179 12.87 17.05 -6.20
C GLY A 179 13.65 17.61 -5.03
N PHE A 180 13.22 17.20 -3.84
CA PHE A 180 13.94 17.56 -2.61
C PHE A 180 15.28 16.83 -2.57
N CYS A 181 16.31 17.52 -2.10
CA CYS A 181 17.61 16.87 -1.97
C CYS A 181 18.37 17.45 -0.80
N THR A 182 18.95 16.58 0.04
CA THR A 182 19.76 17.06 1.13
C THR A 182 20.89 16.08 1.42
N GLU A 183 22.00 16.60 1.92
CA GLU A 183 23.09 15.76 2.37
C GLU A 183 22.75 15.14 3.71
N VAL A 184 23.13 13.88 3.90
CA VAL A 184 22.99 13.18 5.18
C VAL A 184 24.28 12.45 5.50
N GLU A 185 24.42 12.08 6.77
CA GLU A 185 25.40 11.08 7.16
C GLU A 185 25.00 9.73 6.59
N GLU A 186 26.00 8.97 6.13
CA GLU A 186 25.70 7.71 5.45
C GLU A 186 24.89 6.76 6.33
N ASP A 187 25.07 6.83 7.66
CA ASP A 187 24.39 5.84 8.48
C ASP A 187 22.89 6.05 8.56
N LEU A 188 22.35 7.12 7.95
CA LEU A 188 20.90 7.29 7.88
C LEU A 188 20.29 6.71 6.60
N ILE A 189 21.09 6.32 5.61
CA ILE A 189 20.53 6.10 4.29
C ILE A 189 19.66 4.84 4.26
N ASP A 190 19.99 3.79 5.02
CA ASP A 190 19.13 2.60 5.00
C ASP A 190 17.74 2.91 5.57
N ALA A 191 17.67 3.73 6.60
CA ALA A 191 16.38 4.17 7.13
C ALA A 191 15.63 5.05 6.13
N VAL A 192 16.35 5.94 5.44
CA VAL A 192 15.71 6.72 4.38
C VAL A 192 15.12 5.80 3.34
N THR A 193 15.82 4.71 3.01
CA THR A 193 15.31 3.75 2.02
C THR A 193 13.95 3.22 2.46
N GLY A 194 13.80 2.87 3.74
CA GLY A 194 12.53 2.34 4.23
C GLY A 194 11.41 3.35 4.25
N LEU A 195 11.74 4.65 4.31
CA LEU A 195 10.75 5.71 4.39
C LEU A 195 10.44 6.25 3.01
N SER A 196 11.38 6.98 2.38
CA SER A 196 11.06 7.61 1.10
C SER A 196 11.47 6.79 -0.11
N GLY A 197 12.41 5.86 0.03
CA GLY A 197 12.70 4.96 -1.10
C GLY A 197 11.53 4.05 -1.41
N SER A 198 11.05 3.32 -0.40
CA SER A 198 9.87 2.48 -0.53
C SER A 198 8.57 3.26 -0.46
N GLY A 199 8.61 4.48 0.06
CA GLY A 199 7.41 5.27 0.32
C GLY A 199 6.38 5.35 -0.78
N PRO A 200 6.81 5.61 -2.02
CA PRO A 200 5.81 5.71 -3.10
C PRO A 200 4.96 4.47 -3.23
N ALA A 201 5.52 3.28 -3.00
CA ALA A 201 4.74 2.04 -3.07
C ALA A 201 3.70 1.97 -1.96
N TYR A 202 4.03 2.44 -0.75
CA TYR A 202 3.01 2.52 0.29
C TYR A 202 1.87 3.43 -0.16
N ALA A 203 2.22 4.55 -0.79
CA ALA A 203 1.21 5.50 -1.26
C ALA A 203 0.37 4.93 -2.37
N PHE A 204 0.99 4.23 -3.34
CA PHE A 204 0.22 3.60 -4.40
C PHE A 204 -0.75 2.58 -3.83
N THR A 205 -0.30 1.79 -2.84
CA THR A 205 -1.19 0.81 -2.20
C THR A 205 -2.35 1.52 -1.53
N ALA A 206 -2.05 2.59 -0.79
CA ALA A 206 -3.09 3.36 -0.09
C ALA A 206 -4.09 3.95 -1.08
N LEU A 207 -3.60 4.49 -2.20
CA LEU A 207 -4.49 5.11 -3.18
C LEU A 207 -5.41 4.09 -3.85
N ASP A 208 -4.89 2.89 -4.15
CA ASP A 208 -5.73 1.81 -4.68
C ASP A 208 -6.85 1.47 -3.69
N ALA A 209 -6.49 1.34 -2.41
CA ALA A 209 -7.49 0.98 -1.41
C ALA A 209 -8.48 2.10 -1.20
N LEU A 210 -8.01 3.36 -1.14
CA LEU A 210 -8.93 4.48 -1.01
C LEU A 210 -9.91 4.53 -2.17
N ALA A 211 -9.42 4.24 -3.39
CA ALA A 211 -10.31 4.17 -4.54
C ALA A 211 -11.34 3.06 -4.37
N ASP A 212 -10.91 1.87 -3.89
CA ASP A 212 -11.85 0.79 -3.62
C ASP A 212 -12.92 1.25 -2.65
N GLY A 213 -12.52 2.03 -1.63
CA GLY A 213 -13.48 2.58 -0.69
C GLY A 213 -14.46 3.52 -1.36
N GLY A 214 -13.96 4.43 -2.21
CA GLY A 214 -14.86 5.31 -2.95
C GLY A 214 -15.84 4.54 -3.82
N VAL A 215 -15.34 3.52 -4.53
CA VAL A 215 -16.21 2.69 -5.36
C VAL A 215 -17.24 1.96 -4.51
N LYS A 216 -16.83 1.42 -3.34
CA LYS A 216 -17.82 0.74 -2.49
C LYS A 216 -18.96 1.68 -2.13
N MET A 217 -18.66 2.95 -1.91
CA MET A 217 -19.67 3.92 -1.50
C MET A 217 -20.36 4.61 -2.67
N GLY A 218 -20.10 4.18 -3.90
CA GLY A 218 -20.91 4.57 -5.05
C GLY A 218 -20.24 5.44 -6.07
N LEU A 219 -18.95 5.78 -5.88
CA LEU A 219 -18.26 6.63 -6.85
C LEU A 219 -17.76 5.81 -8.03
N PRO A 220 -17.80 6.36 -9.24
CA PRO A 220 -17.09 5.74 -10.37
C PRO A 220 -15.60 5.63 -10.07
N ARG A 221 -15.00 4.54 -10.55
CA ARG A 221 -13.59 4.28 -10.28
C ARG A 221 -12.70 5.45 -10.70
N ARG A 222 -12.90 5.98 -11.91
CA ARG A 222 -12.01 7.03 -12.40
C ARG A 222 -12.05 8.26 -11.48
N LEU A 223 -13.24 8.66 -11.04
CA LEU A 223 -13.36 9.79 -10.12
C LEU A 223 -12.74 9.46 -8.76
N ALA A 224 -12.93 8.23 -8.28
CA ALA A 224 -12.39 7.88 -6.97
C ALA A 224 -10.87 7.92 -6.97
N VAL A 225 -10.26 7.44 -8.07
CA VAL A 225 -8.80 7.49 -8.21
C VAL A 225 -8.31 8.94 -8.22
N ARG A 226 -8.99 9.79 -9.02
CA ARG A 226 -8.59 11.19 -9.14
C ARG A 226 -8.73 11.92 -7.81
N LEU A 227 -9.85 11.72 -7.11
CA LEU A 227 -10.08 12.43 -5.85
C LEU A 227 -9.12 11.96 -4.76
N GLY A 228 -8.90 10.64 -4.66
CA GLY A 228 -7.99 10.14 -3.64
C GLY A 228 -6.57 10.62 -3.86
N ALA A 229 -6.11 10.60 -5.12
CA ALA A 229 -4.75 11.08 -5.41
C ALA A 229 -4.63 12.57 -5.13
N GLN A 230 -5.65 13.36 -5.50
CA GLN A 230 -5.62 14.79 -5.24
C GLN A 230 -5.64 15.08 -3.75
N ALA A 231 -6.45 14.32 -2.99
CA ALA A 231 -6.46 14.48 -1.53
C ALA A 231 -5.08 14.25 -0.93
N LEU A 232 -4.39 13.21 -1.38
CA LEU A 232 -3.07 12.90 -0.82
C LEU A 232 -2.05 13.94 -1.22
N LEU A 233 -2.09 14.38 -2.48
CA LEU A 233 -1.17 15.41 -2.94
C LEU A 233 -1.36 16.70 -2.17
N GLY A 234 -2.62 17.14 -2.03
CA GLY A 234 -2.88 18.37 -1.34
C GLY A 234 -2.48 18.32 0.12
N ALA A 235 -2.76 17.20 0.78
CA ALA A 235 -2.44 17.08 2.20
C ALA A 235 -0.93 17.10 2.40
N ALA A 236 -0.21 16.38 1.54
CA ALA A 236 1.25 16.38 1.65
C ALA A 236 1.82 17.78 1.43
N LYS A 237 1.31 18.49 0.42
CA LYS A 237 1.77 19.86 0.21
C LYS A 237 1.41 20.76 1.38
N MET A 238 0.22 20.56 1.97
CA MET A 238 -0.14 21.34 3.15
C MET A 238 0.91 21.16 4.25
N LEU A 239 1.28 19.90 4.52
CA LEU A 239 2.23 19.64 5.61
C LEU A 239 3.59 20.25 5.29
N LEU A 240 4.03 20.16 4.04
CA LEU A 240 5.31 20.73 3.67
C LEU A 240 5.34 22.24 3.79
N HIS A 241 4.20 22.90 3.62
CA HIS A 241 4.13 24.35 3.70
C HIS A 241 3.70 24.87 5.07
N SER A 242 3.46 23.99 6.04
CA SER A 242 2.99 24.38 7.36
C SER A 242 4.07 24.13 8.39
N GLU A 243 4.08 24.96 9.42
CA GLU A 243 4.95 24.71 10.57
C GLU A 243 4.25 23.88 11.63
N GLN A 244 2.99 23.53 11.42
CA GLN A 244 2.18 22.84 12.41
C GLN A 244 2.37 21.34 12.34
N HIS A 245 2.07 20.70 13.45
CA HIS A 245 2.22 19.26 13.56
C HIS A 245 1.13 18.56 12.74
N PRO A 246 1.42 17.40 12.14
CA PRO A 246 0.35 16.69 11.42
C PRO A 246 -0.88 16.41 12.26
N GLY A 247 -0.73 16.26 13.58
CA GLY A 247 -1.90 16.11 14.43
C GLY A 247 -2.78 17.36 14.48
N GLN A 248 -2.15 18.54 14.44
CA GLN A 248 -2.93 19.77 14.41
C GLN A 248 -3.65 19.93 13.07
N LEU A 249 -2.99 19.57 11.96
CA LEU A 249 -3.67 19.64 10.68
C LEU A 249 -4.88 18.73 10.65
N LYS A 250 -4.76 17.54 11.24
CA LYS A 250 -5.88 16.62 11.32
C LYS A 250 -7.03 17.22 12.14
N ASP A 251 -6.70 17.99 13.18
CA ASP A 251 -7.73 18.64 13.99
C ASP A 251 -8.50 19.70 13.22
N ASN A 252 -7.85 20.39 12.28
CA ASN A 252 -8.55 21.38 11.46
C ASN A 252 -9.53 20.74 10.49
N VAL A 253 -9.37 19.45 10.17
CA VAL A 253 -10.34 18.76 9.33
C VAL A 253 -11.50 18.25 10.17
N SER A 254 -11.21 17.67 11.34
CA SER A 254 -12.16 16.85 12.09
CA SER A 254 -12.17 16.85 12.07
C SER A 254 -13.02 17.72 12.99
N SER A 255 -14.28 17.93 12.60
CA SER A 255 -15.23 18.62 13.47
CA SER A 255 -15.22 18.62 13.47
C SER A 255 -15.77 17.65 14.52
N PRO A 256 -16.13 18.17 15.70
CA PRO A 256 -16.72 17.30 16.74
C PRO A 256 -17.92 16.51 16.23
N GLY A 257 -17.94 15.21 16.55
CA GLY A 257 -18.98 14.28 16.14
C GLY A 257 -19.06 14.01 14.67
N GLY A 258 -18.11 14.51 13.86
CA GLY A 258 -18.24 14.52 12.42
C GLY A 258 -17.76 13.27 11.72
N ALA A 259 -17.84 13.33 10.39
CA ALA A 259 -17.53 12.17 9.56
C ALA A 259 -16.06 11.77 9.68
N THR A 260 -15.17 12.75 9.69
CA THR A 260 -13.73 12.44 9.68
C THR A 260 -13.31 11.76 10.98
N ILE A 261 -13.77 12.25 12.13
CA ILE A 261 -13.33 11.64 13.38
C ILE A 261 -13.90 10.23 13.51
N HIS A 262 -15.09 9.98 12.94
CA HIS A 262 -15.56 8.60 12.89
C HIS A 262 -14.64 7.71 12.05
N ALA A 263 -14.19 8.21 10.89
CA ALA A 263 -13.26 7.45 10.06
C ALA A 263 -11.91 7.27 10.72
N LEU A 264 -11.40 8.31 11.40
CA LEU A 264 -10.12 8.14 12.07
C LEU A 264 -10.19 7.05 13.14
N HIS A 265 -11.34 6.93 13.82
CA HIS A 265 -11.47 5.88 14.83
C HIS A 265 -11.30 4.50 14.20
N VAL A 266 -11.94 4.25 13.06
CA VAL A 266 -11.81 2.90 12.50
C VAL A 266 -10.39 2.64 12.01
N LEU A 267 -9.67 3.67 11.53
CA LEU A 267 -8.25 3.49 11.27
C LEU A 267 -7.49 3.09 12.53
N GLU A 268 -7.71 3.82 13.64
CA GLU A 268 -7.05 3.50 14.89
C GLU A 268 -7.37 2.08 15.36
N SER A 269 -8.62 1.65 15.19
CA SER A 269 -8.98 0.33 15.70
C SER A 269 -8.26 -0.79 14.95
N GLY A 270 -7.86 -0.54 13.71
CA GLY A 270 -7.07 -1.51 12.98
C GLY A 270 -5.58 -1.36 13.16
N GLY A 271 -5.14 -0.42 14.01
CA GLY A 271 -3.71 -0.22 14.16
C GLY A 271 -3.03 0.36 12.94
N PHE A 272 -3.74 1.20 12.19
CA PHE A 272 -3.22 1.83 10.97
C PHE A 272 -1.82 2.39 11.15
N ARG A 273 -1.61 3.20 12.21
CA ARG A 273 -0.30 3.79 12.44
C ARG A 273 0.77 2.73 12.58
N SER A 274 0.47 1.65 13.34
CA SER A 274 1.50 0.62 13.55
C SER A 274 1.86 -0.07 12.24
N LEU A 275 0.94 -0.17 11.29
CA LEU A 275 1.28 -0.85 10.04
C LEU A 275 2.29 -0.05 9.24
N LEU A 276 2.15 1.28 9.24
CA LEU A 276 3.12 2.11 8.54
C LEU A 276 4.48 2.10 9.23
N ILE A 277 4.50 2.09 10.57
CA ILE A 277 5.76 1.92 11.28
C ILE A 277 6.39 0.57 10.93
N ASN A 278 5.56 -0.49 10.93
CA ASN A 278 6.05 -1.82 10.54
C ASN A 278 6.68 -1.79 9.16
N ALA A 279 6.06 -1.06 8.23
CA ALA A 279 6.53 -1.04 6.85
C ALA A 279 7.92 -0.38 6.74
N VAL A 280 8.07 0.82 7.30
CA VAL A 280 9.37 1.50 7.28
C VAL A 280 10.44 0.60 7.90
N GLU A 281 10.12 0.00 9.05
CA GLU A 281 11.05 -0.89 9.73
C GLU A 281 11.42 -2.09 8.85
N ALA A 282 10.43 -2.73 8.22
CA ALA A 282 10.71 -3.93 7.44
C ALA A 282 11.56 -3.62 6.23
N SER A 283 11.30 -2.49 5.57
CA SER A 283 12.11 -2.10 4.41
C SER A 283 13.54 -1.77 4.84
N CYS A 284 13.70 -1.01 5.93
CA CYS A 284 15.04 -0.70 6.44
C CYS A 284 15.80 -1.96 6.83
N ILE A 285 15.14 -2.86 7.58
CA ILE A 285 15.82 -4.06 8.05
C ILE A 285 16.22 -4.95 6.87
N ARG A 286 15.33 -5.08 5.88
CA ARG A 286 15.69 -5.88 4.71
C ARG A 286 16.89 -5.30 3.99
N THR A 287 16.93 -3.96 3.89
CA THR A 287 18.08 -3.30 3.28
C THR A 287 19.36 -3.62 4.03
N ARG A 288 19.32 -3.53 5.37
CA ARG A 288 20.50 -3.85 6.18
C ARG A 288 20.88 -5.32 6.04
N GLU A 289 19.89 -6.21 5.96
CA GLU A 289 20.20 -7.64 5.93
CA GLU A 289 20.14 -7.66 5.91
C GLU A 289 20.79 -8.04 4.58
N LEU A 290 20.31 -7.46 3.49
CA LEU A 290 20.91 -7.73 2.18
C LEU A 290 22.36 -7.27 2.14
N GLN A 291 22.65 -6.08 2.68
CA GLN A 291 24.04 -5.63 2.67
C GLN A 291 24.91 -6.51 3.54
N SER A 292 24.37 -6.99 4.66
CA SER A 292 25.11 -7.94 5.50
C SER A 292 25.49 -9.19 4.70
N MET A 293 24.55 -9.71 3.91
CA MET A 293 24.85 -10.84 3.04
C MET A 293 25.94 -10.47 2.04
N ALA A 294 25.84 -9.28 1.45
CA ALA A 294 26.84 -8.85 0.47
C ALA A 294 28.22 -8.73 1.10
N ASP A 295 28.30 -8.17 2.31
CA ASP A 295 29.61 -8.04 2.97
C ASP A 295 30.20 -9.41 3.31
N GLN A 296 29.35 -10.40 3.61
CA GLN A 296 29.85 -11.74 3.89
C GLN A 296 30.44 -12.38 2.63
N GLU A 297 29.79 -12.18 1.48
CA GLU A 297 30.23 -12.80 0.24
C GLU A 297 31.45 -12.12 -0.35
N ASN B 17 -4.67 34.11 -16.50
CA ASN B 17 -5.09 35.51 -16.61
C ASN B 17 -6.57 35.69 -16.29
N LEU B 18 -7.05 34.91 -15.32
CA LEU B 18 -8.44 34.96 -14.89
C LEU B 18 -8.61 35.97 -13.76
N TYR B 19 -9.72 36.69 -13.78
CA TYR B 19 -10.02 37.64 -12.72
C TYR B 19 -11.50 38.03 -12.80
N PHE B 20 -12.21 37.85 -11.69
CA PHE B 20 -13.64 38.20 -11.61
C PHE B 20 -13.75 39.62 -11.06
N GLN B 21 -13.74 40.60 -11.96
CA GLN B 21 -13.68 41.99 -11.54
C GLN B 21 -14.99 42.48 -10.93
N SER B 22 -16.12 41.91 -11.33
CA SER B 22 -17.42 42.35 -10.85
C SER B 22 -18.00 41.45 -9.75
N MET B 23 -17.21 40.53 -9.20
CA MET B 23 -17.71 39.53 -8.26
C MET B 23 -17.32 39.89 -6.83
N SER B 24 -18.32 39.99 -5.96
CA SER B 24 -18.13 40.14 -4.53
C SER B 24 -18.46 38.80 -3.86
N VAL B 25 -17.55 38.31 -3.04
CA VAL B 25 -17.71 37.01 -2.39
C VAL B 25 -17.88 37.21 -0.89
N GLY B 26 -18.79 36.45 -0.30
CA GLY B 26 -18.98 36.48 1.13
C GLY B 26 -18.93 35.09 1.74
N PHE B 27 -18.50 35.06 2.99
CA PHE B 27 -18.50 33.82 3.78
C PHE B 27 -19.34 34.04 5.02
N ILE B 28 -20.38 33.24 5.19
CA ILE B 28 -21.09 33.13 6.46
CA ILE B 28 -21.07 33.15 6.47
C ILE B 28 -20.38 32.03 7.25
N GLY B 29 -19.70 32.41 8.33
CA GLY B 29 -18.80 31.52 9.04
C GLY B 29 -17.38 31.93 8.70
N ALA B 30 -16.56 32.19 9.71
CA ALA B 30 -15.20 32.64 9.45
C ALA B 30 -14.19 31.70 10.07
N GLY B 31 -14.39 30.40 9.87
CA GLY B 31 -13.61 29.35 10.48
C GLY B 31 -12.54 28.78 9.55
N GLN B 32 -12.28 27.48 9.72
CA GLN B 32 -11.18 26.83 9.00
C GLN B 32 -11.38 26.89 7.49
N LEU B 33 -12.57 26.54 7.02
CA LEU B 33 -12.79 26.45 5.58
C LEU B 33 -12.84 27.83 4.95
N ALA B 34 -13.49 28.80 5.61
CA ALA B 34 -13.50 30.16 5.09
C ALA B 34 -12.08 30.69 4.94
N PHE B 35 -11.24 30.48 5.95
CA PHE B 35 -9.85 30.92 5.82
C PHE B 35 -9.16 30.21 4.66
N ALA B 36 -9.29 28.88 4.59
CA ALA B 36 -8.60 28.12 3.57
C ALA B 36 -9.00 28.58 2.17
N LEU B 37 -10.31 28.80 1.94
CA LEU B 37 -10.75 29.22 0.62
C LEU B 37 -10.32 30.66 0.33
N ALA B 38 -10.45 31.56 1.31
CA ALA B 38 -10.05 32.94 1.06
C ALA B 38 -8.56 33.05 0.81
N LYS B 39 -7.76 32.29 1.55
CA LYS B 39 -6.32 32.26 1.29
C LYS B 39 -6.02 31.72 -0.10
N GLY B 40 -6.70 30.65 -0.50
CA GLY B 40 -6.46 30.09 -1.82
C GLY B 40 -6.89 31.02 -2.94
N PHE B 41 -8.09 31.62 -2.83
CA PHE B 41 -8.55 32.54 -3.86
C PHE B 41 -7.61 33.73 -3.99
N THR B 42 -7.18 34.31 -2.87
CA THR B 42 -6.35 35.50 -2.94
C THR B 42 -4.95 35.15 -3.46
N ALA B 43 -4.42 34.00 -3.03
CA ALA B 43 -3.13 33.55 -3.56
C ALA B 43 -3.20 33.24 -5.04
N ALA B 44 -4.36 32.79 -5.53
CA ALA B 44 -4.55 32.53 -6.95
C ALA B 44 -4.65 33.81 -7.76
N GLY B 45 -4.90 34.95 -7.11
CA GLY B 45 -5.08 36.21 -7.79
C GLY B 45 -6.41 36.40 -8.48
N VAL B 46 -7.38 35.49 -8.27
CA VAL B 46 -8.66 35.66 -8.93
C VAL B 46 -9.57 36.60 -8.15
N LEU B 47 -9.28 36.83 -6.86
CA LEU B 47 -10.05 37.76 -6.04
C LEU B 47 -9.10 38.62 -5.23
N ALA B 48 -9.43 39.91 -5.11
CA ALA B 48 -8.76 40.78 -4.14
C ALA B 48 -9.38 40.56 -2.76
N ALA B 49 -8.52 40.54 -1.74
CA ALA B 49 -8.99 40.25 -0.38
C ALA B 49 -10.05 41.24 0.08
N HIS B 50 -9.98 42.50 -0.35
CA HIS B 50 -10.96 43.49 0.10
C HIS B 50 -12.33 43.31 -0.56
N LYS B 51 -12.43 42.50 -1.61
CA LYS B 51 -13.71 42.13 -2.17
C LYS B 51 -14.33 40.92 -1.50
N ILE B 52 -13.68 40.39 -0.45
CA ILE B 52 -14.20 39.26 0.32
C ILE B 52 -14.63 39.78 1.69
N MET B 53 -15.81 39.37 2.13
CA MET B 53 -16.30 39.67 3.47
C MET B 53 -16.62 38.34 4.16
N ALA B 54 -16.34 38.25 5.46
CA ALA B 54 -16.69 37.07 6.24
C ALA B 54 -17.33 37.53 7.55
N SER B 55 -18.30 36.75 8.03
CA SER B 55 -18.96 37.08 9.28
C SER B 55 -18.91 35.91 10.24
N SER B 56 -18.87 36.24 11.53
CA SER B 56 -18.83 35.26 12.61
C SER B 56 -19.29 35.94 13.88
N PRO B 57 -19.99 35.23 14.77
CA PRO B 57 -20.35 35.81 16.06
C PRO B 57 -19.19 35.89 17.05
N ASP B 58 -18.09 35.21 16.79
CA ASP B 58 -16.92 35.21 17.66
C ASP B 58 -15.76 35.84 16.90
N MET B 59 -15.49 37.11 17.18
CA MET B 59 -14.45 37.86 16.49
C MET B 59 -13.08 37.71 17.13
N ASP B 60 -12.93 36.77 18.07
CA ASP B 60 -11.64 36.49 18.71
C ASP B 60 -11.07 35.15 18.28
N LEU B 61 -11.52 34.63 17.14
CA LEU B 61 -11.00 33.38 16.62
C LEU B 61 -9.66 33.62 15.91
N ALA B 62 -8.79 32.61 15.99
CA ALA B 62 -7.54 32.68 15.25
C ALA B 62 -7.79 32.77 13.75
N THR B 63 -8.81 32.06 13.25
CA THR B 63 -9.16 32.16 11.84
C THR B 63 -9.61 33.58 11.49
N VAL B 64 -10.30 34.25 12.41
CA VAL B 64 -10.73 35.61 12.15
C VAL B 64 -9.53 36.55 12.09
N SER B 65 -8.57 36.37 13.01
CA SER B 65 -7.37 37.19 13.00
C SER B 65 -6.59 37.00 11.71
N ALA B 66 -6.50 35.75 11.24
CA ALA B 66 -5.78 35.47 9.99
C ALA B 66 -6.47 36.12 8.80
N LEU B 67 -7.81 36.03 8.72
CA LEU B 67 -8.54 36.70 7.65
C LEU B 67 -8.33 38.21 7.72
N ARG B 68 -8.28 38.77 8.92
CA ARG B 68 -8.08 40.22 9.02
C ARG B 68 -6.74 40.62 8.43
N LYS B 69 -5.69 39.82 8.69
CA LYS B 69 -4.36 40.14 8.20
C LYS B 69 -4.27 40.02 6.69
N MET B 70 -5.10 39.18 6.07
CA MET B 70 -5.11 39.05 4.62
C MET B 70 -5.69 40.28 3.93
N GLY B 71 -6.50 41.08 4.63
CA GLY B 71 -7.26 42.14 4.01
C GLY B 71 -8.73 41.85 3.84
N VAL B 72 -9.21 40.71 4.32
CA VAL B 72 -10.62 40.36 4.20
C VAL B 72 -11.44 41.25 5.12
N LYS B 73 -12.60 41.70 4.63
CA LYS B 73 -13.49 42.50 5.45
C LYS B 73 -14.27 41.60 6.41
N LEU B 74 -14.42 42.03 7.65
CA LEU B 74 -14.99 41.22 8.70
C LEU B 74 -16.12 41.97 9.40
N THR B 75 -17.17 41.24 9.74
CA THR B 75 -18.32 41.80 10.44
C THR B 75 -18.93 40.72 11.31
N PRO B 76 -19.54 41.09 12.45
CA PRO B 76 -20.31 40.10 13.20
C PRO B 76 -21.67 39.78 12.60
N HIS B 77 -22.15 40.56 11.62
CA HIS B 77 -23.55 40.54 11.22
C HIS B 77 -23.67 39.84 9.87
N ASN B 78 -24.36 38.68 9.87
CA ASN B 78 -24.52 37.90 8.65
C ASN B 78 -25.29 38.68 7.59
N LYS B 79 -26.22 39.55 8.00
CA LYS B 79 -26.94 40.37 7.04
C LYS B 79 -25.98 41.24 6.23
N GLU B 80 -24.93 41.74 6.87
CA GLU B 80 -23.99 42.60 6.15
C GLU B 80 -23.22 41.80 5.11
N THR B 81 -22.82 40.57 5.46
CA THR B 81 -22.20 39.68 4.48
C THR B 81 -23.11 39.46 3.28
N VAL B 82 -24.40 39.22 3.53
CA VAL B 82 -25.34 39.00 2.44
C VAL B 82 -25.45 40.24 1.56
N GLN B 83 -25.59 41.42 2.18
CA GLN B 83 -25.76 42.63 1.40
C GLN B 83 -24.51 42.97 0.60
N HIS B 84 -23.33 42.60 1.11
CA HIS B 84 -22.07 42.85 0.42
C HIS B 84 -21.87 41.95 -0.78
N SER B 85 -22.39 40.73 -0.73
CA SER B 85 -21.91 39.66 -1.58
C SER B 85 -22.82 39.40 -2.77
N ASP B 86 -22.20 38.86 -3.83
CA ASP B 86 -22.85 38.21 -4.96
C ASP B 86 -22.82 36.69 -4.82
N VAL B 87 -21.64 36.13 -4.62
CA VAL B 87 -21.46 34.72 -4.34
C VAL B 87 -21.33 34.56 -2.84
N LEU B 88 -22.21 33.77 -2.24
CA LEU B 88 -22.32 33.66 -0.79
C LEU B 88 -21.99 32.22 -0.39
N PHE B 89 -20.82 32.02 0.21
CA PHE B 89 -20.43 30.71 0.73
C PHE B 89 -20.97 30.50 2.13
N LEU B 90 -21.68 29.39 2.33
CA LEU B 90 -22.13 28.98 3.65
C LEU B 90 -21.07 28.07 4.25
N ALA B 91 -20.36 28.58 5.25
CA ALA B 91 -19.19 27.91 5.81
C ALA B 91 -19.34 27.76 7.31
N VAL B 92 -20.56 27.46 7.75
CA VAL B 92 -20.87 27.13 9.13
C VAL B 92 -21.05 25.62 9.22
N LYS B 93 -21.05 25.10 10.45
CA LYS B 93 -21.27 23.68 10.65
C LYS B 93 -22.64 23.27 10.11
N PRO B 94 -22.78 22.02 9.65
CA PRO B 94 -24.05 21.62 9.02
C PRO B 94 -25.28 21.85 9.87
N HIS B 95 -25.19 21.63 11.18
CA HIS B 95 -26.38 21.82 12.01
C HIS B 95 -26.75 23.28 12.17
N ILE B 96 -25.86 24.21 11.82
CA ILE B 96 -26.16 25.64 11.89
C ILE B 96 -26.74 26.17 10.59
N ILE B 97 -26.63 25.41 9.48
CA ILE B 97 -27.18 25.87 8.19
C ILE B 97 -28.65 26.29 8.30
N PRO B 98 -29.56 25.48 8.83
CA PRO B 98 -30.97 25.94 8.84
C PRO B 98 -31.18 27.21 9.63
N PHE B 99 -30.43 27.43 10.71
CA PHE B 99 -30.56 28.69 11.44
C PHE B 99 -30.11 29.87 10.57
N ILE B 100 -29.01 29.71 9.85
CA ILE B 100 -28.50 30.77 8.97
C ILE B 100 -29.52 31.10 7.90
N LEU B 101 -30.14 30.07 7.31
CA LEU B 101 -31.08 30.31 6.21
C LEU B 101 -32.31 31.05 6.71
N ASP B 102 -32.77 30.73 7.92
CA ASP B 102 -33.87 31.50 8.51
C ASP B 102 -33.46 32.92 8.82
N GLU B 103 -32.19 33.13 9.18
CA GLU B 103 -31.76 34.46 9.59
C GLU B 103 -31.67 35.41 8.41
N ILE B 104 -31.06 34.98 7.30
CA ILE B 104 -30.83 35.88 6.18
C ILE B 104 -31.69 35.51 4.96
N GLY B 105 -32.64 34.60 5.11
CA GLY B 105 -33.47 34.22 3.96
C GLY B 105 -34.19 35.40 3.33
N ALA B 106 -34.66 36.34 4.15
CA ALA B 106 -35.35 37.51 3.62
C ALA B 106 -34.41 38.49 2.92
N ASP B 107 -33.09 38.29 3.05
CA ASP B 107 -32.10 39.17 2.44
C ASP B 107 -31.57 38.63 1.11
N ILE B 108 -31.98 37.43 0.71
CA ILE B 108 -31.53 36.88 -0.56
C ILE B 108 -32.21 37.62 -1.71
N GLU B 109 -31.41 38.07 -2.67
CA GLU B 109 -31.87 38.77 -3.86
C GLU B 109 -31.65 37.90 -5.09
N ASP B 110 -32.16 38.39 -6.23
CA ASP B 110 -32.00 37.66 -7.48
C ASP B 110 -30.54 37.45 -7.85
N ARG B 111 -29.66 38.39 -7.46
CA ARG B 111 -28.26 38.32 -7.85
C ARG B 111 -27.47 37.25 -7.11
N HIS B 112 -28.00 36.71 -6.01
CA HIS B 112 -27.20 35.85 -5.15
C HIS B 112 -27.09 34.44 -5.72
N ILE B 113 -25.87 33.90 -5.66
CA ILE B 113 -25.60 32.48 -5.79
C ILE B 113 -25.21 31.99 -4.42
N VAL B 114 -26.02 31.10 -3.84
CA VAL B 114 -25.75 30.55 -2.51
C VAL B 114 -25.00 29.24 -2.69
N VAL B 115 -23.77 29.19 -2.17
CA VAL B 115 -22.91 28.02 -2.30
C VAL B 115 -22.77 27.38 -0.92
N SER B 116 -23.44 26.26 -0.68
CA SER B 116 -23.30 25.60 0.61
C SER B 116 -22.10 24.69 0.59
N CYS B 117 -21.21 24.85 1.56
CA CYS B 117 -20.07 23.97 1.70
C CYS B 117 -20.32 22.87 2.72
N ALA B 118 -21.47 22.87 3.37
CA ALA B 118 -21.68 22.00 4.53
C ALA B 118 -21.79 20.52 4.12
N ALA B 119 -21.09 19.66 4.87
CA ALA B 119 -21.22 18.22 4.66
C ALA B 119 -22.65 17.77 4.86
N GLY B 120 -23.13 16.90 3.97
CA GLY B 120 -24.42 16.25 4.13
C GLY B 120 -25.64 17.04 3.69
N VAL B 121 -25.60 18.37 3.85
CA VAL B 121 -26.81 19.18 3.72
C VAL B 121 -27.26 19.21 2.27
N THR B 122 -28.51 18.82 2.03
CA THR B 122 -28.99 18.66 0.67
C THR B 122 -29.41 19.99 0.06
N ILE B 123 -29.26 20.07 -1.27
CA ILE B 123 -29.81 21.19 -2.02
C ILE B 123 -31.29 21.35 -1.72
N SER B 124 -32.01 20.23 -1.69
CA SER B 124 -33.45 20.26 -1.42
C SER B 124 -33.77 21.00 -0.13
N SER B 125 -33.03 20.70 0.95
CA SER B 125 -33.32 21.33 2.24
C SER B 125 -33.02 22.82 2.20
N ILE B 126 -31.94 23.22 1.52
CA ILE B 126 -31.61 24.63 1.43
C ILE B 126 -32.65 25.38 0.61
N GLU B 127 -33.05 24.81 -0.53
CA GLU B 127 -34.04 25.46 -1.38
C GLU B 127 -35.38 25.60 -0.66
N LYS B 128 -35.76 24.60 0.13
CA LYS B 128 -37.05 24.69 0.82
C LYS B 128 -37.07 25.86 1.81
N LYS B 129 -35.98 26.01 2.59
CA LYS B 129 -35.88 27.11 3.54
C LYS B 129 -35.91 28.46 2.83
N LEU B 130 -35.05 28.63 1.84
CA LEU B 130 -34.96 29.92 1.16
C LEU B 130 -36.22 30.23 0.36
N SER B 131 -36.89 29.21 -0.18
CA SER B 131 -38.05 29.48 -1.03
C SER B 131 -39.22 30.05 -0.25
N ALA B 132 -39.23 29.89 1.08
CA ALA B 132 -40.30 30.46 1.87
C ALA B 132 -40.28 31.98 1.84
N PHE B 133 -39.11 32.57 1.60
CA PHE B 133 -38.95 34.02 1.57
C PHE B 133 -39.03 34.59 0.17
N ARG B 134 -38.52 33.87 -0.81
CA ARG B 134 -38.41 34.39 -2.17
C ARG B 134 -38.21 33.21 -3.11
N PRO B 135 -39.04 33.07 -4.14
CA PRO B 135 -38.94 31.89 -4.99
C PRO B 135 -37.65 31.89 -5.80
N ALA B 136 -37.31 30.72 -6.30
CA ALA B 136 -36.17 30.48 -7.19
C ALA B 136 -34.80 30.90 -6.64
N PRO B 137 -34.44 30.53 -5.41
CA PRO B 137 -33.05 30.77 -4.96
C PRO B 137 -32.09 29.94 -5.80
N ARG B 138 -30.97 30.56 -6.17
CA ARG B 138 -29.91 29.90 -6.93
C ARG B 138 -28.94 29.24 -5.96
N VAL B 139 -28.97 27.91 -5.89
CA VAL B 139 -28.19 27.16 -4.89
C VAL B 139 -27.22 26.23 -5.60
N ILE B 140 -25.96 26.21 -5.13
CA ILE B 140 -24.97 25.22 -5.52
C ILE B 140 -24.46 24.56 -4.24
N ARG B 141 -24.31 23.24 -4.27
CA ARG B 141 -23.74 22.50 -3.14
C ARG B 141 -22.35 22.02 -3.52
N CYS B 142 -21.39 22.22 -2.63
CA CYS B 142 -20.04 21.74 -2.95
C CYS B 142 -19.48 20.94 -1.78
N MET B 143 -18.48 20.11 -2.08
CA MET B 143 -17.66 19.45 -1.07
C MET B 143 -16.22 19.67 -1.50
N THR B 144 -15.45 20.32 -0.64
CA THR B 144 -14.06 20.65 -0.94
C THR B 144 -13.22 20.12 0.22
N ASN B 145 -12.00 20.62 0.39
CA ASN B 145 -11.16 20.18 1.50
C ASN B 145 -10.12 21.26 1.80
N THR B 146 -9.44 21.09 2.92
CA THR B 146 -8.55 22.14 3.40
C THR B 146 -7.37 22.44 2.46
N PRO B 147 -6.87 21.49 1.64
CA PRO B 147 -5.74 21.84 0.76
C PRO B 147 -6.01 22.91 -0.29
N VAL B 148 -7.25 23.43 -0.38
CA VAL B 148 -7.44 24.65 -1.17
C VAL B 148 -6.52 25.76 -0.68
N VAL B 149 -6.09 25.70 0.59
CA VAL B 149 -5.21 26.72 1.16
C VAL B 149 -3.86 26.77 0.46
N VAL B 150 -3.44 25.67 -0.17
CA VAL B 150 -2.23 25.61 -0.99
C VAL B 150 -2.59 25.38 -2.46
N ARG B 151 -3.84 25.73 -2.83
CA ARG B 151 -4.31 25.62 -4.21
CA ARG B 151 -4.33 25.61 -4.19
C ARG B 151 -4.19 24.20 -4.75
N GLU B 152 -4.35 23.19 -3.89
CA GLU B 152 -4.36 21.80 -4.33
C GLU B 152 -5.56 21.06 -3.72
N GLY B 153 -6.69 21.76 -3.63
CA GLY B 153 -7.90 21.15 -3.16
C GLY B 153 -8.48 20.15 -4.13
N ALA B 154 -9.46 19.41 -3.63
CA ALA B 154 -10.28 18.50 -4.43
C ALA B 154 -11.72 18.88 -4.16
N THR B 155 -12.41 19.38 -5.19
CA THR B 155 -13.73 19.96 -5.02
C THR B 155 -14.70 19.33 -6.01
N VAL B 156 -15.90 18.97 -5.54
CA VAL B 156 -16.99 18.60 -6.42
C VAL B 156 -18.16 19.52 -6.10
N TYR B 157 -19.03 19.71 -7.08
CA TYR B 157 -20.21 20.52 -6.83
C TYR B 157 -21.38 19.98 -7.63
N ALA B 158 -22.57 20.28 -7.14
CA ALA B 158 -23.82 19.97 -7.82
C ALA B 158 -24.66 21.24 -7.89
N THR B 159 -25.33 21.43 -9.02
CA THR B 159 -26.15 22.62 -9.22
C THR B 159 -27.59 22.38 -8.80
N GLY B 160 -28.22 23.41 -8.22
CA GLY B 160 -29.58 23.30 -7.74
C GLY B 160 -30.61 23.55 -8.82
N THR B 161 -31.88 23.54 -8.38
CA THR B 161 -33.03 23.60 -9.29
C THR B 161 -33.04 24.87 -10.12
N HIS B 162 -32.70 26.01 -9.52
CA HIS B 162 -32.83 27.31 -10.14
C HIS B 162 -31.49 27.90 -10.52
N ALA B 163 -30.41 27.16 -10.32
CA ALA B 163 -29.09 27.61 -10.76
C ALA B 163 -29.06 27.71 -12.29
N GLN B 164 -28.56 28.82 -12.80
CA GLN B 164 -28.40 28.96 -14.23
C GLN B 164 -27.16 28.21 -14.68
N VAL B 165 -27.11 27.89 -15.98
CA VAL B 165 -25.94 27.20 -16.52
C VAL B 165 -24.68 28.03 -16.26
N GLU B 166 -24.80 29.36 -16.39
CA GLU B 166 -23.65 30.22 -16.13
C GLU B 166 -23.20 30.15 -14.67
N ASP B 167 -24.12 29.85 -13.74
CA ASP B 167 -23.77 29.76 -12.33
C ASP B 167 -22.79 28.61 -12.08
N GLY B 168 -23.07 27.45 -12.66
CA GLY B 168 -22.19 26.31 -12.48
C GLY B 168 -20.83 26.53 -13.14
N ARG B 169 -20.83 27.12 -14.35
CA ARG B 169 -19.56 27.40 -15.01
C ARG B 169 -18.74 28.39 -14.22
N LEU B 170 -19.38 29.43 -13.69
CA LEU B 170 -18.69 30.42 -12.87
C LEU B 170 -18.11 29.80 -11.62
N MET B 171 -18.89 28.96 -10.93
CA MET B 171 -18.34 28.35 -9.72
C MET B 171 -17.23 27.38 -10.04
N GLU B 172 -17.33 26.66 -11.16
CA GLU B 172 -16.23 25.78 -11.52
C GLU B 172 -14.96 26.58 -11.83
N GLN B 173 -15.11 27.74 -12.48
CA GLN B 173 -13.95 28.59 -12.74
C GLN B 173 -13.31 29.04 -11.42
N LEU B 174 -14.13 29.48 -10.48
CA LEU B 174 -13.63 29.95 -9.20
C LEU B 174 -12.97 28.83 -8.42
N LEU B 175 -13.65 27.69 -8.28
CA LEU B 175 -13.10 26.61 -7.46
C LEU B 175 -11.92 25.90 -8.13
N SER B 176 -11.84 25.93 -9.47
CA SER B 176 -10.68 25.36 -10.16
C SER B 176 -9.41 26.17 -9.91
N SER B 177 -9.54 27.42 -9.48
CA SER B 177 -8.34 28.20 -9.20
C SER B 177 -7.62 27.74 -7.94
N VAL B 178 -8.23 26.86 -7.13
CA VAL B 178 -7.62 26.42 -5.88
C VAL B 178 -7.52 24.89 -5.82
N GLY B 179 -7.70 24.22 -6.95
CA GLY B 179 -7.50 22.78 -7.00
C GLY B 179 -8.31 22.15 -8.11
N PHE B 180 -8.42 20.83 -8.03
CA PHE B 180 -9.27 20.08 -8.94
C PHE B 180 -10.73 20.42 -8.64
N CYS B 181 -11.53 20.54 -9.69
CA CYS B 181 -12.95 20.82 -9.48
C CYS B 181 -13.76 20.19 -10.60
N THR B 182 -14.82 19.49 -10.26
CA THR B 182 -15.67 18.91 -11.29
C THR B 182 -17.11 18.85 -10.78
N GLU B 183 -18.04 18.95 -11.72
CA GLU B 183 -19.45 18.79 -11.41
C GLU B 183 -19.80 17.32 -11.22
N VAL B 184 -20.66 17.04 -10.24
CA VAL B 184 -21.15 15.68 -10.00
C VAL B 184 -22.65 15.73 -9.78
N GLU B 185 -23.29 14.57 -9.93
CA GLU B 185 -24.64 14.38 -9.41
C GLU B 185 -24.61 14.49 -7.89
N GLU B 186 -25.66 15.11 -7.32
CA GLU B 186 -25.63 15.35 -5.87
C GLU B 186 -25.56 14.05 -5.08
N ASP B 187 -26.10 12.96 -5.61
CA ASP B 187 -26.08 11.74 -4.80
C ASP B 187 -24.68 11.15 -4.63
N LEU B 188 -23.64 11.72 -5.25
CA LEU B 188 -22.28 11.26 -5.04
C LEU B 188 -21.56 12.01 -3.94
N ILE B 189 -22.12 13.12 -3.44
CA ILE B 189 -21.31 14.02 -2.64
C ILE B 189 -21.02 13.45 -1.26
N ASP B 190 -21.92 12.66 -0.67
CA ASP B 190 -21.61 12.09 0.64
C ASP B 190 -20.44 11.10 0.55
N ALA B 191 -20.36 10.33 -0.55
CA ALA B 191 -19.21 9.45 -0.75
C ALA B 191 -17.93 10.23 -1.02
N VAL B 192 -18.01 11.32 -1.80
CA VAL B 192 -16.85 12.19 -1.97
C VAL B 192 -16.37 12.70 -0.61
N THR B 193 -17.30 13.06 0.27
CA THR B 193 -16.92 13.51 1.60
C THR B 193 -16.05 12.47 2.30
N GLY B 194 -16.42 11.19 2.20
CA GLY B 194 -15.66 10.14 2.86
C GLY B 194 -14.29 9.92 2.26
N LEU B 195 -14.11 10.29 0.99
CA LEU B 195 -12.86 10.06 0.29
C LEU B 195 -11.98 11.31 0.32
N SER B 196 -12.36 12.38 -0.39
CA SER B 196 -11.47 13.55 -0.44
C SER B 196 -11.80 14.61 0.61
N GLY B 197 -12.99 14.62 1.18
CA GLY B 197 -13.25 15.55 2.28
C GLY B 197 -12.48 15.18 3.53
N SER B 198 -12.62 13.92 3.97
CA SER B 198 -11.88 13.40 5.11
C SER B 198 -10.45 12.99 4.74
N GLY B 199 -10.18 12.80 3.45
CA GLY B 199 -8.90 12.31 2.99
C GLY B 199 -7.66 12.95 3.56
N PRO B 200 -7.58 14.28 3.61
CA PRO B 200 -6.37 14.88 4.18
C PRO B 200 -6.09 14.41 5.59
N ALA B 201 -7.11 14.16 6.40
CA ALA B 201 -6.87 13.66 7.75
C ALA B 201 -6.25 12.26 7.74
N TYR B 202 -6.69 11.39 6.80
CA TYR B 202 -6.06 10.09 6.66
C TYR B 202 -4.58 10.26 6.35
N ALA B 203 -4.29 11.20 5.45
CA ALA B 203 -2.91 11.46 5.06
C ALA B 203 -2.09 12.03 6.22
N PHE B 204 -2.66 12.96 6.99
CA PHE B 204 -1.91 13.49 8.12
C PHE B 204 -1.58 12.39 9.13
N THR B 205 -2.54 11.50 9.37
CA THR B 205 -2.32 10.37 10.27
C THR B 205 -1.22 9.48 9.73
N ALA B 206 -1.29 9.17 8.44
CA ALA B 206 -0.30 8.30 7.80
C ALA B 206 1.09 8.92 7.89
N LEU B 207 1.19 10.23 7.67
CA LEU B 207 2.50 10.90 7.70
C LEU B 207 3.08 10.94 9.11
N ASP B 208 2.24 11.14 10.13
CA ASP B 208 2.72 11.04 11.51
C ASP B 208 3.30 9.66 11.79
N ALA B 209 2.59 8.61 11.36
CA ALA B 209 3.06 7.26 11.61
C ALA B 209 4.31 6.94 10.80
N LEU B 210 4.33 7.33 9.53
CA LEU B 210 5.54 7.13 8.73
C LEU B 210 6.75 7.83 9.36
N ALA B 211 6.55 9.04 9.89
CA ALA B 211 7.66 9.71 10.57
C ALA B 211 8.08 8.95 11.83
N ASP B 212 7.10 8.44 12.61
CA ASP B 212 7.43 7.58 13.75
C ASP B 212 8.30 6.39 13.31
N GLY B 213 7.95 5.79 12.16
CA GLY B 213 8.77 4.71 11.61
C GLY B 213 10.18 5.14 11.28
N GLY B 214 10.32 6.29 10.60
CA GLY B 214 11.65 6.81 10.31
C GLY B 214 12.46 7.07 11.58
N VAL B 215 11.82 7.67 12.59
CA VAL B 215 12.49 7.93 13.87
C VAL B 215 12.90 6.63 14.54
N LYS B 216 12.03 5.61 14.52
CA LYS B 216 12.40 4.32 15.11
C LYS B 216 13.67 3.77 14.46
N MET B 217 13.80 3.95 13.15
CA MET B 217 14.96 3.42 12.45
C MET B 217 16.15 4.37 12.42
N GLY B 218 16.08 5.49 13.14
CA GLY B 218 17.24 6.32 13.39
C GLY B 218 17.24 7.70 12.75
N LEU B 219 16.16 8.08 12.05
CA LEU B 219 16.16 9.40 11.42
C LEU B 219 15.75 10.47 12.42
N PRO B 220 16.33 11.66 12.33
CA PRO B 220 15.78 12.81 13.05
C PRO B 220 14.34 13.06 12.63
N ARG B 221 13.53 13.52 13.60
CA ARG B 221 12.11 13.68 13.33
CA ARG B 221 12.10 13.69 13.36
C ARG B 221 11.85 14.65 12.20
N ARG B 222 12.56 15.79 12.17
CA ARG B 222 12.30 16.78 11.13
C ARG B 222 12.56 16.21 9.73
N LEU B 223 13.68 15.51 9.56
CA LEU B 223 13.96 14.88 8.28
C LEU B 223 12.92 13.82 7.93
N ALA B 224 12.51 13.02 8.92
CA ALA B 224 11.53 11.98 8.63
C ALA B 224 10.21 12.56 8.14
N VAL B 225 9.75 13.65 8.77
CA VAL B 225 8.53 14.32 8.34
C VAL B 225 8.67 14.84 6.92
N ARG B 226 9.80 15.50 6.63
CA ARG B 226 10.02 16.06 5.29
CA ARG B 226 10.02 16.06 5.29
C ARG B 226 10.05 14.97 4.23
N LEU B 227 10.79 13.90 4.49
CA LEU B 227 10.91 12.82 3.50
C LEU B 227 9.60 12.09 3.29
N GLY B 228 8.87 11.79 4.37
CA GLY B 228 7.59 11.11 4.23
C GLY B 228 6.59 11.94 3.45
N ALA B 229 6.52 13.24 3.76
CA ALA B 229 5.57 14.10 3.06
C ALA B 229 5.94 14.22 1.60
N GLN B 230 7.23 14.34 1.31
CA GLN B 230 7.68 14.44 -0.08
C GLN B 230 7.41 13.14 -0.82
N ALA B 231 7.58 11.99 -0.15
CA ALA B 231 7.28 10.71 -0.80
C ALA B 231 5.80 10.63 -1.16
N LEU B 232 4.92 11.07 -0.28
CA LEU B 232 3.50 10.99 -0.57
C LEU B 232 3.11 11.96 -1.67
N LEU B 233 3.66 13.18 -1.60
CA LEU B 233 3.39 14.17 -2.64
C LEU B 233 3.84 13.67 -4.01
N GLY B 234 5.08 13.18 -4.11
CA GLY B 234 5.56 12.73 -5.39
C GLY B 234 4.79 11.55 -5.94
N ALA B 235 4.41 10.61 -5.07
CA ALA B 235 3.68 9.44 -5.54
C ALA B 235 2.30 9.85 -6.03
N ALA B 236 1.63 10.74 -5.30
CA ALA B 236 0.33 11.21 -5.76
C ALA B 236 0.44 11.92 -7.10
N LYS B 237 1.47 12.77 -7.27
CA LYS B 237 1.65 13.43 -8.55
C LYS B 237 1.92 12.43 -9.66
N MET B 238 2.76 11.41 -9.40
CA MET B 238 3.01 10.38 -10.39
C MET B 238 1.72 9.74 -10.88
N LEU B 239 0.83 9.37 -9.95
CA LEU B 239 -0.42 8.73 -10.35
C LEU B 239 -1.29 9.67 -11.15
N LEU B 240 -1.38 10.94 -10.73
CA LEU B 240 -2.19 11.91 -11.45
C LEU B 240 -1.70 12.14 -12.87
N HIS B 241 -0.38 12.02 -13.10
CA HIS B 241 0.22 12.28 -14.39
C HIS B 241 0.43 11.02 -15.23
N SER B 242 0.07 9.85 -14.71
CA SER B 242 0.32 8.59 -15.38
C SER B 242 -0.98 7.95 -15.86
N GLU B 243 -0.88 7.19 -16.94
CA GLU B 243 -1.99 6.40 -17.44
C GLU B 243 -2.05 5.00 -16.84
N GLN B 244 -1.10 4.64 -15.98
CA GLN B 244 -0.98 3.29 -15.48
C GLN B 244 -1.73 3.11 -14.16
N HIS B 245 -2.03 1.85 -13.85
CA HIS B 245 -2.72 1.51 -12.62
C HIS B 245 -1.78 1.71 -11.43
N PRO B 246 -2.29 2.13 -10.27
CA PRO B 246 -1.44 2.22 -9.08
C PRO B 246 -0.65 0.95 -8.78
N GLY B 247 -1.17 -0.23 -9.11
CA GLY B 247 -0.40 -1.44 -8.95
C GLY B 247 0.82 -1.53 -9.85
N GLN B 248 0.72 -1.00 -11.07
CA GLN B 248 1.87 -1.02 -11.96
C GLN B 248 2.95 -0.05 -11.50
N LEU B 249 2.53 1.14 -11.04
CA LEU B 249 3.51 2.07 -10.47
C LEU B 249 4.20 1.45 -9.27
N LYS B 250 3.45 0.70 -8.47
CA LYS B 250 4.04 -0.02 -7.34
C LYS B 250 5.01 -1.11 -7.80
N ASP B 251 4.72 -1.74 -8.94
CA ASP B 251 5.63 -2.74 -9.48
C ASP B 251 6.97 -2.16 -9.89
N ASN B 252 6.98 -0.91 -10.39
CA ASN B 252 8.24 -0.28 -10.80
C ASN B 252 9.15 0.06 -9.61
N VAL B 253 8.58 0.21 -8.41
CA VAL B 253 9.41 0.46 -7.23
C VAL B 253 10.03 -0.83 -6.73
N SER B 254 9.26 -1.92 -6.72
CA SER B 254 9.61 -3.13 -6.00
C SER B 254 10.47 -4.05 -6.84
N SER B 255 11.76 -4.16 -6.48
CA SER B 255 12.59 -5.17 -7.10
C SER B 255 12.36 -6.53 -6.44
N PRO B 256 12.55 -7.61 -7.18
CA PRO B 256 12.40 -8.94 -6.59
C PRO B 256 13.28 -9.13 -5.37
N GLY B 257 12.69 -9.69 -4.32
CA GLY B 257 13.36 -9.92 -3.07
C GLY B 257 13.75 -8.67 -2.30
N GLY B 258 13.37 -7.48 -2.78
CA GLY B 258 13.90 -6.24 -2.26
C GLY B 258 13.18 -5.70 -1.02
N ALA B 259 13.63 -4.53 -0.60
CA ALA B 259 13.14 -3.92 0.63
C ALA B 259 11.66 -3.56 0.53
N THR B 260 11.24 -3.00 -0.61
CA THR B 260 9.86 -2.53 -0.70
C THR B 260 8.87 -3.69 -0.64
N ILE B 261 9.16 -4.79 -1.33
CA ILE B 261 8.18 -5.88 -1.35
C ILE B 261 8.09 -6.53 0.02
N HIS B 262 9.18 -6.51 0.78
CA HIS B 262 9.11 -6.95 2.17
C HIS B 262 8.19 -6.05 2.99
N ALA B 263 8.30 -4.74 2.79
CA ALA B 263 7.42 -3.81 3.51
C ALA B 263 5.97 -3.95 3.08
N LEU B 264 5.71 -4.12 1.78
CA LEU B 264 4.33 -4.27 1.34
C LEU B 264 3.70 -5.51 1.95
N HIS B 265 4.48 -6.58 2.11
CA HIS B 265 3.95 -7.78 2.76
C HIS B 265 3.45 -7.46 4.17
N VAL B 266 4.24 -6.73 4.97
CA VAL B 266 3.78 -6.46 6.33
C VAL B 266 2.56 -5.55 6.32
N LEU B 267 2.44 -4.62 5.36
CA LEU B 267 1.19 -3.86 5.24
C LEU B 267 0.03 -4.80 4.95
N GLU B 268 0.22 -5.75 4.02
CA GLU B 268 -0.86 -6.67 3.68
C GLU B 268 -1.27 -7.53 4.87
N SER B 269 -0.29 -7.98 5.66
CA SER B 269 -0.60 -8.87 6.77
C SER B 269 -1.46 -8.18 7.82
N GLY B 270 -1.37 -6.86 7.91
CA GLY B 270 -2.21 -6.10 8.81
C GLY B 270 -3.53 -5.65 8.21
N GLY B 271 -3.83 -6.02 6.96
CA GLY B 271 -5.06 -5.56 6.34
C GLY B 271 -5.10 -4.07 6.04
N PHE B 272 -3.94 -3.49 5.74
CA PHE B 272 -3.82 -2.05 5.46
C PHE B 272 -4.90 -1.56 4.51
N ARG B 273 -5.09 -2.27 3.39
CA ARG B 273 -6.06 -1.86 2.38
C ARG B 273 -7.44 -1.79 2.98
N SER B 274 -7.81 -2.82 3.75
CA SER B 274 -9.16 -2.86 4.32
C SER B 274 -9.40 -1.70 5.27
N LEU B 275 -8.36 -1.22 5.96
CA LEU B 275 -8.57 -0.11 6.89
C LEU B 275 -8.95 1.17 6.15
N LEU B 276 -8.32 1.42 5.01
CA LEU B 276 -8.65 2.62 4.24
C LEU B 276 -10.04 2.52 3.63
N ILE B 277 -10.44 1.31 3.18
CA ILE B 277 -11.83 1.10 2.76
C ILE B 277 -12.78 1.37 3.92
N ASN B 278 -12.46 0.82 5.11
CA ASN B 278 -13.28 1.06 6.30
C ASN B 278 -13.45 2.55 6.56
N ALA B 279 -12.37 3.32 6.40
CA ALA B 279 -12.40 4.76 6.70
C ALA B 279 -13.34 5.50 5.76
N VAL B 280 -13.18 5.32 4.44
CA VAL B 280 -14.07 5.98 3.48
C VAL B 280 -15.51 5.63 3.76
N GLU B 281 -15.78 4.34 4.00
CA GLU B 281 -17.13 3.89 4.33
C GLU B 281 -17.64 4.57 5.61
N ALA B 282 -16.83 4.59 6.67
CA ALA B 282 -17.29 5.13 7.93
C ALA B 282 -17.60 6.62 7.82
N SER B 283 -16.75 7.36 7.10
CA SER B 283 -17.01 8.79 6.94
C SER B 283 -18.25 9.05 6.08
N CYS B 284 -18.41 8.31 4.99
CA CYS B 284 -19.61 8.41 4.16
C CYS B 284 -20.87 8.09 4.97
N ILE B 285 -20.85 6.96 5.70
CA ILE B 285 -22.04 6.55 6.44
C ILE B 285 -22.36 7.57 7.52
N ARG B 286 -21.35 8.09 8.21
CA ARG B 286 -21.64 9.10 9.24
C ARG B 286 -22.25 10.34 8.62
N THR B 287 -21.76 10.74 7.44
CA THR B 287 -22.34 11.89 6.74
C THR B 287 -23.81 11.67 6.43
N ARG B 288 -24.15 10.48 5.91
CA ARG B 288 -25.55 10.15 5.63
C ARG B 288 -26.38 10.12 6.91
N GLU B 289 -25.83 9.56 7.99
CA GLU B 289 -26.61 9.44 9.21
CA GLU B 289 -26.55 9.44 9.26
C GLU B 289 -26.87 10.81 9.84
N LEU B 290 -25.88 11.70 9.80
CA LEU B 290 -26.08 13.05 10.33
C LEU B 290 -27.15 13.80 9.56
N GLN B 291 -27.16 13.65 8.23
CA GLN B 291 -28.19 14.35 7.46
C GLN B 291 -29.55 13.72 7.70
N SER B 292 -29.61 12.40 7.87
CA SER B 292 -30.89 11.78 8.17
C SER B 292 -31.45 12.31 9.49
N MET B 293 -30.56 12.59 10.45
CA MET B 293 -31.00 13.19 11.71
C MET B 293 -31.50 14.60 11.50
N ALA B 294 -30.85 15.37 10.62
CA ALA B 294 -31.28 16.72 10.32
C ALA B 294 -32.65 16.72 9.66
N ASP B 295 -32.88 15.81 8.72
CA ASP B 295 -34.17 15.75 8.06
C ASP B 295 -35.28 15.33 9.02
N GLN B 296 -34.98 14.46 9.98
CA GLN B 296 -35.98 14.09 10.97
C GLN B 296 -36.35 15.27 11.87
N GLU B 297 -35.42 16.20 12.08
CA GLU B 297 -35.69 17.40 12.87
C GLU B 297 -36.47 18.43 12.05
N SER C 22 11.06 -40.02 -33.55
CA SER C 22 12.26 -40.83 -33.41
C SER C 22 12.81 -40.82 -31.99
N MET C 23 12.22 -39.99 -31.13
CA MET C 23 12.76 -39.78 -29.80
C MET C 23 12.19 -40.79 -28.81
N SER C 24 13.06 -41.35 -27.98
CA SER C 24 12.65 -42.25 -26.92
C SER C 24 12.77 -41.52 -25.59
N VAL C 25 11.72 -41.58 -24.79
CA VAL C 25 11.63 -40.88 -23.52
C VAL C 25 11.45 -41.91 -22.42
N GLY C 26 12.13 -41.69 -21.30
CA GLY C 26 11.98 -42.56 -20.15
C GLY C 26 11.68 -41.76 -18.90
N PHE C 27 10.99 -42.40 -17.97
CA PHE C 27 10.72 -41.85 -16.64
C PHE C 27 11.28 -42.82 -15.60
N ILE C 28 12.22 -42.35 -14.79
CA ILE C 28 12.61 -43.06 -13.59
C ILE C 28 11.73 -42.53 -12.47
N GLY C 29 10.87 -43.41 -11.94
CA GLY C 29 9.79 -43.01 -11.07
C GLY C 29 8.49 -43.01 -11.84
N ALA C 30 7.54 -43.85 -11.45
CA ALA C 30 6.28 -43.96 -12.20
C ALA C 30 5.10 -43.52 -11.35
N GLY C 31 5.16 -42.29 -10.83
CA GLY C 31 4.13 -41.79 -9.96
C GLY C 31 3.28 -40.70 -10.59
N GLN C 32 2.90 -39.72 -9.77
CA GLN C 32 1.94 -38.71 -10.21
C GLN C 32 2.47 -37.91 -11.40
N LEU C 33 3.70 -37.42 -11.30
CA LEU C 33 4.19 -36.52 -12.35
C LEU C 33 4.49 -37.28 -13.63
N ALA C 34 5.08 -38.49 -13.53
CA ALA C 34 5.33 -39.27 -14.73
C ALA C 34 4.03 -39.54 -15.48
N PHE C 35 2.97 -39.86 -14.76
CA PHE C 35 1.69 -40.08 -15.44
C PHE C 35 1.20 -38.81 -16.11
N ALA C 36 1.21 -37.70 -15.37
CA ALA C 36 0.73 -36.43 -15.91
C ALA C 36 1.51 -36.02 -17.15
N LEU C 37 2.84 -36.16 -17.13
CA LEU C 37 3.63 -35.79 -18.30
C LEU C 37 3.38 -36.74 -19.46
N ALA C 38 3.35 -38.05 -19.21
CA ALA C 38 3.14 -39.00 -20.30
C ALA C 38 1.76 -38.82 -20.92
N LYS C 39 0.75 -38.58 -20.08
CA LYS C 39 -0.59 -38.31 -20.59
C LYS C 39 -0.60 -37.04 -21.43
N GLY C 40 0.02 -35.97 -20.93
CA GLY C 40 0.08 -34.74 -21.70
C GLY C 40 0.81 -34.91 -23.01
N PHE C 41 1.99 -35.54 -22.97
CA PHE C 41 2.79 -35.70 -24.19
C PHE C 41 2.03 -36.49 -25.24
N THR C 42 1.37 -37.58 -24.84
CA THR C 42 0.68 -38.40 -25.82
C THR C 42 -0.57 -37.70 -26.34
N ALA C 43 -1.30 -37.04 -25.44
CA ALA C 43 -2.46 -36.26 -25.87
C ALA C 43 -2.06 -35.14 -26.83
N ALA C 44 -0.87 -34.56 -26.64
CA ALA C 44 -0.37 -33.55 -27.54
C ALA C 44 0.05 -34.12 -28.89
N GLY C 45 0.23 -35.44 -28.98
CA GLY C 45 0.69 -36.05 -30.20
C GLY C 45 2.18 -35.93 -30.46
N VAL C 46 2.95 -35.44 -29.49
CA VAL C 46 4.38 -35.28 -29.73
C VAL C 46 5.17 -36.56 -29.43
N LEU C 47 4.61 -37.47 -28.65
CA LEU C 47 5.22 -38.76 -28.37
C LEU C 47 4.20 -39.87 -28.57
N ALA C 48 4.67 -41.01 -29.07
CA ALA C 48 3.88 -42.22 -29.08
C ALA C 48 4.05 -42.94 -27.75
N ALA C 49 2.94 -43.45 -27.21
CA ALA C 49 3.00 -44.06 -25.88
C ALA C 49 3.98 -45.23 -25.86
N HIS C 50 4.06 -45.99 -26.96
CA HIS C 50 4.97 -47.13 -26.97
C HIS C 50 6.44 -46.71 -27.04
N LYS C 51 6.74 -45.44 -27.24
CA LYS C 51 8.11 -44.95 -27.20
C LYS C 51 8.48 -44.42 -25.82
N ILE C 52 7.59 -44.55 -24.84
CA ILE C 52 7.81 -44.11 -23.47
C ILE C 52 7.97 -45.34 -22.60
N MET C 53 8.97 -45.30 -21.71
CA MET C 53 9.18 -46.35 -20.72
C MET C 53 9.23 -45.69 -19.34
N ALA C 54 8.62 -46.34 -18.36
CA ALA C 54 8.63 -45.83 -16.99
C ALA C 54 8.99 -46.98 -16.05
N SER C 55 9.75 -46.67 -15.01
CA SER C 55 10.17 -47.70 -14.07
C SER C 55 9.82 -47.29 -12.64
N SER C 56 9.50 -48.30 -11.84
CA SER C 56 9.14 -48.14 -10.45
C SER C 56 9.44 -49.44 -9.73
N PRO C 57 9.82 -49.41 -8.46
CA PRO C 57 10.06 -50.66 -7.73
C PRO C 57 8.78 -51.32 -7.26
N ASP C 58 7.64 -50.75 -7.67
CA ASP C 58 6.33 -51.30 -7.31
C ASP C 58 5.47 -51.26 -8.57
N MET C 59 5.39 -52.39 -9.27
CA MET C 59 4.61 -52.51 -10.49
C MET C 59 3.11 -52.64 -10.23
N ASP C 60 2.66 -52.29 -9.03
CA ASP C 60 1.26 -52.44 -8.66
C ASP C 60 0.64 -51.13 -8.18
N LEU C 61 1.34 -50.02 -8.32
CA LEU C 61 0.77 -48.73 -7.98
C LEU C 61 -0.34 -48.36 -8.96
N ALA C 62 -1.25 -47.49 -8.49
CA ALA C 62 -2.33 -47.04 -9.36
C ALA C 62 -1.80 -46.20 -10.52
N THR C 63 -0.80 -45.36 -10.25
CA THR C 63 -0.15 -44.62 -11.33
C THR C 63 0.48 -45.56 -12.35
N VAL C 64 1.02 -46.69 -11.90
CA VAL C 64 1.61 -47.66 -12.82
C VAL C 64 0.53 -48.30 -13.67
N SER C 65 -0.62 -48.63 -13.06
CA SER C 65 -1.72 -49.22 -13.84
C SER C 65 -2.21 -48.24 -14.89
N ALA C 66 -2.34 -46.96 -14.52
CA ALA C 66 -2.81 -45.94 -15.47
C ALA C 66 -1.82 -45.76 -16.61
N LEU C 67 -0.51 -45.75 -16.30
CA LEU C 67 0.48 -45.71 -17.37
C LEU C 67 0.36 -46.93 -18.29
N ARG C 68 0.12 -48.11 -17.71
CA ARG C 68 0.00 -49.32 -18.53
C ARG C 68 -1.22 -49.26 -19.43
N LYS C 69 -2.35 -48.77 -18.90
CA LYS C 69 -3.55 -48.65 -19.72
C LYS C 69 -3.33 -47.68 -20.88
N MET C 70 -2.45 -46.70 -20.70
CA MET C 70 -2.14 -45.70 -21.72
C MET C 70 -1.26 -46.25 -22.84
N GLY C 71 -0.64 -47.41 -22.65
CA GLY C 71 0.26 -47.97 -23.63
C GLY C 71 1.73 -47.73 -23.38
N VAL C 72 2.10 -47.17 -22.23
CA VAL C 72 3.50 -46.93 -21.89
C VAL C 72 4.15 -48.24 -21.48
N LYS C 73 5.42 -48.42 -21.86
CA LYS C 73 6.18 -49.58 -21.43
C LYS C 73 6.59 -49.43 -19.97
N LEU C 74 6.47 -50.51 -19.20
CA LEU C 74 6.78 -50.46 -17.77
C LEU C 74 7.75 -51.57 -17.39
N THR C 75 8.66 -51.26 -16.47
CA THR C 75 9.65 -52.21 -16.00
C THR C 75 10.03 -51.85 -14.58
N PRO C 76 10.41 -52.83 -13.75
CA PRO C 76 10.93 -52.52 -12.42
C PRO C 76 12.38 -52.06 -12.40
N HIS C 77 13.11 -52.21 -13.50
CA HIS C 77 14.56 -51.99 -13.53
C HIS C 77 14.86 -50.62 -14.12
N ASN C 78 15.39 -49.73 -13.28
CA ASN C 78 15.76 -48.40 -13.76
C ASN C 78 16.81 -48.45 -14.87
N LYS C 79 17.66 -49.49 -14.85
CA LYS C 79 18.66 -49.63 -15.91
C LYS C 79 18.02 -49.84 -17.27
N GLU C 80 16.88 -50.54 -17.31
CA GLU C 80 16.21 -50.74 -18.58
C GLU C 80 15.66 -49.42 -19.14
N THR C 81 15.13 -48.57 -18.25
CA THR C 81 14.66 -47.25 -18.67
C THR C 81 15.77 -46.44 -19.29
N VAL C 82 16.94 -46.43 -18.65
CA VAL C 82 18.09 -45.71 -19.19
C VAL C 82 18.48 -46.24 -20.56
N GLN C 83 18.61 -47.57 -20.69
CA GLN C 83 19.01 -48.13 -21.96
C GLN C 83 17.99 -47.85 -23.06
N HIS C 84 16.71 -47.71 -22.68
CA HIS C 84 15.65 -47.41 -23.64
C HIS C 84 15.70 -45.96 -24.12
N SER C 85 16.09 -45.03 -23.24
CA SER C 85 15.72 -43.63 -23.40
C SER C 85 16.84 -42.80 -24.01
N ASP C 86 16.42 -41.77 -24.74
CA ASP C 86 17.29 -40.66 -25.12
C ASP C 86 17.14 -39.52 -24.12
N VAL C 87 15.91 -39.06 -23.92
CA VAL C 87 15.57 -38.08 -22.89
C VAL C 87 15.09 -38.85 -21.67
N LEU C 88 15.71 -38.59 -20.54
CA LEU C 88 15.48 -39.36 -19.33
C LEU C 88 14.99 -38.42 -18.23
N PHE C 89 13.72 -38.55 -17.87
CA PHE C 89 13.14 -37.75 -16.79
C PHE C 89 13.37 -38.45 -15.46
N LEU C 90 13.91 -37.70 -14.49
CA LEU C 90 13.97 -38.17 -13.11
C LEU C 90 12.72 -37.67 -12.41
N ALA C 91 11.80 -38.58 -12.12
CA ALA C 91 10.52 -38.26 -11.51
C ALA C 91 10.33 -39.03 -10.22
N VAL C 92 11.40 -39.13 -9.43
CA VAL C 92 11.34 -39.67 -8.09
C VAL C 92 11.36 -38.51 -7.11
N LYS C 93 11.00 -38.79 -5.86
CA LYS C 93 11.04 -37.76 -4.83
C LYS C 93 12.46 -37.24 -4.65
N PRO C 94 12.63 -35.99 -4.20
CA PRO C 94 13.97 -35.39 -4.16
C PRO C 94 14.99 -36.18 -3.36
N HIS C 95 14.60 -36.74 -2.21
CA HIS C 95 15.58 -37.48 -1.43
C HIS C 95 15.99 -38.79 -2.10
N ILE C 96 15.24 -39.24 -3.12
CA ILE C 96 15.61 -40.46 -3.83
C ILE C 96 16.55 -40.18 -5.00
N ILE C 97 16.67 -38.92 -5.44
CA ILE C 97 17.55 -38.59 -6.56
C ILE C 97 18.98 -39.10 -6.37
N PRO C 98 19.65 -38.84 -5.23
CA PRO C 98 21.03 -39.34 -5.11
C PRO C 98 21.15 -40.85 -5.25
N PHE C 99 20.20 -41.59 -4.69
CA PHE C 99 20.22 -43.05 -4.82
C PHE C 99 20.08 -43.47 -6.28
N ILE C 100 19.23 -42.78 -7.03
CA ILE C 100 19.05 -43.10 -8.44
C ILE C 100 20.32 -42.82 -9.22
N LEU C 101 20.95 -41.67 -8.96
CA LEU C 101 22.14 -41.29 -9.72
C LEU C 101 23.26 -42.30 -9.50
N ASP C 102 23.43 -42.79 -8.27
CA ASP C 102 24.44 -43.82 -8.02
C ASP C 102 24.10 -45.12 -8.74
N GLU C 103 22.81 -45.44 -8.85
CA GLU C 103 22.40 -46.72 -9.43
C GLU C 103 22.64 -46.75 -10.94
N ILE C 104 22.33 -45.67 -11.64
CA ILE C 104 22.37 -45.69 -13.10
C ILE C 104 23.49 -44.81 -13.66
N GLY C 105 24.33 -44.23 -12.80
CA GLY C 105 25.36 -43.31 -13.28
C GLY C 105 26.30 -43.94 -14.30
N ALA C 106 26.68 -45.20 -14.08
CA ALA C 106 27.57 -45.89 -15.01
C ALA C 106 26.88 -46.28 -16.32
N ASP C 107 25.57 -46.06 -16.43
CA ASP C 107 24.83 -46.36 -17.64
C ASP C 107 24.52 -45.14 -18.49
N ILE C 108 24.83 -43.94 -18.00
CA ILE C 108 24.57 -42.74 -18.78
C ILE C 108 25.55 -42.68 -19.95
N GLU C 109 25.02 -42.45 -21.15
CA GLU C 109 25.81 -42.41 -22.37
C GLU C 109 25.85 -40.99 -22.92
N ASP C 110 26.70 -40.80 -23.93
CA ASP C 110 26.81 -39.51 -24.62
C ASP C 110 25.45 -38.99 -25.06
N ARG C 111 24.57 -39.89 -25.52
CA ARG C 111 23.31 -39.51 -26.11
C ARG C 111 22.27 -39.00 -25.11
N HIS C 112 22.49 -39.22 -23.82
CA HIS C 112 21.44 -38.96 -22.84
C HIS C 112 21.33 -37.48 -22.49
N ILE C 113 20.10 -37.00 -22.40
CA ILE C 113 19.78 -35.75 -21.74
C ILE C 113 19.02 -36.11 -20.47
N VAL C 114 19.62 -35.80 -19.32
CA VAL C 114 19.01 -36.13 -18.03
C VAL C 114 18.24 -34.92 -17.54
N VAL C 115 16.93 -35.07 -17.38
CA VAL C 115 16.03 -33.99 -17.01
C VAL C 115 15.52 -34.27 -15.59
N SER C 116 16.02 -33.52 -14.60
CA SER C 116 15.54 -33.70 -13.25
C SER C 116 14.29 -32.85 -13.04
N CYS C 117 13.21 -33.48 -12.57
CA CYS C 117 11.99 -32.77 -12.21
C CYS C 117 11.90 -32.49 -10.72
N ALA C 118 12.89 -32.93 -9.94
CA ALA C 118 12.79 -32.94 -8.49
C ALA C 118 12.85 -31.53 -7.90
N ALA C 119 11.89 -31.22 -7.04
CA ALA C 119 11.94 -29.96 -6.31
C ALA C 119 13.25 -29.82 -5.54
N GLY C 120 13.83 -28.62 -5.59
CA GLY C 120 14.99 -28.29 -4.79
C GLY C 120 16.35 -28.75 -5.31
N VAL C 121 16.40 -29.92 -5.95
CA VAL C 121 17.68 -30.57 -6.24
C VAL C 121 18.47 -29.79 -7.29
N THR C 122 19.72 -29.46 -6.97
CA THR C 122 20.47 -28.55 -7.81
C THR C 122 21.14 -29.29 -8.96
N ILE C 123 21.30 -28.57 -10.08
CA ILE C 123 22.10 -29.06 -11.20
C ILE C 123 23.48 -29.48 -10.71
N SER C 124 24.10 -28.65 -9.86
CA SER C 124 25.42 -28.96 -9.31
C SER C 124 25.46 -30.35 -8.68
N SER C 125 24.47 -30.66 -7.84
CA SER C 125 24.47 -31.93 -7.12
C SER C 125 24.31 -33.09 -8.08
N ILE C 126 23.49 -32.92 -9.12
CA ILE C 126 23.30 -33.97 -10.12
C ILE C 126 24.58 -34.17 -10.92
N GLU C 127 25.18 -33.09 -11.40
CA GLU C 127 26.38 -33.20 -12.20
C GLU C 127 27.53 -33.80 -11.42
N LYS C 128 27.63 -33.49 -10.12
CA LYS C 128 28.70 -34.05 -9.30
C LYS C 128 28.60 -35.58 -9.22
N LYS C 129 27.38 -36.10 -8.98
CA LYS C 129 27.18 -37.55 -8.92
C LYS C 129 27.51 -38.21 -10.24
N LEU C 130 26.93 -37.70 -11.33
CA LEU C 130 27.10 -38.35 -12.63
C LEU C 130 28.52 -38.22 -13.17
N SER C 131 29.19 -37.11 -12.86
CA SER C 131 30.55 -36.90 -13.37
C SER C 131 31.55 -37.90 -12.81
N ALA C 132 31.23 -38.55 -11.68
CA ALA C 132 32.14 -39.57 -11.17
C ALA C 132 32.22 -40.78 -12.09
N PHE C 133 31.22 -40.98 -12.95
CA PHE C 133 31.17 -42.10 -13.88
C PHE C 133 31.62 -41.73 -15.27
N ARG C 134 31.17 -40.59 -15.80
CA ARG C 134 31.50 -40.20 -17.14
C ARG C 134 31.49 -38.68 -17.14
N PRO C 135 32.52 -38.04 -17.68
CA PRO C 135 32.54 -36.57 -17.70
C PRO C 135 31.46 -36.03 -18.65
N ALA C 136 31.11 -34.77 -18.41
CA ALA C 136 30.17 -33.98 -19.19
C ALA C 136 28.77 -34.59 -19.31
N PRO C 137 28.11 -34.95 -18.22
CA PRO C 137 26.70 -35.33 -18.34
C PRO C 137 25.86 -34.13 -18.76
N ARG C 138 24.90 -34.37 -19.66
CA ARG C 138 23.98 -33.34 -20.13
C ARG C 138 22.77 -33.32 -19.20
N VAL C 139 22.65 -32.27 -18.40
CA VAL C 139 21.65 -32.18 -17.35
C VAL C 139 20.80 -30.93 -17.56
N ILE C 140 19.50 -31.10 -17.43
CA ILE C 140 18.53 -30.01 -17.41
C ILE C 140 17.70 -30.17 -16.15
N ARG C 141 17.45 -29.06 -15.46
CA ARG C 141 16.57 -29.06 -14.31
C ARG C 141 15.28 -28.32 -14.67
N CYS C 142 14.15 -28.93 -14.36
CA CYS C 142 12.87 -28.27 -14.60
C CYS C 142 12.01 -28.26 -13.34
N MET C 143 11.06 -27.34 -13.33
CA MET C 143 9.97 -27.34 -12.35
C MET C 143 8.69 -27.18 -13.16
N THR C 144 7.78 -28.14 -13.02
CA THR C 144 6.54 -28.15 -13.79
C THR C 144 5.40 -28.29 -12.77
N ASN C 145 4.23 -28.72 -13.23
CA ASN C 145 3.13 -28.94 -12.28
C ASN C 145 2.15 -29.92 -12.89
N THR C 146 1.18 -30.35 -12.07
CA THR C 146 0.31 -31.43 -12.52
C THR C 146 -0.61 -31.07 -13.70
N PRO C 147 -1.00 -29.79 -13.94
CA PRO C 147 -1.88 -29.51 -15.08
C PRO C 147 -1.28 -29.79 -16.46
N VAL C 148 -0.02 -30.25 -16.55
CA VAL C 148 0.44 -30.80 -17.83
C VAL C 148 -0.47 -31.93 -18.29
N VAL C 149 -1.18 -32.57 -17.36
CA VAL C 149 -2.07 -33.67 -17.72
C VAL C 149 -3.21 -33.21 -18.61
N VAL C 150 -3.56 -31.92 -18.55
CA VAL C 150 -4.54 -31.34 -19.46
C VAL C 150 -3.87 -30.32 -20.38
N ARG C 151 -2.55 -30.45 -20.56
CA ARG C 151 -1.76 -29.62 -21.47
C ARG C 151 -1.85 -28.13 -21.12
N GLU C 152 -1.99 -27.80 -19.84
CA GLU C 152 -1.98 -26.41 -19.37
C GLU C 152 -1.02 -26.26 -18.20
N GLY C 153 0.08 -26.99 -18.25
CA GLY C 153 1.10 -26.88 -17.22
C GLY C 153 1.83 -25.56 -17.28
N ALA C 154 2.62 -25.33 -16.23
CA ALA C 154 3.52 -24.17 -16.14
C ALA C 154 4.90 -24.73 -15.83
N THR C 155 5.83 -24.58 -16.77
CA THR C 155 7.14 -25.23 -16.66
C THR C 155 8.24 -24.19 -16.87
N VAL C 156 9.24 -24.23 -15.99
CA VAL C 156 10.49 -23.53 -16.24
C VAL C 156 11.60 -24.57 -16.25
N TYR C 157 12.71 -24.22 -16.89
CA TYR C 157 13.86 -25.12 -16.91
C TYR C 157 15.15 -24.30 -16.90
N ALA C 158 16.21 -24.90 -16.37
CA ALA C 158 17.54 -24.34 -16.46
C ALA C 158 18.48 -25.39 -17.04
N THR C 159 19.40 -24.94 -17.89
CA THR C 159 20.35 -25.83 -18.55
C THR C 159 21.62 -26.00 -17.73
N GLY C 160 22.16 -27.23 -17.75
CA GLY C 160 23.35 -27.53 -17.00
C GLY C 160 24.62 -27.12 -17.71
N THR C 161 25.74 -27.41 -17.04
CA THR C 161 27.07 -27.01 -17.52
C THR C 161 27.37 -27.57 -18.90
N HIS C 162 27.01 -28.83 -19.14
CA HIS C 162 27.38 -29.51 -20.38
C HIS C 162 26.21 -29.71 -21.31
N ALA C 163 25.05 -29.15 -20.98
CA ALA C 163 23.91 -29.20 -21.86
C ALA C 163 24.20 -28.41 -23.13
N GLN C 164 23.91 -29.01 -24.27
CA GLN C 164 24.13 -28.32 -25.54
C GLN C 164 22.98 -27.35 -25.79
N VAL C 165 23.23 -26.38 -26.68
CA VAL C 165 22.22 -25.36 -26.93
C VAL C 165 20.95 -25.99 -27.50
N GLU C 166 21.12 -26.99 -28.37
CA GLU C 166 19.95 -27.69 -28.88
C GLU C 166 19.26 -28.54 -27.82
N ASP C 167 19.96 -28.90 -26.73
CA ASP C 167 19.29 -29.62 -25.66
C ASP C 167 18.22 -28.76 -25.02
N GLY C 168 18.52 -27.48 -24.81
CA GLY C 168 17.54 -26.57 -24.26
C GLY C 168 16.38 -26.34 -25.21
N ARG C 169 16.69 -26.15 -26.49
CA ARG C 169 15.64 -25.94 -27.48
C ARG C 169 14.74 -27.16 -27.58
N LEU C 170 15.32 -28.36 -27.53
CA LEU C 170 14.53 -29.59 -27.59
C LEU C 170 13.61 -29.68 -26.38
N MET C 171 14.14 -29.41 -25.19
CA MET C 171 13.35 -29.50 -23.98
CA MET C 171 13.30 -29.55 -24.02
C MET C 171 12.20 -28.50 -23.98
N GLU C 172 12.48 -27.27 -24.44
CA GLU C 172 11.41 -26.29 -24.48
C GLU C 172 10.32 -26.68 -25.47
N GLN C 173 10.70 -27.23 -26.64
CA GLN C 173 9.71 -27.69 -27.60
C GLN C 173 8.83 -28.78 -26.99
N LEU C 174 9.46 -29.75 -26.34
CA LEU C 174 8.72 -30.83 -25.70
C LEU C 174 7.78 -30.31 -24.61
N LEU C 175 8.30 -29.50 -23.69
CA LEU C 175 7.46 -29.09 -22.57
C LEU C 175 6.46 -28.01 -22.96
N SER C 176 6.69 -27.27 -24.05
CA SER C 176 5.68 -26.33 -24.54
C SER C 176 4.47 -27.05 -25.11
N SER C 177 4.60 -28.33 -25.45
CA SER C 177 3.44 -29.06 -25.96
C SER C 177 2.42 -29.35 -24.87
N VAL C 178 2.82 -29.24 -23.59
CA VAL C 178 1.91 -29.52 -22.49
C VAL C 178 1.67 -28.30 -21.60
N GLY C 179 1.99 -27.09 -22.07
CA GLY C 179 1.72 -25.91 -21.29
C GLY C 179 2.73 -24.81 -21.59
N PHE C 180 2.69 -23.79 -20.74
CA PHE C 180 3.68 -22.72 -20.80
C PHE C 180 5.06 -23.28 -20.45
N CYS C 181 6.08 -22.83 -21.18
CA CYS C 181 7.43 -23.26 -20.85
C CYS C 181 8.41 -22.14 -21.15
N THR C 182 9.35 -21.88 -20.22
CA THR C 182 10.38 -20.90 -20.50
C THR C 182 11.65 -21.24 -19.74
N GLU C 183 12.77 -20.82 -20.30
CA GLU C 183 14.06 -20.98 -19.64
C GLU C 183 14.22 -19.92 -18.55
N VAL C 184 14.82 -20.32 -17.43
CA VAL C 184 15.15 -19.39 -16.35
C VAL C 184 16.55 -19.69 -15.87
N GLU C 185 17.14 -18.70 -15.17
CA GLU C 185 18.31 -18.98 -14.36
C GLU C 185 17.91 -19.92 -13.23
N GLU C 186 18.82 -20.83 -12.87
CA GLU C 186 18.48 -21.85 -11.90
C GLU C 186 18.08 -21.25 -10.56
N ASP C 187 18.66 -20.11 -10.20
CA ASP C 187 18.37 -19.58 -8.87
C ASP C 187 16.95 -19.05 -8.73
N LEU C 188 16.14 -19.08 -9.79
CA LEU C 188 14.72 -18.75 -9.65
C LEU C 188 13.84 -19.96 -9.36
N ILE C 189 14.36 -21.18 -9.50
CA ILE C 189 13.47 -22.34 -9.58
C ILE C 189 12.79 -22.64 -8.25
N ASP C 190 13.46 -22.40 -7.11
CA ASP C 190 12.78 -22.68 -5.83
C ASP C 190 11.61 -21.72 -5.61
N ALA C 191 11.74 -20.46 -6.04
CA ALA C 191 10.62 -19.53 -5.97
C ALA C 191 9.51 -19.91 -6.94
N VAL C 192 9.87 -20.38 -8.15
CA VAL C 192 8.84 -20.88 -9.07
C VAL C 192 8.08 -22.04 -8.42
N THR C 193 8.81 -22.89 -7.69
CA THR C 193 8.15 -24.00 -7.00
C THR C 193 7.07 -23.50 -6.06
N GLY C 194 7.36 -22.45 -5.29
CA GLY C 194 6.38 -21.91 -4.38
C GLY C 194 5.20 -21.26 -5.05
N LEU C 195 5.35 -20.85 -6.31
CA LEU C 195 4.28 -20.16 -7.02
C LEU C 195 3.50 -21.12 -7.91
N SER C 196 4.10 -21.64 -8.99
CA SER C 196 3.35 -22.49 -9.91
C SER C 196 3.49 -23.98 -9.61
N GLY C 197 4.52 -24.42 -8.89
CA GLY C 197 4.60 -25.81 -8.48
C GLY C 197 3.50 -26.17 -7.49
N SER C 198 3.46 -25.42 -6.38
CA SER C 198 2.41 -25.56 -5.38
C SER C 198 1.10 -24.89 -5.79
N GLY C 199 1.13 -23.98 -6.76
CA GLY C 199 -0.03 -23.22 -7.18
C GLY C 199 -1.32 -23.98 -7.38
N PRO C 200 -1.28 -25.11 -8.09
CA PRO C 200 -2.55 -25.86 -8.29
C PRO C 200 -3.22 -26.22 -6.98
N ALA C 201 -2.44 -26.57 -5.95
CA ALA C 201 -3.03 -26.90 -4.66
C ALA C 201 -3.72 -25.70 -4.03
N TYR C 202 -3.13 -24.49 -4.15
CA TYR C 202 -3.82 -23.29 -3.67
C TYR C 202 -5.17 -23.15 -4.37
N ALA C 203 -5.17 -23.38 -5.69
CA ALA C 203 -6.38 -23.24 -6.48
C ALA C 203 -7.42 -24.28 -6.10
N PHE C 204 -7.00 -25.52 -5.86
CA PHE C 204 -7.95 -26.57 -5.47
C PHE C 204 -8.60 -26.23 -4.13
N THR C 205 -7.79 -25.75 -3.18
CA THR C 205 -8.31 -25.29 -1.89
C THR C 205 -9.30 -24.15 -2.08
N ALA C 206 -8.94 -23.17 -2.91
CA ALA C 206 -9.83 -22.03 -3.15
C ALA C 206 -11.14 -22.47 -3.80
N LEU C 207 -11.06 -23.41 -4.76
CA LEU C 207 -12.27 -23.86 -5.43
C LEU C 207 -13.19 -24.65 -4.49
N ASP C 208 -12.62 -25.46 -3.59
CA ASP C 208 -13.42 -26.15 -2.58
C ASP C 208 -14.15 -25.14 -1.69
N ALA C 209 -13.42 -24.11 -1.23
CA ALA C 209 -14.04 -23.09 -0.38
C ALA C 209 -15.10 -22.29 -1.14
N LEU C 210 -14.80 -21.88 -2.38
CA LEU C 210 -15.80 -21.16 -3.17
C LEU C 210 -17.06 -22.00 -3.38
N ALA C 211 -16.89 -23.30 -3.61
CA ALA C 211 -18.06 -24.17 -3.73
C ALA C 211 -18.84 -24.24 -2.42
N ASP C 212 -18.13 -24.35 -1.28
CA ASP C 212 -18.79 -24.27 0.03
C ASP C 212 -19.61 -22.99 0.16
N GLY C 213 -19.06 -21.86 -0.29
CA GLY C 213 -19.81 -20.61 -0.25
C GLY C 213 -21.05 -20.65 -1.13
N GLY C 214 -20.91 -21.16 -2.36
CA GLY C 214 -22.07 -21.35 -3.21
C GLY C 214 -23.13 -22.22 -2.57
N VAL C 215 -22.70 -23.33 -1.97
CA VAL C 215 -23.66 -24.22 -1.29
C VAL C 215 -24.33 -23.51 -0.12
N LYS C 216 -23.56 -22.75 0.66
CA LYS C 216 -24.16 -22.00 1.78
C LYS C 216 -25.27 -21.08 1.28
N MET C 217 -25.08 -20.47 0.13
CA MET C 217 -26.07 -19.53 -0.42
C MET C 217 -27.14 -20.20 -1.27
N GLY C 218 -27.17 -21.53 -1.31
CA GLY C 218 -28.31 -22.24 -1.90
C GLY C 218 -28.02 -23.01 -3.18
N LEU C 219 -26.76 -23.03 -3.68
CA LEU C 219 -26.52 -23.77 -4.92
C LEU C 219 -26.26 -25.24 -4.63
N PRO C 220 -26.71 -26.12 -5.52
CA PRO C 220 -26.26 -27.51 -5.48
C PRO C 220 -24.74 -27.59 -5.63
N ARG C 221 -24.15 -28.55 -4.90
CA ARG C 221 -22.70 -28.68 -4.87
CA ARG C 221 -22.70 -28.66 -4.87
C ARG C 221 -22.11 -28.82 -6.27
N ARG C 222 -22.73 -29.66 -7.11
CA ARG C 222 -22.15 -29.90 -8.43
C ARG C 222 -22.11 -28.63 -9.26
N LEU C 223 -23.19 -27.84 -9.23
CA LEU C 223 -23.21 -26.58 -9.96
C LEU C 223 -22.20 -25.59 -9.38
N ALA C 224 -22.10 -25.54 -8.05
CA ALA C 224 -21.17 -24.61 -7.43
C ALA C 224 -19.73 -24.92 -7.84
N VAL C 225 -19.37 -26.21 -7.90
CA VAL C 225 -18.02 -26.59 -8.31
C VAL C 225 -17.77 -26.19 -9.76
N ARG C 226 -18.74 -26.48 -10.64
CA ARG C 226 -18.63 -26.16 -12.06
C ARG C 226 -18.49 -24.66 -12.27
N LEU C 227 -19.34 -23.87 -11.61
CA LEU C 227 -19.30 -22.41 -11.79
C LEU C 227 -18.03 -21.80 -11.23
N GLY C 228 -17.59 -22.26 -10.05
CA GLY C 228 -16.38 -21.71 -9.47
C GLY C 228 -15.15 -22.02 -10.31
N ALA C 229 -15.04 -23.26 -10.78
CA ALA C 229 -13.89 -23.61 -11.61
C ALA C 229 -13.92 -22.85 -12.93
N GLN C 230 -15.11 -22.72 -13.54
CA GLN C 230 -15.22 -21.94 -14.77
C GLN C 230 -14.86 -20.49 -14.54
N ALA C 231 -15.27 -19.90 -13.41
CA ALA C 231 -14.92 -18.52 -13.12
C ALA C 231 -13.42 -18.33 -13.04
N LEU C 232 -12.73 -19.25 -12.37
CA LEU C 232 -11.28 -19.14 -12.21
C LEU C 232 -10.57 -19.34 -13.54
N LEU C 233 -11.03 -20.33 -14.31
CA LEU C 233 -10.44 -20.57 -15.63
C LEU C 233 -10.60 -19.34 -16.51
N GLY C 234 -11.82 -18.79 -16.57
CA GLY C 234 -12.04 -17.64 -17.44
C GLY C 234 -11.24 -16.44 -17.01
N ALA C 235 -11.12 -16.21 -15.70
CA ALA C 235 -10.39 -15.05 -15.22
C ALA C 235 -8.90 -15.18 -15.52
N ALA C 236 -8.36 -16.37 -15.31
CA ALA C 236 -6.95 -16.58 -15.65
C ALA C 236 -6.72 -16.37 -17.13
N LYS C 237 -7.62 -16.89 -17.97
CA LYS C 237 -7.41 -16.70 -19.40
C LYS C 237 -7.52 -15.23 -19.78
N MET C 238 -8.47 -14.50 -19.17
CA MET C 238 -8.57 -13.06 -19.42
C MET C 238 -7.25 -12.36 -19.14
N LEU C 239 -6.65 -12.65 -18.00
CA LEU C 239 -5.40 -11.99 -17.63
C LEU C 239 -4.29 -12.36 -18.60
N LEU C 240 -4.20 -13.64 -18.97
CA LEU C 240 -3.14 -14.05 -19.90
C LEU C 240 -3.28 -13.37 -21.25
N HIS C 241 -4.50 -13.10 -21.69
CA HIS C 241 -4.76 -12.48 -22.98
C HIS C 241 -4.81 -10.97 -22.93
N SER C 242 -4.69 -10.35 -21.76
CA SER C 242 -4.79 -8.90 -21.63
C SER C 242 -3.41 -8.28 -21.40
N GLU C 243 -3.24 -7.04 -21.87
CA GLU C 243 -2.07 -6.26 -21.53
C GLU C 243 -2.26 -5.43 -20.26
N GLN C 244 -3.42 -5.52 -19.61
CA GLN C 244 -3.71 -4.70 -18.45
C GLN C 244 -3.26 -5.37 -17.15
N HIS C 245 -3.02 -4.54 -16.16
CA HIS C 245 -2.63 -5.00 -14.84
C HIS C 245 -3.77 -5.77 -14.18
N PRO C 246 -3.50 -6.83 -13.42
CA PRO C 246 -4.61 -7.51 -12.72
C PRO C 246 -5.42 -6.56 -11.84
N GLY C 247 -4.78 -5.53 -11.28
CA GLY C 247 -5.55 -4.54 -10.55
C GLY C 247 -6.51 -3.76 -11.43
N GLN C 248 -6.13 -3.51 -12.69
CA GLN C 248 -7.03 -2.84 -13.61
C GLN C 248 -8.19 -3.73 -13.99
N LEU C 249 -7.91 -5.03 -14.20
CA LEU C 249 -9.00 -5.97 -14.45
C LEU C 249 -9.92 -6.08 -13.25
N LYS C 250 -9.36 -6.06 -12.03
CA LYS C 250 -10.19 -5.95 -10.83
C LYS C 250 -11.04 -4.69 -10.89
N ASP C 251 -10.44 -3.55 -11.23
CA ASP C 251 -11.22 -2.33 -11.34
C ASP C 251 -12.32 -2.47 -12.39
N ASN C 252 -12.02 -3.10 -13.53
CA ASN C 252 -13.01 -3.16 -14.60
C ASN C 252 -14.25 -3.95 -14.22
N VAL C 253 -14.14 -4.89 -13.26
CA VAL C 253 -15.25 -5.78 -12.99
C VAL C 253 -16.06 -5.39 -11.75
N SER C 254 -15.66 -4.35 -11.02
CA SER C 254 -16.38 -3.98 -9.78
C SER C 254 -17.17 -2.68 -9.96
N SER C 255 -18.49 -2.81 -10.11
CA SER C 255 -19.37 -1.67 -10.28
CA SER C 255 -19.37 -1.67 -10.28
C SER C 255 -19.53 -0.89 -8.97
N PRO C 256 -19.69 0.43 -9.04
CA PRO C 256 -19.83 1.22 -7.80
C PRO C 256 -21.02 0.74 -6.98
N GLY C 257 -20.78 0.57 -5.68
CA GLY C 257 -21.80 0.13 -4.74
C GLY C 257 -22.25 -1.30 -4.90
N GLY C 258 -21.65 -2.07 -5.80
CA GLY C 258 -22.20 -3.33 -6.23
C GLY C 258 -21.77 -4.52 -5.38
N ALA C 259 -22.21 -5.70 -5.84
CA ALA C 259 -21.98 -6.92 -5.09
C ALA C 259 -20.51 -7.27 -5.02
N THR C 260 -19.79 -7.13 -6.14
CA THR C 260 -18.39 -7.54 -6.18
C THR C 260 -17.54 -6.70 -5.23
N ILE C 261 -17.71 -5.38 -5.23
CA ILE C 261 -16.85 -4.56 -4.38
C ILE C 261 -17.14 -4.83 -2.89
N HIS C 262 -18.39 -5.17 -2.56
CA HIS C 262 -18.68 -5.60 -1.20
C HIS C 262 -17.92 -6.88 -0.85
N ALA C 263 -17.87 -7.84 -1.76
CA ALA C 263 -17.16 -9.08 -1.49
C ALA C 263 -15.66 -8.85 -1.42
N LEU C 264 -15.12 -7.97 -2.28
CA LEU C 264 -13.70 -7.69 -2.22
C LEU C 264 -13.33 -7.08 -0.87
N HIS C 265 -14.19 -6.24 -0.31
CA HIS C 265 -13.92 -5.68 1.01
C HIS C 265 -13.77 -6.78 2.05
N VAL C 266 -14.67 -7.78 2.06
CA VAL C 266 -14.54 -8.80 3.09
C VAL C 266 -13.27 -9.64 2.88
N LEU C 267 -12.84 -9.86 1.62
CA LEU C 267 -11.54 -10.51 1.40
C LEU C 267 -10.43 -9.66 2.00
N GLU C 268 -10.46 -8.34 1.75
CA GLU C 268 -9.41 -7.47 2.26
C GLU C 268 -9.39 -7.48 3.78
N SER C 269 -10.57 -7.48 4.42
CA SER C 269 -10.58 -7.41 5.86
C SER C 269 -9.98 -8.65 6.51
N GLY C 270 -9.98 -9.78 5.81
CA GLY C 270 -9.33 -10.97 6.31
C GLY C 270 -7.87 -11.09 5.90
N GLY C 271 -7.32 -10.10 5.21
CA GLY C 271 -5.93 -10.21 4.76
C GLY C 271 -5.72 -11.25 3.68
N PHE C 272 -6.71 -11.46 2.81
CA PHE C 272 -6.65 -12.45 1.74
C PHE C 272 -5.33 -12.41 0.98
N ARG C 273 -4.93 -11.21 0.52
CA ARG C 273 -3.70 -11.07 -0.25
C ARG C 273 -2.49 -11.55 0.53
N SER C 274 -2.42 -11.18 1.82
CA SER C 274 -1.26 -11.58 2.62
C SER C 274 -1.15 -13.10 2.76
N LEU C 275 -2.31 -13.81 2.77
CA LEU C 275 -2.25 -15.27 2.92
C LEU C 275 -1.60 -15.91 1.70
N LEU C 276 -1.93 -15.42 0.51
CA LEU C 276 -1.33 -15.97 -0.70
C LEU C 276 0.16 -15.66 -0.77
N ILE C 277 0.58 -14.45 -0.33
CA ILE C 277 2.01 -14.16 -0.22
C ILE C 277 2.67 -15.12 0.78
N ASN C 278 2.03 -15.30 1.94
CA ASN C 278 2.54 -16.25 2.94
C ASN C 278 2.76 -17.63 2.33
N ALA C 279 1.83 -18.07 1.48
CA ALA C 279 1.88 -19.41 0.91
C ALA C 279 3.08 -19.55 -0.03
N VAL C 280 3.22 -18.64 -1.00
CA VAL C 280 4.36 -18.72 -1.91
C VAL C 280 5.66 -18.72 -1.11
N GLU C 281 5.75 -17.83 -0.12
CA GLU C 281 6.94 -17.76 0.72
C GLU C 281 7.20 -19.08 1.44
N ALA C 282 6.16 -19.66 2.06
CA ALA C 282 6.38 -20.86 2.86
C ALA C 282 6.82 -22.04 1.98
N SER C 283 6.21 -22.17 0.80
CA SER C 283 6.60 -23.26 -0.10
C SER C 283 8.02 -23.07 -0.60
N CYS C 284 8.38 -21.84 -0.97
CA CYS C 284 9.75 -21.57 -1.41
C CYS C 284 10.75 -21.84 -0.30
N ILE C 285 10.47 -21.34 0.92
CA ILE C 285 11.42 -21.51 2.01
C ILE C 285 11.57 -22.99 2.36
N ARG C 286 10.46 -23.73 2.38
CA ARG C 286 10.54 -25.15 2.66
C ARG C 286 11.38 -25.87 1.60
N THR C 287 11.23 -25.48 0.34
CA THR C 287 12.06 -26.06 -0.73
C THR C 287 13.52 -25.80 -0.48
N ARG C 288 13.88 -24.55 -0.15
CA ARG C 288 15.28 -24.22 0.14
C ARG C 288 15.81 -25.00 1.34
N GLU C 289 14.99 -25.12 2.37
CA GLU C 289 15.46 -25.77 3.58
CA GLU C 289 15.36 -25.79 3.62
C GLU C 289 15.63 -27.27 3.38
N LEU C 290 14.78 -27.91 2.56
CA LEU C 290 14.97 -29.33 2.30
C LEU C 290 16.25 -29.58 1.52
N GLN C 291 16.54 -28.72 0.54
CA GLN C 291 17.77 -28.90 -0.22
C GLN C 291 18.99 -28.64 0.66
N SER C 292 18.88 -27.68 1.58
CA SER C 292 19.97 -27.45 2.52
C SER C 292 20.26 -28.71 3.33
N MET C 293 19.21 -29.42 3.76
CA MET C 293 19.43 -30.68 4.46
C MET C 293 20.08 -31.71 3.54
N ALA C 294 19.64 -31.77 2.29
CA ALA C 294 20.26 -32.71 1.35
C ALA C 294 21.74 -32.38 1.13
N ASP C 295 22.08 -31.10 1.02
CA ASP C 295 23.48 -30.71 0.84
C ASP C 295 24.32 -31.03 2.08
N GLN C 296 23.78 -30.77 3.27
CA GLN C 296 24.50 -31.13 4.49
C GLN C 296 24.72 -32.64 4.57
N GLU C 297 23.73 -33.41 4.14
CA GLU C 297 23.88 -34.86 4.06
C GLU C 297 24.74 -35.24 2.85
N ASN D 17 -26.42 -23.29 -37.93
CA ASN D 17 -27.38 -22.95 -36.87
C ASN D 17 -28.36 -21.89 -37.36
N LEU D 18 -29.59 -22.31 -37.67
CA LEU D 18 -30.58 -21.38 -38.20
C LEU D 18 -31.03 -20.34 -37.18
N TYR D 19 -30.85 -20.60 -35.89
CA TYR D 19 -31.19 -19.59 -34.88
C TYR D 19 -30.52 -18.26 -35.19
N PHE D 20 -29.25 -18.30 -35.60
CA PHE D 20 -28.45 -17.11 -35.82
C PHE D 20 -28.39 -16.67 -37.28
N GLN D 21 -29.11 -17.36 -38.17
CA GLN D 21 -29.00 -17.09 -39.60
C GLN D 21 -29.24 -15.61 -39.91
N SER D 22 -30.30 -15.03 -39.35
CA SER D 22 -30.58 -13.62 -39.57
C SER D 22 -30.98 -12.91 -38.27
N MET D 23 -30.75 -13.53 -37.12
CA MET D 23 -31.09 -12.91 -35.84
C MET D 23 -30.30 -11.63 -35.64
N SER D 24 -30.97 -10.61 -35.13
CA SER D 24 -30.38 -9.32 -34.79
C SER D 24 -30.36 -9.15 -33.28
N VAL D 25 -29.23 -8.69 -32.76
CA VAL D 25 -29.02 -8.57 -31.32
C VAL D 25 -28.84 -7.09 -30.97
N GLY D 26 -29.41 -6.68 -29.85
CA GLY D 26 -29.24 -5.33 -29.37
C GLY D 26 -28.77 -5.31 -27.94
N PHE D 27 -28.00 -4.28 -27.61
CA PHE D 27 -27.60 -4.00 -26.23
C PHE D 27 -28.09 -2.61 -25.87
N ILE D 28 -28.92 -2.52 -24.83
CA ILE D 28 -29.23 -1.24 -24.22
C ILE D 28 -28.22 -1.06 -23.09
N GLY D 29 -27.35 -0.07 -23.24
CA GLY D 29 -26.16 0.03 -22.42
C GLY D 29 -24.97 -0.50 -23.19
N ALA D 30 -23.98 0.36 -23.45
CA ALA D 30 -22.81 -0.05 -24.21
C ALA D 30 -21.56 0.05 -23.37
N GLY D 31 -21.54 -0.64 -22.22
CA GLY D 31 -20.42 -0.62 -21.31
C GLY D 31 -19.61 -1.89 -21.32
N GLN D 32 -19.10 -2.28 -20.14
CA GLN D 32 -18.18 -3.41 -20.01
C GLN D 32 -18.82 -4.71 -20.48
N LEU D 33 -20.04 -4.98 -20.02
CA LEU D 33 -20.65 -6.27 -20.33
C LEU D 33 -21.06 -6.35 -21.80
N ALA D 34 -21.60 -5.25 -22.34
CA ALA D 34 -21.97 -5.22 -23.75
C ALA D 34 -20.75 -5.47 -24.63
N PHE D 35 -19.62 -4.83 -24.31
CA PHE D 35 -18.42 -5.08 -25.10
C PHE D 35 -17.97 -6.53 -24.96
N ALA D 36 -17.95 -7.04 -23.73
CA ALA D 36 -17.49 -8.42 -23.53
C ALA D 36 -18.34 -9.41 -24.30
N LEU D 37 -19.67 -9.25 -24.25
CA LEU D 37 -20.54 -10.17 -24.97
C LEU D 37 -20.38 -9.99 -26.49
N ALA D 38 -20.34 -8.75 -26.97
CA ALA D 38 -20.26 -8.54 -28.40
C ALA D 38 -18.93 -9.05 -28.95
N LYS D 39 -17.85 -8.86 -28.18
CA LYS D 39 -16.55 -9.39 -28.57
C LYS D 39 -16.56 -10.91 -28.60
N GLY D 40 -17.15 -11.53 -27.57
CA GLY D 40 -17.23 -12.99 -27.56
C GLY D 40 -18.10 -13.53 -28.68
N PHE D 41 -19.29 -12.92 -28.88
CA PHE D 41 -20.20 -13.37 -29.94
C PHE D 41 -19.54 -13.30 -31.31
N THR D 42 -18.85 -12.20 -31.60
CA THR D 42 -18.24 -12.07 -32.92
C THR D 42 -17.03 -12.99 -33.07
N ALA D 43 -16.23 -13.13 -32.01
CA ALA D 43 -15.10 -14.04 -32.05
C ALA D 43 -15.55 -15.48 -32.24
N ALA D 44 -16.68 -15.84 -31.63
CA ALA D 44 -17.27 -17.17 -31.87
C ALA D 44 -17.81 -17.32 -33.27
N GLY D 45 -17.97 -16.23 -34.02
CA GLY D 45 -18.57 -16.32 -35.34
C GLY D 45 -20.06 -16.58 -35.34
N VAL D 46 -20.73 -16.46 -34.19
CA VAL D 46 -22.16 -16.73 -34.19
C VAL D 46 -22.94 -15.54 -34.72
N LEU D 47 -22.41 -14.33 -34.59
CA LEU D 47 -23.06 -13.12 -35.06
C LEU D 47 -22.06 -12.26 -35.79
N ALA D 48 -22.47 -11.75 -36.95
CA ALA D 48 -21.71 -10.69 -37.60
C ALA D 48 -21.87 -9.41 -36.81
N ALA D 49 -20.79 -8.64 -36.70
CA ALA D 49 -20.81 -7.45 -35.86
C ALA D 49 -21.88 -6.45 -36.29
N HIS D 50 -22.15 -6.36 -37.60
CA HIS D 50 -23.16 -5.42 -38.09
C HIS D 50 -24.58 -5.85 -37.77
N LYS D 51 -24.78 -7.07 -37.29
CA LYS D 51 -26.08 -7.48 -36.79
C LYS D 51 -26.26 -7.16 -35.31
N ILE D 52 -25.28 -6.47 -34.71
CA ILE D 52 -25.34 -6.06 -33.32
C ILE D 52 -25.48 -4.54 -33.28
N MET D 53 -26.40 -4.05 -32.45
CA MET D 53 -26.56 -2.63 -32.22
C MET D 53 -26.49 -2.36 -30.72
N ALA D 54 -25.78 -1.30 -30.34
CA ALA D 54 -25.65 -0.93 -28.94
C ALA D 54 -25.97 0.55 -28.77
N SER D 55 -26.62 0.88 -27.66
CA SER D 55 -27.03 2.26 -27.41
C SER D 55 -26.59 2.69 -26.02
N SER D 56 -26.11 3.93 -25.94
CA SER D 56 -25.67 4.56 -24.70
C SER D 56 -25.93 6.05 -24.84
N PRO D 57 -26.21 6.75 -23.74
CA PRO D 57 -26.37 8.21 -23.82
C PRO D 57 -25.05 8.86 -24.22
N ASP D 58 -24.03 8.68 -23.39
CA ASP D 58 -22.69 9.18 -23.65
C ASP D 58 -22.04 8.26 -24.70
N MET D 59 -22.00 8.72 -25.95
CA MET D 59 -21.42 7.98 -27.05
C MET D 59 -19.92 8.28 -27.24
N ASP D 60 -19.23 8.67 -26.17
CA ASP D 60 -17.79 8.90 -26.20
C ASP D 60 -17.06 8.11 -25.12
N LEU D 61 -17.70 7.09 -24.57
CA LEU D 61 -17.04 6.21 -23.62
C LEU D 61 -16.04 5.31 -24.33
N ALA D 62 -15.15 4.70 -23.55
CA ALA D 62 -14.14 3.81 -24.13
C ALA D 62 -14.78 2.58 -24.74
N THR D 63 -15.69 1.94 -23.99
CA THR D 63 -16.35 0.74 -24.50
C THR D 63 -17.11 1.00 -25.79
N VAL D 64 -17.66 2.20 -25.96
CA VAL D 64 -18.37 2.51 -27.21
C VAL D 64 -17.38 2.66 -28.35
N SER D 65 -16.19 3.21 -28.07
CA SER D 65 -15.15 3.32 -29.09
C SER D 65 -14.68 1.93 -29.54
N ALA D 66 -14.44 1.05 -28.58
CA ALA D 66 -14.05 -0.31 -28.91
C ALA D 66 -15.13 -1.03 -29.71
N LEU D 67 -16.40 -0.86 -29.31
CA LEU D 67 -17.50 -1.46 -30.06
C LEU D 67 -17.55 -0.93 -31.49
N ARG D 68 -17.31 0.37 -31.68
CA ARG D 68 -17.38 0.91 -33.04
C ARG D 68 -16.26 0.35 -33.91
N LYS D 69 -15.08 0.14 -33.33
CA LYS D 69 -13.98 -0.46 -34.09
C LYS D 69 -14.28 -1.92 -34.44
N MET D 70 -15.13 -2.59 -33.67
CA MET D 70 -15.50 -3.97 -33.99
C MET D 70 -16.44 -4.08 -35.18
N GLY D 71 -17.08 -2.98 -35.58
CA GLY D 71 -18.13 -3.02 -36.57
C GLY D 71 -19.53 -3.05 -36.01
N VAL D 72 -19.68 -2.88 -34.70
CA VAL D 72 -20.98 -2.84 -34.06
C VAL D 72 -21.65 -1.50 -34.36
N LYS D 73 -22.94 -1.53 -34.67
CA LYS D 73 -23.70 -0.31 -34.88
C LYS D 73 -23.97 0.38 -33.54
N LEU D 74 -23.74 1.70 -33.49
CA LEU D 74 -23.99 2.49 -32.31
C LEU D 74 -25.06 3.53 -32.57
N THR D 75 -25.84 3.85 -31.55
CA THR D 75 -26.83 4.91 -31.59
C THR D 75 -27.03 5.44 -30.18
N PRO D 76 -27.38 6.72 -30.03
CA PRO D 76 -27.74 7.22 -28.69
C PRO D 76 -29.17 6.92 -28.29
N HIS D 77 -29.99 6.40 -29.20
CA HIS D 77 -31.43 6.27 -28.98
C HIS D 77 -31.77 4.80 -28.72
N ASN D 78 -32.19 4.51 -27.48
CA ASN D 78 -32.58 3.15 -27.12
C ASN D 78 -33.71 2.62 -27.99
N LYS D 79 -34.62 3.50 -28.44
CA LYS D 79 -35.71 3.06 -29.30
C LYS D 79 -35.19 2.43 -30.59
N GLU D 80 -34.08 2.96 -31.13
CA GLU D 80 -33.53 2.39 -32.36
C GLU D 80 -32.97 1.00 -32.12
N THR D 81 -32.31 0.80 -30.97
CA THR D 81 -31.84 -0.54 -30.62
C THR D 81 -33.00 -1.52 -30.51
N VAL D 82 -34.10 -1.09 -29.90
CA VAL D 82 -35.26 -1.96 -29.77
C VAL D 82 -35.79 -2.34 -31.16
N GLN D 83 -35.95 -1.34 -32.04
CA GLN D 83 -36.51 -1.60 -33.36
C GLN D 83 -35.61 -2.52 -34.18
N HIS D 84 -34.28 -2.41 -33.97
CA HIS D 84 -33.34 -3.25 -34.69
C HIS D 84 -33.34 -4.69 -34.20
N SER D 85 -33.58 -4.91 -32.91
CA SER D 85 -33.22 -6.16 -32.25
C SER D 85 -34.33 -7.19 -32.31
N ASP D 86 -33.92 -8.46 -32.42
CA ASP D 86 -34.76 -9.61 -32.10
C ASP D 86 -34.54 -10.05 -30.66
N VAL D 87 -33.27 -10.18 -30.26
CA VAL D 87 -32.87 -10.44 -28.89
C VAL D 87 -32.32 -9.14 -28.33
N LEU D 88 -32.89 -8.66 -27.23
CA LEU D 88 -32.52 -7.38 -26.65
C LEU D 88 -31.91 -7.61 -25.27
N PHE D 89 -30.61 -7.36 -25.14
CA PHE D 89 -29.93 -7.47 -23.87
C PHE D 89 -30.05 -6.16 -23.11
N LEU D 90 -30.47 -6.24 -21.85
CA LEU D 90 -30.48 -5.07 -20.96
C LEU D 90 -29.19 -5.12 -20.18
N ALA D 91 -28.26 -4.25 -20.55
CA ALA D 91 -26.92 -4.23 -20.00
C ALA D 91 -26.63 -2.87 -19.37
N VAL D 92 -27.64 -2.34 -18.67
CA VAL D 92 -27.50 -1.13 -17.86
C VAL D 92 -27.45 -1.56 -16.39
N LYS D 93 -27.01 -0.63 -15.54
CA LYS D 93 -26.94 -0.90 -14.10
C LYS D 93 -28.32 -1.27 -13.57
N PRO D 94 -28.39 -2.11 -12.53
CA PRO D 94 -29.71 -2.59 -12.05
C PRO D 94 -30.68 -1.47 -11.70
N HIS D 95 -30.20 -0.39 -11.07
CA HIS D 95 -31.11 0.69 -10.71
C HIS D 95 -31.59 1.47 -11.93
N ILE D 96 -30.97 1.26 -13.11
CA ILE D 96 -31.43 1.89 -14.34
C ILE D 96 -32.50 1.06 -15.06
N ILE D 97 -32.66 -0.22 -14.71
CA ILE D 97 -33.60 -1.07 -15.44
C ILE D 97 -35.00 -0.50 -15.46
N PRO D 98 -35.62 -0.13 -14.33
CA PRO D 98 -37.01 0.37 -14.41
C PRO D 98 -37.16 1.64 -15.23
N PHE D 99 -36.16 2.51 -15.24
CA PHE D 99 -36.22 3.71 -16.07
C PHE D 99 -36.17 3.35 -17.56
N ILE D 100 -35.34 2.37 -17.92
CA ILE D 100 -35.28 1.92 -19.30
C ILE D 100 -36.60 1.26 -19.72
N LEU D 101 -37.16 0.40 -18.85
CA LEU D 101 -38.41 -0.25 -19.17
C LEU D 101 -39.53 0.77 -19.39
N ASP D 102 -39.55 1.83 -18.58
CA ASP D 102 -40.51 2.91 -18.79
C ASP D 102 -40.31 3.55 -20.17
N GLU D 103 -39.05 3.70 -20.59
CA GLU D 103 -38.76 4.44 -21.82
C GLU D 103 -39.16 3.63 -23.05
N ILE D 104 -38.72 2.36 -23.12
CA ILE D 104 -38.89 1.55 -24.32
C ILE D 104 -40.04 0.56 -24.21
N GLY D 105 -40.76 0.54 -23.07
CA GLY D 105 -41.79 -0.47 -22.86
C GLY D 105 -42.83 -0.50 -23.95
N ALA D 106 -43.28 0.68 -24.41
CA ALA D 106 -44.27 0.74 -25.46
C ALA D 106 -43.74 0.22 -26.79
N ASP D 107 -42.42 0.13 -26.95
CA ASP D 107 -41.81 -0.31 -28.19
C ASP D 107 -41.49 -1.81 -28.22
N ILE D 108 -41.65 -2.51 -27.09
CA ILE D 108 -41.45 -3.94 -27.08
C ILE D 108 -42.63 -4.63 -27.75
N GLU D 109 -42.35 -5.45 -28.75
CA GLU D 109 -43.38 -6.18 -29.48
C GLU D 109 -43.31 -7.65 -29.14
N ASP D 110 -44.35 -8.38 -29.56
CA ASP D 110 -44.41 -9.82 -29.29
C ASP D 110 -43.20 -10.56 -29.86
N ARG D 111 -42.54 -9.99 -30.86
CA ARG D 111 -41.38 -10.64 -31.47
C ARG D 111 -40.14 -10.60 -30.59
N HIS D 112 -40.09 -9.72 -29.60
CA HIS D 112 -38.86 -9.49 -28.85
C HIS D 112 -38.63 -10.55 -27.80
N ILE D 113 -37.37 -10.95 -27.66
CA ILE D 113 -36.90 -11.64 -26.47
C ILE D 113 -36.09 -10.64 -25.66
N VAL D 114 -36.55 -10.32 -24.45
CA VAL D 114 -35.88 -9.36 -23.59
C VAL D 114 -35.01 -10.11 -22.59
N VAL D 115 -33.70 -9.90 -22.66
CA VAL D 115 -32.74 -10.62 -21.82
C VAL D 115 -32.13 -9.63 -20.83
N SER D 116 -32.53 -9.71 -19.57
CA SER D 116 -31.96 -8.86 -18.55
C SER D 116 -30.68 -9.46 -18.00
N CYS D 117 -29.60 -8.70 -18.04
CA CYS D 117 -28.34 -9.11 -17.44
C CYS D 117 -28.12 -8.51 -16.08
N ALA D 118 -29.02 -7.65 -15.60
CA ALA D 118 -28.76 -6.90 -14.39
C ALA D 118 -28.77 -7.81 -13.17
N ALA D 119 -27.80 -7.60 -12.29
CA ALA D 119 -27.77 -8.34 -11.03
C ALA D 119 -29.00 -8.04 -10.20
N GLY D 120 -29.58 -9.08 -9.61
CA GLY D 120 -30.67 -8.92 -8.66
C GLY D 120 -32.07 -8.76 -9.24
N VAL D 121 -32.19 -8.13 -10.41
CA VAL D 121 -33.50 -7.70 -10.91
C VAL D 121 -34.32 -8.91 -11.31
N THR D 122 -35.53 -9.01 -10.76
CA THR D 122 -36.31 -10.21 -10.93
C THR D 122 -37.08 -10.18 -12.23
N ILE D 123 -37.33 -11.37 -12.77
CA ILE D 123 -38.23 -11.51 -13.91
C ILE D 123 -39.57 -10.88 -13.59
N SER D 124 -40.06 -11.09 -12.37
CA SER D 124 -41.36 -10.56 -11.98
C SER D 124 -41.42 -9.04 -12.15
N SER D 125 -40.37 -8.35 -11.70
CA SER D 125 -40.35 -6.88 -11.79
C SER D 125 -40.34 -6.42 -13.24
N ILE D 126 -39.60 -7.11 -14.11
CA ILE D 126 -39.55 -6.73 -15.51
C ILE D 126 -40.89 -6.99 -16.19
N GLU D 127 -41.46 -8.17 -15.94
CA GLU D 127 -42.73 -8.51 -16.56
C GLU D 127 -43.84 -7.59 -16.10
N LYS D 128 -43.80 -7.15 -14.84
CA LYS D 128 -44.84 -6.24 -14.37
C LYS D 128 -44.80 -4.93 -15.14
N LYS D 129 -43.59 -4.40 -15.38
CA LYS D 129 -43.47 -3.16 -16.14
C LYS D 129 -43.93 -3.33 -17.57
N LEU D 130 -43.40 -4.35 -18.26
CA LEU D 130 -43.67 -4.50 -19.69
C LEU D 130 -45.10 -4.94 -19.97
N SER D 131 -45.74 -5.68 -19.05
CA SER D 131 -47.11 -6.13 -19.26
C SER D 131 -48.12 -4.99 -19.25
N ALA D 132 -47.76 -3.84 -18.69
CA ALA D 132 -48.64 -2.69 -18.76
C ALA D 132 -48.79 -2.17 -20.19
N PHE D 133 -47.87 -2.53 -21.08
CA PHE D 133 -47.93 -2.11 -22.48
C PHE D 133 -48.49 -3.20 -23.39
N ARG D 134 -48.00 -4.43 -23.26
CA ARG D 134 -48.36 -5.54 -24.14
C ARG D 134 -48.34 -6.78 -23.26
N PRO D 135 -49.34 -7.68 -23.41
CA PRO D 135 -49.64 -8.61 -22.30
C PRO D 135 -48.65 -9.74 -22.06
N ALA D 136 -47.88 -10.18 -23.07
CA ALA D 136 -47.07 -11.39 -22.92
C ALA D 136 -45.60 -11.15 -23.28
N PRO D 137 -44.91 -10.28 -22.54
CA PRO D 137 -43.49 -10.05 -22.85
C PRO D 137 -42.67 -11.32 -22.60
N ARG D 138 -41.79 -11.63 -23.54
CA ARG D 138 -40.87 -12.76 -23.44
C ARG D 138 -39.60 -12.27 -22.75
N VAL D 139 -39.39 -12.71 -21.51
CA VAL D 139 -38.30 -12.21 -20.68
C VAL D 139 -37.43 -13.39 -20.27
N ILE D 140 -36.12 -13.19 -20.33
CA ILE D 140 -35.15 -14.12 -19.80
C ILE D 140 -34.23 -13.31 -18.91
N ARG D 141 -33.91 -13.85 -17.74
CA ARG D 141 -32.93 -13.27 -16.84
C ARG D 141 -31.64 -14.08 -16.90
N CYS D 142 -30.50 -13.41 -16.97
CA CYS D 142 -29.26 -14.17 -16.97
C CYS D 142 -28.24 -13.53 -16.04
N MET D 143 -27.26 -14.33 -15.64
CA MET D 143 -26.12 -13.83 -14.90
C MET D 143 -24.90 -14.41 -15.59
N THR D 144 -24.06 -13.53 -16.14
CA THR D 144 -22.87 -13.99 -16.84
C THR D 144 -21.66 -13.31 -16.22
N ASN D 145 -20.53 -13.29 -16.89
CA ASN D 145 -19.37 -12.63 -16.29
C ASN D 145 -18.43 -12.20 -17.41
N THR D 146 -17.42 -11.40 -17.06
CA THR D 146 -16.64 -10.76 -18.11
C THR D 146 -15.81 -11.74 -18.96
N PRO D 147 -15.41 -12.96 -18.45
CA PRO D 147 -14.62 -13.85 -19.32
C PRO D 147 -15.33 -14.34 -20.58
N VAL D 148 -16.59 -13.98 -20.79
CA VAL D 148 -17.17 -14.19 -22.12
C VAL D 148 -16.31 -13.54 -23.20
N VAL D 149 -15.51 -12.53 -22.85
CA VAL D 149 -14.70 -11.82 -23.83
C VAL D 149 -13.61 -12.72 -24.39
N VAL D 150 -13.22 -13.76 -23.66
CA VAL D 150 -12.31 -14.78 -24.16
C VAL D 150 -13.03 -16.11 -24.31
N ARG D 151 -14.36 -16.06 -24.45
CA ARG D 151 -15.19 -17.23 -24.70
C ARG D 151 -15.03 -18.30 -23.62
N GLU D 152 -14.80 -17.87 -22.37
CA GLU D 152 -14.76 -18.76 -21.21
C GLU D 152 -15.61 -18.21 -20.09
N GLY D 153 -16.76 -17.64 -20.45
CA GLY D 153 -17.69 -17.16 -19.47
C GLY D 153 -18.34 -18.28 -18.70
N ALA D 154 -19.05 -17.88 -17.64
CA ALA D 154 -19.89 -18.77 -16.86
C ALA D 154 -21.25 -18.09 -16.79
N THR D 155 -22.26 -18.71 -17.43
CA THR D 155 -23.56 -18.07 -17.60
C THR D 155 -24.67 -18.99 -17.09
N VAL D 156 -25.59 -18.43 -16.31
CA VAL D 156 -26.86 -19.10 -16.03
C VAL D 156 -28.00 -18.21 -16.52
N TYR D 157 -29.14 -18.84 -16.78
CA TYR D 157 -30.31 -18.08 -17.19
C TYR D 157 -31.56 -18.76 -16.65
N ALA D 158 -32.60 -17.95 -16.44
CA ALA D 158 -33.94 -18.41 -16.11
C ALA D 158 -34.93 -17.82 -17.09
N THR D 159 -35.92 -18.63 -17.49
CA THR D 159 -36.91 -18.21 -18.47
C THR D 159 -38.15 -17.65 -17.77
N GLY D 160 -38.75 -16.63 -18.37
CA GLY D 160 -39.91 -15.98 -17.79
C GLY D 160 -41.22 -16.69 -18.09
N THR D 161 -42.30 -16.04 -17.64
CA THR D 161 -43.64 -16.60 -17.74
C THR D 161 -44.03 -16.86 -19.20
N HIS D 162 -43.67 -15.96 -20.11
CA HIS D 162 -44.12 -16.03 -21.50
C HIS D 162 -42.99 -16.44 -22.45
N ALA D 163 -41.83 -16.77 -21.92
CA ALA D 163 -40.73 -17.26 -22.75
C ALA D 163 -41.09 -18.60 -23.36
N GLN D 164 -41.06 -18.67 -24.69
CA GLN D 164 -41.33 -19.92 -25.38
C GLN D 164 -40.18 -20.90 -25.16
N VAL D 165 -40.48 -22.19 -25.36
CA VAL D 165 -39.47 -23.22 -25.15
C VAL D 165 -38.27 -22.97 -26.04
N GLU D 166 -38.51 -22.57 -27.29
CA GLU D 166 -37.42 -22.24 -28.19
C GLU D 166 -36.65 -20.99 -27.78
N ASP D 167 -37.26 -20.13 -26.94
CA ASP D 167 -36.53 -18.96 -26.45
C ASP D 167 -35.38 -19.37 -25.55
N GLY D 168 -35.64 -20.29 -24.62
CA GLY D 168 -34.58 -20.81 -23.77
C GLY D 168 -33.52 -21.56 -24.57
N ARG D 169 -33.95 -22.34 -25.56
CA ARG D 169 -33.00 -23.07 -26.40
C ARG D 169 -32.12 -22.10 -27.18
N LEU D 170 -32.72 -21.07 -27.77
CA LEU D 170 -31.97 -20.05 -28.48
C LEU D 170 -30.97 -19.36 -27.54
N MET D 171 -31.44 -18.98 -26.35
CA MET D 171 -30.57 -18.33 -25.37
CA MET D 171 -30.56 -18.32 -25.40
C MET D 171 -29.38 -19.20 -25.03
N GLU D 172 -29.63 -20.48 -24.75
CA GLU D 172 -28.54 -21.36 -24.34
C GLU D 172 -27.53 -21.54 -25.46
N GLN D 173 -27.99 -21.64 -26.70
CA GLN D 173 -27.04 -21.79 -27.80
C GLN D 173 -26.21 -20.53 -27.99
N LEU D 174 -26.84 -19.36 -27.84
CA LEU D 174 -26.10 -18.10 -27.95
C LEU D 174 -25.05 -17.96 -26.84
N LEU D 175 -25.47 -18.13 -25.59
CA LEU D 175 -24.51 -17.93 -24.50
C LEU D 175 -23.52 -19.10 -24.37
N SER D 176 -23.84 -20.28 -24.91
CA SER D 176 -22.85 -21.35 -24.94
C SER D 176 -21.71 -21.08 -25.91
N SER D 177 -21.90 -20.17 -26.87
CA SER D 177 -20.80 -19.86 -27.78
C SER D 177 -19.68 -19.10 -27.10
N VAL D 178 -19.92 -18.53 -25.91
CA VAL D 178 -18.93 -17.72 -25.23
C VAL D 178 -18.57 -18.27 -23.86
N GLY D 179 -18.95 -19.52 -23.56
CA GLY D 179 -18.58 -20.13 -22.31
C GLY D 179 -19.56 -21.20 -21.88
N PHE D 180 -19.45 -21.60 -20.62
CA PHE D 180 -20.42 -22.49 -20.00
C PHE D 180 -21.76 -21.79 -19.87
N CYS D 181 -22.84 -22.53 -20.14
CA CYS D 181 -24.17 -21.95 -19.99
C CYS D 181 -25.15 -23.03 -19.57
N THR D 182 -25.98 -22.74 -18.58
CA THR D 182 -27.01 -23.70 -18.19
C THR D 182 -28.22 -22.96 -17.65
N GLU D 183 -29.38 -23.57 -17.81
CA GLU D 183 -30.61 -23.06 -17.22
C GLU D 183 -30.67 -23.39 -15.74
N VAL D 184 -31.17 -22.44 -14.94
CA VAL D 184 -31.37 -22.64 -13.51
C VAL D 184 -32.74 -22.10 -13.13
N GLU D 185 -33.20 -22.50 -11.95
CA GLU D 185 -34.33 -21.83 -11.33
C GLU D 185 -33.89 -20.42 -10.95
N GLU D 186 -34.82 -19.46 -11.09
CA GLU D 186 -34.44 -18.07 -10.86
C GLU D 186 -33.95 -17.84 -9.44
N ASP D 187 -34.41 -18.64 -8.47
CA ASP D 187 -34.00 -18.33 -7.11
C ASP D 187 -32.55 -18.72 -6.83
N LEU D 188 -31.83 -19.31 -7.78
CA LEU D 188 -30.39 -19.53 -7.60
C LEU D 188 -29.53 -18.39 -8.10
N ILE D 189 -30.10 -17.42 -8.83
CA ILE D 189 -29.25 -16.52 -9.59
C ILE D 189 -28.49 -15.54 -8.68
N ASP D 190 -29.07 -15.11 -7.55
CA ASP D 190 -28.31 -14.24 -6.66
C ASP D 190 -27.09 -14.94 -6.08
N ALA D 191 -27.20 -16.25 -5.80
CA ALA D 191 -26.05 -17.01 -5.32
C ALA D 191 -25.02 -17.20 -6.43
N VAL D 192 -25.48 -17.45 -7.66
CA VAL D 192 -24.55 -17.53 -8.78
C VAL D 192 -23.79 -16.21 -8.92
N THR D 193 -24.48 -15.09 -8.73
CA THR D 193 -23.80 -13.79 -8.80
C THR D 193 -22.63 -13.74 -7.82
N GLY D 194 -22.83 -14.22 -6.60
CA GLY D 194 -21.77 -14.17 -5.62
C GLY D 194 -20.62 -15.10 -5.92
N LEU D 195 -20.88 -16.17 -6.68
CA LEU D 195 -19.85 -17.16 -7.01
C LEU D 195 -19.17 -16.84 -8.33
N SER D 196 -19.86 -17.04 -9.46
CA SER D 196 -19.20 -16.83 -10.75
C SER D 196 -19.36 -15.41 -11.31
N GLY D 197 -20.35 -14.64 -10.83
CA GLY D 197 -20.44 -13.26 -11.30
C GLY D 197 -19.32 -12.39 -10.75
N SER D 198 -19.12 -12.45 -9.44
CA SER D 198 -18.01 -11.76 -8.78
C SER D 198 -16.71 -12.56 -8.83
N GLY D 199 -16.79 -13.85 -9.13
CA GLY D 199 -15.63 -14.72 -9.11
C GLY D 199 -14.38 -14.22 -9.79
N PRO D 200 -14.51 -13.67 -11.00
CA PRO D 200 -13.30 -13.21 -11.69
C PRO D 200 -12.53 -12.17 -10.88
N ALA D 201 -13.23 -11.28 -10.16
CA ALA D 201 -12.55 -10.31 -9.30
C ALA D 201 -11.79 -10.98 -8.16
N TYR D 202 -12.36 -12.04 -7.58
CA TYR D 202 -11.61 -12.77 -6.56
C TYR D 202 -10.33 -13.32 -7.17
N ALA D 203 -10.43 -13.86 -8.38
CA ALA D 203 -9.27 -14.44 -9.05
C ALA D 203 -8.23 -13.37 -9.40
N PHE D 204 -8.66 -12.20 -9.87
CA PHE D 204 -7.68 -11.16 -10.18
C PHE D 204 -6.95 -10.72 -8.93
N THR D 205 -7.69 -10.57 -7.82
CA THR D 205 -7.07 -10.23 -6.53
C THR D 205 -6.06 -11.29 -6.12
N ALA D 206 -6.46 -12.56 -6.22
CA ALA D 206 -5.56 -13.66 -5.87
C ALA D 206 -4.32 -13.68 -6.74
N LEU D 207 -4.47 -13.43 -8.05
CA LEU D 207 -3.30 -13.46 -8.94
C LEU D 207 -2.34 -12.30 -8.64
N ASP D 208 -2.87 -11.11 -8.34
CA ASP D 208 -2.01 -9.99 -7.94
C ASP D 208 -1.20 -10.37 -6.71
N ALA D 209 -1.86 -10.97 -5.71
CA ALA D 209 -1.21 -11.34 -4.46
C ALA D 209 -0.21 -12.47 -4.68
N LEU D 210 -0.59 -13.48 -5.47
CA LEU D 210 0.37 -14.55 -5.81
C LEU D 210 1.59 -13.98 -6.50
N ALA D 211 1.40 -13.01 -7.40
CA ALA D 211 2.55 -12.40 -8.07
C ALA D 211 3.43 -11.64 -7.08
N ASP D 212 2.80 -10.91 -6.13
CA ASP D 212 3.56 -10.25 -5.05
C ASP D 212 4.40 -11.28 -4.29
N GLY D 213 3.83 -12.45 -4.02
CA GLY D 213 4.59 -13.50 -3.35
C GLY D 213 5.76 -13.99 -4.17
N GLY D 214 5.55 -14.21 -5.47
CA GLY D 214 6.66 -14.57 -6.35
C GLY D 214 7.75 -13.52 -6.36
N VAL D 215 7.35 -12.25 -6.44
CA VAL D 215 8.32 -11.16 -6.41
C VAL D 215 9.06 -11.13 -5.08
N LYS D 216 8.35 -11.32 -3.96
CA LYS D 216 9.04 -11.34 -2.67
C LYS D 216 10.14 -12.41 -2.66
N MET D 217 9.87 -13.56 -3.27
CA MET D 217 10.83 -14.66 -3.26
C MET D 217 11.84 -14.59 -4.42
N GLY D 218 11.85 -13.51 -5.20
CA GLY D 218 12.93 -13.26 -6.15
C GLY D 218 12.56 -13.35 -7.61
N LEU D 219 11.29 -13.59 -7.96
CA LEU D 219 10.95 -13.67 -9.37
C LEU D 219 10.68 -12.28 -9.95
N PRO D 220 11.02 -12.07 -11.21
CA PRO D 220 10.57 -10.84 -11.90
C PRO D 220 9.05 -10.81 -11.96
N ARG D 221 8.49 -9.60 -11.85
CA ARG D 221 7.05 -9.46 -11.78
CA ARG D 221 7.05 -9.43 -11.79
C ARG D 221 6.37 -10.07 -12.99
N ARG D 222 6.90 -9.82 -14.19
CA ARG D 222 6.22 -10.33 -15.40
C ARG D 222 6.13 -11.85 -15.40
N LEU D 223 7.23 -12.53 -15.03
CA LEU D 223 7.22 -13.99 -14.93
C LEU D 223 6.28 -14.46 -13.83
N ALA D 224 6.25 -13.75 -12.70
CA ALA D 224 5.41 -14.17 -11.59
C ALA D 224 3.92 -14.10 -11.98
N VAL D 225 3.52 -13.03 -12.69
CA VAL D 225 2.13 -12.92 -13.15
C VAL D 225 1.79 -14.04 -14.13
N ARG D 226 2.71 -14.31 -15.06
CA ARG D 226 2.47 -15.36 -16.07
C ARG D 226 2.34 -16.72 -15.43
N LEU D 227 3.24 -17.05 -14.49
CA LEU D 227 3.23 -18.36 -13.86
C LEU D 227 2.01 -18.54 -12.97
N GLY D 228 1.67 -17.51 -12.19
CA GLY D 228 0.49 -17.61 -11.33
C GLY D 228 -0.78 -17.78 -12.13
N ALA D 229 -0.93 -17.00 -13.21
CA ALA D 229 -2.14 -17.12 -14.02
C ALA D 229 -2.21 -18.48 -14.70
N GLN D 230 -1.07 -18.98 -15.18
CA GLN D 230 -1.07 -20.30 -15.80
C GLN D 230 -1.38 -21.39 -14.79
N ALA D 231 -0.90 -21.24 -13.55
CA ALA D 231 -1.18 -22.23 -12.51
C ALA D 231 -2.67 -22.29 -12.21
N LEU D 232 -3.32 -21.12 -12.12
CA LEU D 232 -4.75 -21.07 -11.86
C LEU D 232 -5.54 -21.63 -13.03
N LEU D 233 -5.18 -21.25 -14.25
CA LEU D 233 -5.90 -21.77 -15.41
C LEU D 233 -5.78 -23.29 -15.49
N GLY D 234 -4.57 -23.81 -15.35
CA GLY D 234 -4.37 -25.25 -15.45
C GLY D 234 -5.11 -26.01 -14.37
N ALA D 235 -5.07 -25.49 -13.13
CA ALA D 235 -5.75 -26.16 -12.03
C ALA D 235 -7.25 -26.18 -12.24
N ALA D 236 -7.81 -25.05 -12.66
CA ALA D 236 -9.24 -25.00 -12.97
C ALA D 236 -9.61 -25.98 -14.07
N LYS D 237 -8.79 -26.05 -15.13
CA LYS D 237 -9.06 -27.00 -16.19
C LYS D 237 -8.98 -28.44 -15.70
N MET D 238 -7.98 -28.74 -14.86
CA MET D 238 -7.87 -30.08 -14.29
C MET D 238 -9.16 -30.49 -13.57
N LEU D 239 -9.67 -29.58 -12.73
CA LEU D 239 -10.86 -29.89 -11.96
C LEU D 239 -12.06 -30.11 -12.87
N LEU D 240 -12.20 -29.26 -13.89
CA LEU D 240 -13.32 -29.42 -14.80
C LEU D 240 -13.26 -30.75 -15.55
N HIS D 241 -12.06 -31.27 -15.81
CA HIS D 241 -11.88 -32.49 -16.57
C HIS D 241 -11.77 -33.74 -15.69
N SER D 242 -11.79 -33.59 -14.38
CA SER D 242 -11.62 -34.72 -13.47
C SER D 242 -12.95 -35.04 -12.79
N GLU D 243 -13.14 -36.31 -12.46
CA GLU D 243 -14.27 -36.69 -11.62
C GLU D 243 -13.93 -36.67 -10.14
N GLN D 244 -12.66 -36.44 -9.79
CA GLN D 244 -12.21 -36.52 -8.42
C GLN D 244 -12.52 -35.22 -7.67
N HIS D 245 -12.60 -35.35 -6.35
CA HIS D 245 -12.93 -34.23 -5.49
C HIS D 245 -11.76 -33.23 -5.44
N PRO D 246 -12.05 -31.93 -5.31
CA PRO D 246 -10.95 -30.95 -5.14
C PRO D 246 -9.95 -31.33 -4.07
N GLY D 247 -10.41 -31.98 -2.99
CA GLY D 247 -9.48 -32.43 -1.97
C GLY D 247 -8.54 -33.51 -2.44
N GLN D 248 -9.04 -34.45 -3.26
CA GLN D 248 -8.15 -35.47 -3.79
C GLN D 248 -7.12 -34.86 -4.74
N LEU D 249 -7.51 -33.87 -5.53
CA LEU D 249 -6.56 -33.26 -6.46
C LEU D 249 -5.43 -32.57 -5.70
N LYS D 250 -5.75 -31.89 -4.60
CA LYS D 250 -4.69 -31.25 -3.83
C LYS D 250 -3.77 -32.28 -3.17
N ASP D 251 -4.29 -33.50 -2.92
CA ASP D 251 -3.46 -34.57 -2.38
C ASP D 251 -2.41 -35.04 -3.38
N ASN D 252 -2.76 -35.09 -4.68
CA ASN D 252 -1.79 -35.50 -5.69
C ASN D 252 -0.64 -34.51 -5.82
N VAL D 253 -0.83 -33.25 -5.40
CA VAL D 253 0.26 -32.29 -5.47
C VAL D 253 1.17 -32.41 -4.26
N SER D 254 0.58 -32.56 -3.07
CA SER D 254 1.29 -32.39 -1.80
CA SER D 254 1.30 -32.39 -1.81
C SER D 254 1.99 -33.69 -1.42
N SER D 255 3.31 -33.71 -1.50
CA SER D 255 4.10 -34.80 -1.00
C SER D 255 4.25 -34.69 0.52
N PRO D 256 4.40 -35.80 1.23
CA PRO D 256 4.62 -35.73 2.67
C PRO D 256 5.85 -34.90 3.00
N GLY D 257 5.68 -34.02 3.99
CA GLY D 257 6.73 -33.14 4.47
C GLY D 257 7.15 -32.06 3.49
N GLY D 258 6.47 -31.94 2.36
CA GLY D 258 6.96 -31.14 1.27
C GLY D 258 6.54 -29.68 1.30
N ALA D 259 6.90 -28.99 0.22
CA ALA D 259 6.71 -27.55 0.15
C ALA D 259 5.24 -27.18 0.13
N THR D 260 4.45 -27.91 -0.64
CA THR D 260 3.04 -27.55 -0.81
C THR D 260 2.26 -27.68 0.50
N ILE D 261 2.45 -28.79 1.22
CA ILE D 261 1.68 -28.96 2.46
C ILE D 261 2.10 -27.91 3.49
N HIS D 262 3.37 -27.46 3.46
CA HIS D 262 3.74 -26.36 4.34
C HIS D 262 2.99 -25.08 3.97
N ALA D 263 2.87 -24.79 2.68
CA ALA D 263 2.12 -23.61 2.24
C ALA D 263 0.64 -23.74 2.52
N LEU D 264 0.06 -24.94 2.36
CA LEU D 264 -1.37 -25.10 2.65
C LEU D 264 -1.65 -24.82 4.12
N HIS D 265 -0.71 -25.20 5.00
CA HIS D 265 -0.89 -24.90 6.42
C HIS D 265 -1.00 -23.40 6.67
N VAL D 266 -0.12 -22.60 6.05
CA VAL D 266 -0.21 -21.18 6.37
C VAL D 266 -1.49 -20.58 5.79
N LEU D 267 -1.99 -21.09 4.66
CA LEU D 267 -3.33 -20.69 4.20
C LEU D 267 -4.39 -21.03 5.25
N GLU D 268 -4.35 -22.26 5.77
CA GLU D 268 -5.34 -22.66 6.77
C GLU D 268 -5.25 -21.79 8.02
N SER D 269 -4.04 -21.43 8.44
CA SER D 269 -3.90 -20.67 9.68
C SER D 269 -4.51 -19.28 9.56
N GLY D 270 -4.58 -18.74 8.34
CA GLY D 270 -5.26 -17.48 8.15
C GLY D 270 -6.73 -17.58 7.81
N GLY D 271 -7.29 -18.78 7.80
CA GLY D 271 -8.72 -18.92 7.48
C GLY D 271 -9.02 -18.65 6.03
N PHE D 272 -8.08 -18.97 5.14
CA PHE D 272 -8.23 -18.77 3.70
C PHE D 272 -9.58 -19.23 3.19
N ARG D 273 -9.97 -20.47 3.53
CA ARG D 273 -11.25 -21.00 3.08
C ARG D 273 -12.40 -20.12 3.52
N SER D 274 -12.39 -19.71 4.79
CA SER D 274 -13.52 -18.93 5.29
C SER D 274 -13.64 -17.59 4.58
N LEU D 275 -12.52 -17.00 4.15
CA LEU D 275 -12.59 -15.72 3.46
C LEU D 275 -13.33 -15.85 2.13
N LEU D 276 -13.05 -16.92 1.39
CA LEU D 276 -13.76 -17.14 0.12
C LEU D 276 -15.24 -17.42 0.36
N ILE D 277 -15.59 -18.18 1.42
CA ILE D 277 -17.00 -18.34 1.76
C ILE D 277 -17.62 -16.97 2.09
N ASN D 278 -16.91 -16.17 2.90
CA ASN D 278 -17.38 -14.83 3.23
C ASN D 278 -17.67 -14.01 1.99
N ALA D 279 -16.80 -14.10 0.99
CA ALA D 279 -16.93 -13.30 -0.23
C ALA D 279 -18.19 -13.70 -1.01
N VAL D 280 -18.36 -15.00 -1.28
CA VAL D 280 -19.56 -15.45 -2.01
C VAL D 280 -20.80 -14.98 -1.29
N GLU D 281 -20.82 -15.15 0.04
CA GLU D 281 -21.94 -14.74 0.86
C GLU D 281 -22.18 -13.23 0.75
N ALA D 282 -21.12 -12.44 0.87
CA ALA D 282 -21.31 -10.99 0.89
C ALA D 282 -21.81 -10.48 -0.45
N SER D 283 -21.30 -11.03 -1.55
CA SER D 283 -21.78 -10.62 -2.87
C SER D 283 -23.23 -11.04 -3.07
N CYS D 284 -23.57 -12.26 -2.65
CA CYS D 284 -24.95 -12.71 -2.75
C CYS D 284 -25.89 -11.85 -1.91
N ILE D 285 -25.51 -11.55 -0.66
CA ILE D 285 -26.39 -10.76 0.20
C ILE D 285 -26.54 -9.35 -0.37
N ARG D 286 -25.45 -8.76 -0.87
CA ARG D 286 -25.57 -7.41 -1.42
C ARG D 286 -26.50 -7.40 -2.64
N THR D 287 -26.42 -8.44 -3.46
CA THR D 287 -27.34 -8.57 -4.59
C THR D 287 -28.79 -8.62 -4.10
N ARG D 288 -29.06 -9.45 -3.09
CA ARG D 288 -30.42 -9.50 -2.52
C ARG D 288 -30.84 -8.15 -1.93
N GLU D 289 -29.91 -7.47 -1.27
CA GLU D 289 -30.22 -6.21 -0.58
CA GLU D 289 -30.26 -6.23 -0.59
C GLU D 289 -30.55 -5.11 -1.59
N LEU D 290 -29.78 -5.04 -2.69
CA LEU D 290 -30.07 -4.04 -3.71
C LEU D 290 -31.45 -4.27 -4.31
N GLN D 291 -31.80 -5.53 -4.58
CA GLN D 291 -33.11 -5.80 -5.16
C GLN D 291 -34.23 -5.46 -4.18
N SER D 292 -34.05 -5.79 -2.89
CA SER D 292 -35.08 -5.44 -1.91
C SER D 292 -35.32 -3.94 -1.86
N MET D 293 -34.25 -3.15 -2.01
CA MET D 293 -34.41 -1.70 -2.06
C MET D 293 -35.14 -1.28 -3.34
N ALA D 294 -34.82 -1.92 -4.46
CA ALA D 294 -35.52 -1.62 -5.72
C ALA D 294 -37.01 -1.93 -5.62
N ASP D 295 -37.36 -3.07 -5.02
CA ASP D 295 -38.77 -3.44 -4.90
C ASP D 295 -39.51 -2.50 -3.97
N GLN D 296 -38.86 -2.02 -2.90
CA GLN D 296 -39.44 -0.97 -2.08
C GLN D 296 -39.71 0.28 -2.90
N GLU D 297 -38.79 0.63 -3.79
CA GLU D 297 -39.02 1.70 -4.76
C GLU D 297 -39.99 1.22 -5.84
N PHE E 20 24.07 25.01 46.94
CA PHE E 20 24.76 26.21 47.39
C PHE E 20 24.38 27.42 46.52
N GLN E 21 24.61 28.62 47.06
CA GLN E 21 24.43 29.84 46.28
C GLN E 21 25.62 30.09 45.35
N SER E 22 26.81 29.60 45.73
CA SER E 22 28.00 29.77 44.91
C SER E 22 28.13 28.73 43.81
N MET E 23 27.30 27.69 43.83
CA MET E 23 27.47 26.55 42.93
C MET E 23 27.24 26.95 41.47
N SER E 24 28.18 26.55 40.61
CA SER E 24 28.08 26.78 39.17
C SER E 24 27.76 25.46 38.48
N VAL E 25 26.86 25.51 37.51
CA VAL E 25 26.35 24.32 36.84
C VAL E 25 26.61 24.45 35.34
N GLY E 26 27.03 23.35 34.72
CA GLY E 26 27.23 23.32 33.29
C GLY E 26 26.49 22.18 32.63
N PHE E 27 26.15 22.38 31.36
CA PHE E 27 25.58 21.35 30.51
C PHE E 27 26.44 21.18 29.27
N ILE E 28 27.00 19.99 29.09
CA ILE E 28 27.58 19.59 27.81
CA ILE E 28 27.57 19.61 27.80
C ILE E 28 26.43 19.01 26.98
N GLY E 29 26.02 19.72 25.93
CA GLY E 29 24.84 19.37 25.18
C GLY E 29 23.74 20.35 25.52
N ALA E 30 23.42 21.26 24.60
CA ALA E 30 22.44 22.30 24.90
C ALA E 30 21.13 22.04 24.17
N GLY E 31 20.55 20.86 24.39
CA GLY E 31 19.35 20.43 23.68
C GLY E 31 18.12 20.40 24.56
N GLN E 32 17.21 19.46 24.28
CA GLN E 32 15.93 19.41 24.96
C GLN E 32 16.10 19.27 26.47
N LEU E 33 16.97 18.35 26.90
CA LEU E 33 17.05 18.05 28.33
C LEU E 33 17.76 19.18 29.07
N ALA E 34 18.81 19.74 28.47
CA ALA E 34 19.48 20.89 29.08
C ALA E 34 18.50 22.03 29.26
N PHE E 35 17.64 22.26 28.26
CA PHE E 35 16.67 23.35 28.38
C PHE E 35 15.66 23.06 29.48
N ALA E 36 15.14 21.83 29.51
CA ALA E 36 14.15 21.47 30.53
C ALA E 36 14.71 21.62 31.93
N LEU E 37 15.92 21.10 32.17
CA LEU E 37 16.50 21.21 33.51
C LEU E 37 16.82 22.67 33.85
N ALA E 38 17.41 23.41 32.91
CA ALA E 38 17.75 24.80 33.20
C ALA E 38 16.51 25.62 33.50
N LYS E 39 15.44 25.41 32.72
CA LYS E 39 14.21 26.13 32.99
C LYS E 39 13.64 25.75 34.35
N GLY E 40 13.66 24.47 34.69
CA GLY E 40 13.17 24.04 35.99
C GLY E 40 14.00 24.60 37.13
N PHE E 41 15.33 24.52 37.01
CA PHE E 41 16.19 25.01 38.08
C PHE E 41 15.95 26.50 38.33
N THR E 42 15.86 27.28 37.25
CA THR E 42 15.73 28.72 37.44
C THR E 42 14.33 29.10 37.90
N ALA E 43 13.32 28.35 37.47
CA ALA E 43 11.96 28.60 37.96
C ALA E 43 11.86 28.26 39.44
N ALA E 44 12.57 27.22 39.89
CA ALA E 44 12.58 26.86 41.30
C ALA E 44 13.32 27.88 42.14
N GLY E 45 14.19 28.69 41.54
CA GLY E 45 15.01 29.64 42.28
C GLY E 45 16.24 29.06 42.91
N VAL E 46 16.55 27.78 42.67
CA VAL E 46 17.72 27.19 43.30
C VAL E 46 19.01 27.59 42.59
N LEU E 47 18.91 28.01 41.33
CA LEU E 47 20.03 28.53 40.57
C LEU E 47 19.56 29.76 39.80
N ALA E 48 20.36 30.82 39.82
CA ALA E 48 20.18 31.89 38.86
C ALA E 48 20.71 31.44 37.50
N ALA E 49 20.06 31.93 36.43
CA ALA E 49 20.43 31.50 35.09
C ALA E 49 21.88 31.80 34.78
N HIS E 50 22.43 32.88 35.33
CA HIS E 50 23.81 33.26 35.06
C HIS E 50 24.81 32.32 35.71
N LYS E 51 24.37 31.44 36.61
CA LYS E 51 25.25 30.43 37.17
C LYS E 51 25.28 29.16 36.32
N ILE E 52 24.61 29.16 35.17
CA ILE E 52 24.49 27.99 34.31
C ILE E 52 25.18 28.32 32.99
N MET E 53 26.03 27.41 32.52
CA MET E 53 26.64 27.49 31.20
C MET E 53 26.29 26.23 30.43
N ALA E 54 26.04 26.38 29.12
CA ALA E 54 25.72 25.23 28.28
C ALA E 54 26.49 25.36 26.98
N SER E 55 26.88 24.22 26.41
CA SER E 55 27.67 24.23 25.19
C SER E 55 27.08 23.27 24.16
N SER E 56 27.17 23.68 22.90
CA SER E 56 26.69 22.90 21.77
C SER E 56 27.54 23.27 20.57
N PRO E 57 27.82 22.32 19.68
CA PRO E 57 28.61 22.63 18.47
C PRO E 57 27.83 23.39 17.41
N ASP E 58 26.65 23.92 17.75
CA ASP E 58 25.78 24.62 16.82
C ASP E 58 25.02 25.68 17.64
N MET E 59 25.54 26.90 17.64
CA MET E 59 24.94 28.02 18.37
C MET E 59 23.66 28.56 17.70
N ASP E 60 23.14 27.90 16.67
CA ASP E 60 21.95 28.37 15.97
C ASP E 60 20.72 27.55 16.30
N LEU E 61 20.82 26.62 17.26
CA LEU E 61 19.71 25.75 17.59
C LEU E 61 18.60 26.53 18.32
N ALA E 62 17.39 25.96 18.26
CA ALA E 62 16.27 26.58 18.96
C ALA E 62 16.45 26.52 20.46
N THR E 63 16.88 25.37 20.97
CA THR E 63 17.12 25.24 22.41
C THR E 63 18.22 26.18 22.87
N VAL E 64 19.23 26.39 22.04
CA VAL E 64 20.32 27.30 22.38
C VAL E 64 19.78 28.73 22.52
N SER E 65 18.95 29.15 21.57
CA SER E 65 18.39 30.49 21.63
C SER E 65 17.45 30.65 22.83
N ALA E 66 16.65 29.63 23.12
CA ALA E 66 15.77 29.67 24.29
C ALA E 66 16.58 29.79 25.58
N LEU E 67 17.66 29.01 25.70
CA LEU E 67 18.52 29.10 26.87
C LEU E 67 19.11 30.49 27.02
N ARG E 68 19.49 31.12 25.91
CA ARG E 68 20.12 32.44 26.01
C ARG E 68 19.13 33.48 26.51
N LYS E 69 17.89 33.43 26.01
CA LYS E 69 16.86 34.37 26.47
C LYS E 69 16.63 34.26 27.97
N MET E 70 16.69 33.04 28.51
CA MET E 70 16.50 32.84 29.94
C MET E 70 17.61 33.47 30.76
N GLY E 71 18.78 33.70 30.16
CA GLY E 71 19.93 34.25 30.86
C GLY E 71 21.09 33.28 31.03
N VAL E 72 21.00 32.08 30.45
CA VAL E 72 22.08 31.10 30.56
C VAL E 72 23.24 31.51 29.66
N LYS E 73 24.46 31.29 30.14
CA LYS E 73 25.66 31.51 29.33
C LYS E 73 25.81 30.40 28.32
N LEU E 74 26.17 30.75 27.09
CA LEU E 74 26.35 29.74 26.05
C LEU E 74 27.72 29.87 25.41
N THR E 75 28.24 28.75 24.93
CA THR E 75 29.54 28.69 24.28
C THR E 75 29.57 27.48 23.36
N PRO E 76 30.32 27.52 22.26
CA PRO E 76 30.53 26.31 21.48
C PRO E 76 31.60 25.39 22.03
N HIS E 77 32.39 25.85 23.00
CA HIS E 77 33.56 25.12 23.49
C HIS E 77 33.21 24.38 24.77
N ASN E 78 33.17 23.04 24.70
CA ASN E 78 32.92 22.23 25.88
C ASN E 78 33.95 22.48 26.98
N LYS E 79 35.19 22.80 26.61
CA LYS E 79 36.21 23.09 27.63
C LYS E 79 35.80 24.28 28.49
N GLU E 80 35.14 25.28 27.90
CA GLU E 80 34.73 26.44 28.69
C GLU E 80 33.63 26.09 29.67
N THR E 81 32.69 25.25 29.24
CA THR E 81 31.68 24.74 30.16
C THR E 81 32.32 24.01 31.34
N VAL E 82 33.32 23.18 31.05
CA VAL E 82 34.02 22.45 32.12
C VAL E 82 34.69 23.43 33.08
N GLN E 83 35.39 24.43 32.54
CA GLN E 83 36.08 25.40 33.38
C GLN E 83 35.10 26.24 34.20
N HIS E 84 33.90 26.49 33.67
CA HIS E 84 32.88 27.26 34.40
C HIS E 84 32.29 26.48 35.56
N SER E 85 32.18 25.16 35.43
CA SER E 85 31.23 24.39 36.22
C SER E 85 31.86 23.75 37.45
N ASP E 86 31.05 23.62 38.49
CA ASP E 86 31.27 22.68 39.59
C ASP E 86 30.52 21.38 39.38
N VAL E 87 29.21 21.46 39.09
CA VAL E 87 28.39 20.32 38.72
C VAL E 87 28.28 20.33 37.19
N LEU E 88 28.66 19.22 36.56
CA LEU E 88 28.75 19.14 35.11
C LEU E 88 27.78 18.07 34.63
N PHE E 89 26.66 18.48 34.03
CA PHE E 89 25.70 17.56 33.44
C PHE E 89 26.14 17.19 32.03
N LEU E 90 26.13 15.89 31.73
CA LEU E 90 26.36 15.40 30.39
C LEU E 90 24.99 15.14 29.77
N ALA E 91 24.60 15.99 28.82
CA ALA E 91 23.28 15.96 28.20
C ALA E 91 23.40 15.89 26.69
N VAL E 92 24.34 15.08 26.23
CA VAL E 92 24.45 14.71 24.83
C VAL E 92 23.87 13.30 24.68
N LYS E 93 23.65 12.89 23.43
CA LYS E 93 23.10 11.55 23.18
C LYS E 93 24.07 10.48 23.67
N PRO E 94 23.57 9.29 24.04
CA PRO E 94 24.46 8.28 24.67
C PRO E 94 25.66 7.88 23.83
N HIS E 95 25.50 7.77 22.51
CA HIS E 95 26.63 7.37 21.68
C HIS E 95 27.71 8.45 21.63
N ILE E 96 27.40 9.68 22.02
CA ILE E 96 28.38 10.76 22.01
C ILE E 96 29.11 10.88 23.34
N ILE E 97 28.60 10.26 24.43
CA ILE E 97 29.28 10.32 25.72
C ILE E 97 30.76 9.96 25.63
N PRO E 98 31.15 8.82 25.05
CA PRO E 98 32.58 8.50 25.03
C PRO E 98 33.41 9.56 24.32
N PHE E 99 32.87 10.15 23.25
CA PHE E 99 33.58 11.21 22.56
C PHE E 99 33.81 12.41 23.46
N ILE E 100 32.78 12.79 24.22
CA ILE E 100 32.87 13.96 25.10
C ILE E 100 33.89 13.72 26.20
N LEU E 101 33.89 12.51 26.78
CA LEU E 101 34.80 12.24 27.88
C LEU E 101 36.25 12.31 27.42
N ASP E 102 36.53 11.84 26.19
CA ASP E 102 37.89 11.96 25.66
C ASP E 102 38.26 13.42 25.41
N GLU E 103 37.30 14.25 25.02
CA GLU E 103 37.60 15.65 24.73
C GLU E 103 37.91 16.43 26.00
N ILE E 104 37.12 16.24 27.06
CA ILE E 104 37.23 17.06 28.26
C ILE E 104 37.90 16.34 29.41
N GLY E 105 38.36 15.09 29.21
CA GLY E 105 38.89 14.31 30.30
C GLY E 105 40.05 14.98 31.03
N ALA E 106 40.99 15.56 30.28
CA ALA E 106 42.12 16.22 30.91
C ALA E 106 41.74 17.50 31.63
N ASP E 107 40.50 17.99 31.43
CA ASP E 107 40.03 19.21 32.07
C ASP E 107 39.25 18.96 33.35
N ILE E 108 38.93 17.70 33.66
CA ILE E 108 38.24 17.40 34.90
C ILE E 108 39.19 17.64 36.07
N GLU E 109 38.69 18.29 37.11
CA GLU E 109 39.47 18.62 38.30
C GLU E 109 38.82 17.98 39.53
N ASP E 110 39.47 18.20 40.68
CA ASP E 110 38.98 17.59 41.91
C ASP E 110 37.61 18.10 42.29
N ARG E 111 37.33 19.38 42.01
CA ARG E 111 36.05 19.99 42.39
C ARG E 111 34.87 19.45 41.61
N HIS E 112 35.09 18.74 40.52
CA HIS E 112 34.01 18.43 39.59
C HIS E 112 33.16 17.27 40.07
N ILE E 113 31.85 17.43 39.96
CA ILE E 113 30.89 16.33 40.02
C ILE E 113 30.34 16.16 38.62
N VAL E 114 30.60 15.00 38.01
CA VAL E 114 30.16 14.73 36.65
C VAL E 114 28.86 13.95 36.74
N VAL E 115 27.80 14.52 36.19
CA VAL E 115 26.46 13.93 36.27
C VAL E 115 26.05 13.51 34.87
N SER E 116 26.07 12.20 34.59
CA SER E 116 25.64 11.71 33.29
C SER E 116 24.13 11.52 33.27
N CYS E 117 23.47 12.13 32.30
CA CYS E 117 22.04 11.98 32.10
C CYS E 117 21.71 10.97 31.02
N ALA E 118 22.72 10.43 30.34
CA ALA E 118 22.50 9.59 29.18
C ALA E 118 21.83 8.27 29.57
N ALA E 119 20.81 7.89 28.80
CA ALA E 119 20.20 6.58 28.99
C ALA E 119 21.22 5.48 28.73
N GLY E 120 21.19 4.43 29.57
CA GLY E 120 21.99 3.25 29.35
C GLY E 120 23.43 3.33 29.84
N VAL E 121 24.07 4.50 29.69
CA VAL E 121 25.52 4.59 29.84
C VAL E 121 25.90 4.34 31.29
N THR E 122 26.80 3.38 31.51
CA THR E 122 27.10 2.95 32.85
C THR E 122 28.12 3.86 33.53
N ILE E 123 28.01 3.93 34.86
CA ILE E 123 29.02 4.63 35.66
C ILE E 123 30.40 4.06 35.37
N SER E 124 30.49 2.73 35.25
CA SER E 124 31.77 2.07 34.99
C SER E 124 32.42 2.60 33.71
N SER E 125 31.65 2.67 32.63
CA SER E 125 32.18 3.15 31.36
C SER E 125 32.67 4.59 31.47
N ILE E 126 31.96 5.42 32.23
CA ILE E 126 32.36 6.82 32.40
C ILE E 126 33.62 6.91 33.25
N GLU E 127 33.62 6.22 34.39
CA GLU E 127 34.79 6.25 35.27
C GLU E 127 36.02 5.71 34.57
N LYS E 128 35.85 4.71 33.70
CA LYS E 128 37.01 4.15 33.00
C LYS E 128 37.65 5.18 32.08
N LYS E 129 36.83 5.89 31.30
CA LYS E 129 37.34 6.91 30.38
C LYS E 129 38.01 8.05 31.12
N LEU E 130 37.36 8.55 32.18
CA LEU E 130 37.88 9.71 32.90
C LEU E 130 39.11 9.36 33.74
N SER E 131 39.18 8.14 34.30
CA SER E 131 40.32 7.78 35.16
C SER E 131 41.62 7.66 34.39
N ALA E 132 41.55 7.57 33.05
CA ALA E 132 42.76 7.62 32.25
C ALA E 132 43.48 8.95 32.38
N PHE E 133 42.76 10.02 32.72
CA PHE E 133 43.35 11.35 32.85
C PHE E 133 43.64 11.76 34.28
N ARG E 134 42.75 11.46 35.22
CA ARG E 134 42.89 11.84 36.62
C ARG E 134 42.18 10.75 37.42
N PRO E 135 42.78 10.23 38.48
N PRO E 135 42.83 10.18 38.43
CA PRO E 135 42.43 8.85 38.92
CA PRO E 135 42.15 9.19 39.26
C PRO E 135 41.07 8.66 39.58
C PRO E 135 41.03 9.83 40.06
N ALA E 136 40.46 9.69 40.16
N ALA E 136 40.09 8.98 40.46
CA ALA E 136 39.31 9.52 41.05
CA ALA E 136 38.97 9.31 41.32
C ALA E 136 38.14 10.42 40.66
C ALA E 136 38.01 10.35 40.73
N PRO E 137 37.56 10.22 39.49
CA PRO E 137 36.48 11.09 39.04
C PRO E 137 35.22 10.85 39.87
N ARG E 138 34.59 11.94 40.29
CA ARG E 138 33.33 11.89 41.03
C ARG E 138 32.19 11.84 40.03
N VAL E 139 31.56 10.68 39.89
CA VAL E 139 30.54 10.45 38.86
C VAL E 139 29.22 10.09 39.51
N ILE E 140 28.14 10.67 38.99
CA ILE E 140 26.77 10.31 39.34
C ILE E 140 26.02 10.06 38.04
N ARG E 141 25.21 9.01 38.02
CA ARG E 141 24.35 8.71 36.88
C ARG E 141 22.91 9.01 37.26
N CYS E 142 22.18 9.71 36.39
CA CYS E 142 20.78 9.91 36.69
C CYS E 142 19.90 9.52 35.50
N MET E 143 18.63 9.28 35.80
CA MET E 143 17.61 9.17 34.77
C MET E 143 16.50 10.10 35.19
N THR E 144 16.20 11.09 34.36
CA THR E 144 15.17 12.07 34.67
C THR E 144 14.19 12.07 33.49
N ASN E 145 13.35 13.11 33.40
CA ASN E 145 12.42 13.17 32.28
C ASN E 145 12.07 14.64 32.00
N THR E 146 11.39 14.86 30.87
CA THR E 146 11.17 16.23 30.43
C THR E 146 10.29 17.05 31.38
N PRO E 147 9.37 16.48 32.17
CA PRO E 147 8.53 17.34 33.03
C PRO E 147 9.29 18.10 34.12
N VAL E 148 10.61 17.94 34.23
CA VAL E 148 11.36 18.88 35.06
C VAL E 148 11.16 20.31 34.59
N VAL E 149 10.77 20.50 33.33
CA VAL E 149 10.54 21.84 32.80
C VAL E 149 9.37 22.55 33.52
N VAL E 150 8.45 21.79 34.11
CA VAL E 150 7.37 22.35 34.93
C VAL E 150 7.52 21.92 36.39
N ARG E 151 8.75 21.57 36.78
CA ARG E 151 9.08 21.21 38.16
CA ARG E 151 9.10 21.19 38.15
C ARG E 151 8.28 20.00 38.66
N GLU E 152 7.91 19.09 37.75
CA GLU E 152 7.23 17.86 38.12
C GLU E 152 7.89 16.65 37.47
N GLY E 153 9.22 16.69 37.39
CA GLY E 153 9.97 15.56 36.89
C GLY E 153 9.96 14.38 37.83
N ALA E 154 10.50 13.27 37.32
CA ALA E 154 10.73 12.04 38.07
C ALA E 154 12.17 11.66 37.81
N THR E 155 12.99 11.70 38.86
CA THR E 155 14.43 11.54 38.72
C THR E 155 14.94 10.48 39.68
N VAL E 156 15.77 9.56 39.18
CA VAL E 156 16.54 8.70 40.07
C VAL E 156 18.01 8.92 39.75
N TYR E 157 18.85 8.59 40.73
CA TYR E 157 20.29 8.72 40.52
C TYR E 157 21.02 7.62 41.27
N ALA E 158 22.19 7.25 40.75
CA ALA E 158 23.10 6.33 41.43
C ALA E 158 24.49 6.98 41.53
N THR E 159 25.14 6.77 42.66
CA THR E 159 26.45 7.38 42.93
C THR E 159 27.57 6.43 42.53
N GLY E 160 28.65 7.02 41.99
CA GLY E 160 29.79 6.25 41.52
C GLY E 160 30.80 5.97 42.61
N THR E 161 31.90 5.34 42.19
CA THR E 161 32.91 4.81 43.11
C THR E 161 33.52 5.89 43.99
N HIS E 162 33.81 7.05 43.41
CA HIS E 162 34.51 8.11 44.11
C HIS E 162 33.61 9.27 44.47
N ALA E 163 32.31 9.15 44.22
CA ALA E 163 31.37 10.17 44.66
C ALA E 163 31.39 10.25 46.18
N GLN E 164 31.47 11.47 46.70
CA GLN E 164 31.43 11.64 48.14
C GLN E 164 29.99 11.58 48.63
N VAL E 165 29.83 11.40 49.94
CA VAL E 165 28.48 11.27 50.50
C VAL E 165 27.69 12.55 50.29
N GLU E 166 28.33 13.70 50.51
CA GLU E 166 27.68 14.97 50.25
C GLU E 166 27.41 15.19 48.77
N ASP E 167 28.09 14.45 47.87
CA ASP E 167 27.80 14.57 46.45
C ASP E 167 26.41 14.06 46.14
N GLY E 168 26.05 12.91 46.70
CA GLY E 168 24.70 12.39 46.50
C GLY E 168 23.64 13.30 47.10
N ARG E 169 23.92 13.84 48.30
CA ARG E 169 22.95 14.72 48.93
C ARG E 169 22.79 16.01 48.14
N LEU E 170 23.89 16.56 47.62
CA LEU E 170 23.82 17.75 46.79
C LEU E 170 22.97 17.48 45.55
N MET E 171 23.24 16.37 44.86
N MET E 171 23.18 16.36 44.88
CA MET E 171 22.48 15.96 43.70
CA MET E 171 22.41 16.14 43.66
C MET E 171 21.00 15.90 44.02
C MET E 171 20.95 15.84 43.96
N GLU E 172 20.66 15.20 45.11
CA GLU E 172 19.26 15.01 45.46
C GLU E 172 18.59 16.34 45.78
N GLN E 173 19.30 17.23 46.49
CA GLN E 173 18.76 18.55 46.78
C GLN E 173 18.46 19.30 45.49
N LEU E 174 19.41 19.29 44.54
CA LEU E 174 19.22 20.02 43.29
C LEU E 174 18.05 19.43 42.48
N LEU E 175 18.04 18.13 42.30
CA LEU E 175 17.03 17.56 41.43
CA LEU E 175 17.03 17.54 41.43
C LEU E 175 15.66 17.46 42.10
N SER E 176 15.60 17.52 43.44
CA SER E 176 14.30 17.55 44.10
C SER E 176 13.61 18.89 43.88
N SER E 177 14.35 19.91 43.47
CA SER E 177 13.71 21.21 43.22
C SER E 177 12.86 21.19 41.96
N VAL E 178 13.03 20.19 41.10
CA VAL E 178 12.30 20.13 39.85
C VAL E 178 11.44 18.87 39.75
N GLY E 179 11.22 18.18 40.87
CA GLY E 179 10.34 17.03 40.87
C GLY E 179 10.73 16.03 41.94
N PHE E 180 10.21 14.82 41.78
CA PHE E 180 10.57 13.70 42.65
C PHE E 180 12.01 13.30 42.38
N CYS E 181 12.74 12.97 43.44
CA CYS E 181 14.11 12.49 43.26
C CYS E 181 14.46 11.50 44.37
N THR E 182 15.00 10.35 43.99
CA THR E 182 15.47 9.40 44.98
C THR E 182 16.69 8.66 44.46
N GLU E 183 17.52 8.21 45.39
CA GLU E 183 18.68 7.40 45.05
C GLU E 183 18.24 5.96 44.80
N VAL E 184 18.85 5.33 43.80
CA VAL E 184 18.63 3.91 43.51
C VAL E 184 19.98 3.24 43.28
N GLU E 185 19.96 1.91 43.36
CA GLU E 185 21.06 1.12 42.83
C GLU E 185 21.09 1.27 41.31
N GLU E 186 22.30 1.31 40.75
CA GLU E 186 22.41 1.56 39.31
C GLU E 186 21.67 0.51 38.50
N ASP E 187 21.56 -0.72 39.01
CA ASP E 187 20.95 -1.72 38.14
C ASP E 187 19.44 -1.54 38.00
N LEU E 188 18.83 -0.56 38.65
CA LEU E 188 17.42 -0.26 38.41
C LEU E 188 17.21 0.79 37.32
N ILE E 189 18.25 1.50 36.88
CA ILE E 189 18.04 2.71 36.08
C ILE E 189 17.47 2.38 34.70
N ASP E 190 17.83 1.23 34.10
CA ASP E 190 17.28 0.92 32.78
C ASP E 190 15.77 0.65 32.86
N ALA E 191 15.32 0.01 33.94
CA ALA E 191 13.88 -0.16 34.16
C ALA E 191 13.18 1.16 34.44
N VAL E 192 13.81 2.04 35.22
CA VAL E 192 13.22 3.37 35.46
C VAL E 192 13.07 4.09 34.13
N THR E 193 14.05 3.94 33.23
CA THR E 193 13.94 4.57 31.92
C THR E 193 12.66 4.12 31.22
N GLY E 194 12.36 2.81 31.29
CA GLY E 194 11.17 2.30 30.63
C GLY E 194 9.88 2.82 31.23
N LEU E 195 9.91 3.21 32.50
CA LEU E 195 8.71 3.63 33.21
C LEU E 195 8.58 5.14 33.21
N SER E 196 9.43 5.86 33.96
CA SER E 196 9.26 7.31 34.03
C SER E 196 10.08 8.07 32.98
N GLY E 197 11.12 7.48 32.42
CA GLY E 197 11.84 8.16 31.36
C GLY E 197 11.00 8.28 30.09
N SER E 198 10.46 7.16 29.63
CA SER E 198 9.58 7.12 28.49
C SER E 198 8.13 7.46 28.84
N GLY E 199 7.78 7.36 30.12
CA GLY E 199 6.42 7.58 30.58
C GLY E 199 5.69 8.78 30.02
N PRO E 200 6.33 9.95 29.99
CA PRO E 200 5.61 11.13 29.48
C PRO E 200 5.13 10.94 28.05
N ALA E 201 5.90 10.21 27.22
CA ALA E 201 5.45 9.96 25.85
C ALA E 201 4.22 9.06 25.82
N TYR E 202 4.14 8.08 26.74
CA TYR E 202 2.92 7.27 26.82
C TYR E 202 1.74 8.15 27.15
N ALA E 203 1.93 9.10 28.08
CA ALA E 203 0.86 9.99 28.49
C ALA E 203 0.45 10.93 27.37
N PHE E 204 1.42 11.49 26.63
CA PHE E 204 1.08 12.34 25.49
C PHE E 204 0.26 11.58 24.46
N THR E 205 0.64 10.33 24.18
CA THR E 205 -0.13 9.49 23.26
C THR E 205 -1.55 9.28 23.78
N ALA E 206 -1.65 8.93 25.07
CA ALA E 206 -2.95 8.69 25.69
C ALA E 206 -3.81 9.94 25.64
N LEU E 207 -3.21 11.10 25.90
CA LEU E 207 -4.01 12.35 25.91
C LEU E 207 -4.48 12.73 24.50
N ASP E 208 -3.65 12.52 23.48
CA ASP E 208 -4.09 12.72 22.10
C ASP E 208 -5.30 11.85 21.80
N ALA E 209 -5.23 10.56 22.18
CA ALA E 209 -6.32 9.62 21.90
C ALA E 209 -7.57 9.96 22.71
N LEU E 210 -7.40 10.30 24.00
CA LEU E 210 -8.55 10.69 24.80
C LEU E 210 -9.24 11.90 24.20
N ALA E 211 -8.46 12.86 23.72
CA ALA E 211 -9.04 14.03 23.08
C ALA E 211 -9.80 13.64 21.82
N ASP E 212 -9.23 12.74 21.01
CA ASP E 212 -9.94 12.20 19.84
C ASP E 212 -11.27 11.59 20.25
N GLY E 213 -11.29 10.85 21.36
CA GLY E 213 -12.55 10.31 21.87
C GLY E 213 -13.55 11.39 22.26
N GLY E 214 -13.08 12.41 22.99
CA GLY E 214 -13.94 13.55 23.30
C GLY E 214 -14.50 14.21 22.05
N VAL E 215 -13.65 14.40 21.03
CA VAL E 215 -14.10 15.01 19.78
C VAL E 215 -15.12 14.11 19.08
N LYS E 216 -14.88 12.79 19.07
CA LYS E 216 -15.85 11.89 18.45
C LYS E 216 -17.21 12.03 19.10
N MET E 217 -17.26 12.22 20.41
CA MET E 217 -18.53 12.33 21.13
C MET E 217 -19.07 13.76 21.18
N GLY E 218 -18.44 14.70 20.48
CA GLY E 218 -19.05 16.01 20.26
C GLY E 218 -18.37 17.17 20.97
N LEU E 219 -17.25 16.95 21.69
CA LEU E 219 -16.57 18.07 22.34
C LEU E 219 -15.65 18.80 21.37
N PRO E 220 -15.58 20.12 21.45
CA PRO E 220 -14.50 20.84 20.76
C PRO E 220 -13.14 20.33 21.18
N ARG E 221 -12.21 20.32 20.22
CA ARG E 221 -10.87 19.76 20.45
CA ARG E 221 -10.89 19.74 20.48
C ARG E 221 -10.16 20.43 21.63
N ARG E 222 -10.21 21.76 21.69
CA ARG E 222 -9.47 22.46 22.75
C ARG E 222 -9.98 22.08 24.13
N LEU E 223 -11.31 22.00 24.29
CA LEU E 223 -11.89 21.58 25.56
C LEU E 223 -11.56 20.13 25.86
N ALA E 224 -11.60 19.26 24.85
CA ALA E 224 -11.29 17.86 25.08
C ALA E 224 -9.84 17.67 25.55
N VAL E 225 -8.89 18.42 24.96
CA VAL E 225 -7.50 18.33 25.39
C VAL E 225 -7.36 18.78 26.83
N ARG E 226 -7.99 19.91 27.17
CA ARG E 226 -7.91 20.47 28.52
C ARG E 226 -8.49 19.52 29.55
N LEU E 227 -9.68 18.96 29.26
CA LEU E 227 -10.33 18.08 30.21
C LEU E 227 -9.57 16.78 30.40
N GLY E 228 -9.02 16.21 29.32
CA GLY E 228 -8.31 14.95 29.43
C GLY E 228 -7.03 15.11 30.20
N ALA E 229 -6.29 16.20 29.93
CA ALA E 229 -5.06 16.46 30.67
C ALA E 229 -5.35 16.72 32.14
N GLN E 230 -6.40 17.50 32.43
CA GLN E 230 -6.76 17.75 33.82
C GLN E 230 -7.18 16.47 34.53
N ALA E 231 -7.91 15.60 33.83
CA ALA E 231 -8.29 14.31 34.42
C ALA E 231 -7.07 13.49 34.78
N LEU E 232 -6.08 13.44 33.89
CA LEU E 232 -4.89 12.64 34.17
C LEU E 232 -4.06 13.26 35.28
N LEU E 233 -3.92 14.59 35.27
CA LEU E 233 -3.16 15.26 36.33
C LEU E 233 -3.81 15.02 37.69
N GLY E 234 -5.13 15.22 37.77
CA GLY E 234 -5.80 15.05 39.04
C GLY E 234 -5.74 13.63 39.54
N ALA E 235 -5.91 12.65 38.64
CA ALA E 235 -5.88 11.26 39.06
C ALA E 235 -4.50 10.89 39.58
N ALA E 236 -3.46 11.34 38.89
CA ALA E 236 -2.10 11.06 39.33
C ALA E 236 -1.83 11.67 40.70
N LYS E 237 -2.26 12.92 40.90
CA LYS E 237 -2.09 13.54 42.20
C LYS E 237 -2.87 12.79 43.29
N MET E 238 -4.09 12.34 42.98
CA MET E 238 -4.84 11.54 43.96
C MET E 238 -4.06 10.33 44.43
N LEU E 239 -3.46 9.61 43.48
CA LEU E 239 -2.73 8.40 43.84
C LEU E 239 -1.49 8.75 44.66
N LEU E 240 -0.80 9.83 44.31
CA LEU E 240 0.37 10.23 45.08
C LEU E 240 0.00 10.62 46.50
N HIS E 241 -1.19 11.16 46.70
CA HIS E 241 -1.62 11.61 48.02
C HIS E 241 -2.42 10.55 48.77
N SER E 242 -2.58 9.36 48.22
CA SER E 242 -3.40 8.33 48.84
C SER E 242 -2.51 7.18 49.31
N GLU E 243 -2.92 6.52 50.37
CA GLU E 243 -2.29 5.26 50.75
C GLU E 243 -2.96 4.07 50.08
N GLN E 244 -4.09 4.29 49.42
CA GLN E 244 -4.86 3.20 48.87
C GLN E 244 -4.27 2.71 47.56
N HIS E 245 -4.56 1.45 47.27
CA HIS E 245 -4.07 0.82 46.05
C HIS E 245 -4.75 1.46 44.85
N PRO E 246 -4.05 1.60 43.72
CA PRO E 246 -4.71 2.11 42.51
C PRO E 246 -5.94 1.32 42.13
N GLY E 247 -5.93 0.01 42.38
CA GLY E 247 -7.14 -0.77 42.16
C GLY E 247 -8.26 -0.35 43.09
N GLN E 248 -7.95 0.00 44.33
CA GLN E 248 -8.98 0.50 45.24
C GLN E 248 -9.51 1.83 44.78
N LEU E 249 -8.65 2.74 44.31
CA LEU E 249 -9.13 4.00 43.79
C LEU E 249 -9.99 3.78 42.55
N LYS E 250 -9.58 2.83 41.69
CA LYS E 250 -10.42 2.37 40.59
C LYS E 250 -11.78 1.91 41.11
N ASP E 251 -11.77 1.02 42.12
CA ASP E 251 -13.03 0.56 42.69
C ASP E 251 -13.84 1.72 43.21
N ASN E 252 -13.18 2.71 43.82
CA ASN E 252 -13.90 3.83 44.43
C ASN E 252 -14.60 4.72 43.41
N VAL E 253 -14.15 4.75 42.16
CA VAL E 253 -14.68 5.70 41.18
C VAL E 253 -15.56 5.01 40.12
N SER E 254 -16.04 3.79 40.33
CA SER E 254 -16.89 3.12 39.36
CA SER E 254 -16.89 3.12 39.36
C SER E 254 -18.19 2.69 40.03
N SER E 255 -19.28 3.42 39.75
CA SER E 255 -20.58 3.10 40.31
CA SER E 255 -20.59 3.11 40.31
C SER E 255 -21.16 1.84 39.65
N PRO E 256 -21.91 1.04 40.40
CA PRO E 256 -22.51 -0.17 39.81
C PRO E 256 -23.41 0.16 38.62
N GLY E 257 -23.22 -0.58 37.53
CA GLY E 257 -23.98 -0.39 36.32
C GLY E 257 -23.66 0.86 35.55
N GLY E 258 -22.69 1.65 36.00
CA GLY E 258 -22.51 3.00 35.50
C GLY E 258 -21.62 3.12 34.26
N ALA E 259 -21.42 4.38 33.88
CA ALA E 259 -20.68 4.70 32.67
C ALA E 259 -19.23 4.28 32.77
N THR E 260 -18.60 4.52 33.93
CA THR E 260 -17.17 4.23 34.07
C THR E 260 -16.90 2.73 33.95
N ILE E 261 -17.67 1.90 34.64
CA ILE E 261 -17.39 0.46 34.58
C ILE E 261 -17.64 -0.08 33.18
N HIS E 262 -18.58 0.51 32.43
CA HIS E 262 -18.74 0.13 31.03
C HIS E 262 -17.49 0.49 30.23
N ALA E 263 -16.91 1.67 30.45
CA ALA E 263 -15.69 2.04 29.74
C ALA E 263 -14.51 1.18 30.17
N LEU E 264 -14.40 0.85 31.46
CA LEU E 264 -13.29 0.01 31.88
C LEU E 264 -13.36 -1.35 31.21
N HIS E 265 -14.58 -1.87 30.97
CA HIS E 265 -14.68 -3.16 30.29
C HIS E 265 -14.08 -3.10 28.88
N VAL E 266 -14.36 -2.03 28.12
CA VAL E 266 -13.82 -2.00 26.77
C VAL E 266 -12.32 -1.83 26.79
N LEU E 267 -11.76 -1.10 27.78
CA LEU E 267 -10.30 -1.09 27.94
C LEU E 267 -9.79 -2.50 28.19
N GLU E 268 -10.42 -3.24 29.11
CA GLU E 268 -9.95 -4.60 29.40
C GLU E 268 -10.03 -5.50 28.17
N SER E 269 -11.09 -5.35 27.37
CA SER E 269 -11.29 -6.26 26.24
C SER E 269 -10.19 -6.07 25.20
N GLY E 270 -9.59 -4.89 25.14
CA GLY E 270 -8.47 -4.66 24.26
C GLY E 270 -7.13 -4.95 24.88
N GLY E 271 -7.08 -5.46 26.12
CA GLY E 271 -5.79 -5.71 26.74
C GLY E 271 -5.03 -4.46 27.08
N PHE E 272 -5.73 -3.38 27.43
CA PHE E 272 -5.11 -2.10 27.77
C PHE E 272 -3.94 -2.26 28.72
N ARG E 273 -4.15 -3.02 29.81
CA ARG E 273 -3.10 -3.15 30.81
C ARG E 273 -1.86 -3.77 30.20
N SER E 274 -2.05 -4.81 29.38
CA SER E 274 -0.92 -5.50 28.80
C SER E 274 -0.10 -4.59 27.88
N LEU E 275 -0.77 -3.64 27.20
CA LEU E 275 -0.01 -2.75 26.30
C LEU E 275 0.95 -1.88 27.08
N LEU E 276 0.50 -1.36 28.24
CA LEU E 276 1.40 -0.55 29.07
C LEU E 276 2.53 -1.38 29.66
N ILE E 277 2.26 -2.63 30.06
CA ILE E 277 3.35 -3.51 30.46
C ILE E 277 4.30 -3.73 29.29
N ASN E 278 3.76 -4.00 28.11
CA ASN E 278 4.61 -4.17 26.92
C ASN E 278 5.53 -2.97 26.73
N ALA E 279 5.00 -1.77 26.93
CA ALA E 279 5.74 -0.54 26.67
C ALA E 279 6.93 -0.40 27.62
N VAL E 280 6.67 -0.52 28.92
CA VAL E 280 7.77 -0.43 29.90
C VAL E 280 8.85 -1.43 29.56
N GLU E 281 8.45 -2.67 29.29
CA GLU E 281 9.39 -3.72 28.93
C GLU E 281 10.18 -3.37 27.68
N ALA E 282 9.49 -2.88 26.63
CA ALA E 282 10.19 -2.62 25.37
C ALA E 282 11.19 -1.49 25.52
N SER E 283 10.82 -0.44 26.26
CA SER E 283 11.75 0.67 26.49
C SER E 283 12.95 0.22 27.33
N CYS E 284 12.70 -0.56 28.39
CA CYS E 284 13.79 -1.07 29.21
C CYS E 284 14.73 -1.96 28.40
N ILE E 285 14.15 -2.87 27.61
CA ILE E 285 14.98 -3.79 26.86
C ILE E 285 15.79 -3.05 25.80
N ARG E 286 15.18 -2.07 25.13
CA ARG E 286 15.93 -1.31 24.14
C ARG E 286 17.09 -0.56 24.81
N THR E 287 16.85 -0.03 26.00
CA THR E 287 17.92 0.65 26.74
C THR E 287 19.07 -0.30 27.03
N ARG E 288 18.75 -1.53 27.47
CA ARG E 288 19.80 -2.52 27.71
C ARG E 288 20.52 -2.88 26.42
N GLU E 289 19.78 -3.01 25.32
CA GLU E 289 20.37 -3.39 24.04
CA GLU E 289 20.38 -3.39 24.04
C GLU E 289 21.31 -2.30 23.52
N LEU E 290 20.93 -1.04 23.66
CA LEU E 290 21.79 0.04 23.21
C LEU E 290 23.11 0.03 23.98
N GLN E 291 23.05 -0.19 25.30
CA GLN E 291 24.28 -0.17 26.08
C GLN E 291 25.15 -1.39 25.76
N SER E 292 24.55 -2.56 25.54
CA SER E 292 25.35 -3.71 25.13
C SER E 292 26.10 -3.42 23.84
N MET E 293 25.47 -2.68 22.91
CA MET E 293 26.16 -2.30 21.69
C MET E 293 27.28 -1.31 21.98
N ALA E 294 27.04 -0.39 22.92
CA ALA E 294 28.10 0.54 23.31
C ALA E 294 29.29 -0.19 23.91
N ASP E 295 29.05 -1.06 24.89
CA ASP E 295 30.15 -1.81 25.49
C ASP E 295 30.85 -2.70 24.46
N GLN E 296 30.10 -3.25 23.50
CA GLN E 296 30.68 -4.07 22.45
C GLN E 296 31.55 -3.23 21.52
PA NAI F . 15.78 -2.46 -12.62
O1A NAI F . 15.98 -3.94 -12.49
O2A NAI F . 14.61 -1.78 -13.23
O5B NAI F . 17.05 -2.02 -13.69
C5B NAI F . 18.16 -2.79 -13.41
C4B NAI F . 18.97 -2.75 -14.72
O4B NAI F . 20.33 -3.24 -14.60
C3B NAI F . 18.23 -3.66 -15.75
O3B NAI F . 17.96 -2.84 -16.84
C2B NAI F . 19.31 -4.71 -16.09
O2B NAI F . 19.26 -5.10 -17.42
C1B NAI F . 20.59 -3.88 -15.84
N9A NAI F . 21.76 -4.73 -15.69
C8A NAI F . 21.86 -6.06 -15.22
N7A NAI F . 23.13 -6.51 -15.24
C5A NAI F . 23.88 -5.43 -15.74
C6A NAI F . 25.25 -5.28 -16.00
N6A NAI F . 26.11 -6.29 -15.77
N1A NAI F . 25.72 -4.11 -16.51
C2A NAI F . 24.81 -3.13 -16.73
N3A NAI F . 23.48 -3.12 -16.54
C4A NAI F . 23.04 -4.31 -16.02
O3 NAI F . 16.23 -1.96 -11.15
PN NAI F . 15.97 -0.39 -10.78
O1N NAI F . 16.27 0.67 -11.81
O2N NAI F . 14.66 -0.42 -10.02
O5D NAI F . 16.98 -0.10 -9.46
C5D NAI F . 18.30 0.01 -9.84
C4D NAI F . 19.08 0.53 -8.63
O4D NAI F . 18.42 1.69 -8.14
C3D NAI F . 19.03 -0.55 -7.50
O3D NAI F . 20.29 -0.61 -6.91
C2D NAI F . 18.00 0.01 -6.50
O2D NAI F . 18.38 -0.26 -5.14
C1D NAI F . 18.13 1.54 -6.75
N1N NAI F . 16.88 2.26 -6.46
C2N NAI F . 15.70 2.01 -7.17
C3N NAI F . 14.59 2.75 -6.88
C7N NAI F . 13.29 2.33 -7.41
O7N NAI F . 12.21 2.63 -6.85
N7N NAI F . 13.24 1.60 -8.59
C4N NAI F . 14.58 3.77 -5.82
C5N NAI F . 15.89 4.05 -5.28
C6N NAI F . 16.89 3.19 -5.43
C01 ZPS G . -15.35 16.66 5.92
C02 ZPS G . -14.69 17.46 7.08
C03 ZPS G . -15.96 17.23 7.94
C04 ZPS G . -16.51 16.26 6.87
C05 ZPS G . -16.79 18.49 8.18
C08 ZPS G . -15.68 16.66 9.30
O06 ZPS G . -16.18 19.58 8.33
O07 ZPS G . -18.03 18.39 8.32
O09 ZPS G . -15.59 15.44 9.47
O10 ZPS G . -15.55 17.48 10.25
PA NAI H . -15.23 25.71 11.83
O1A NAI H . -15.99 25.27 13.05
O2A NAI H . -13.77 25.97 11.74
O5B NAI H . -15.86 27.30 11.54
C5B NAI H . -17.19 27.32 11.88
C4B NAI H . -17.50 28.81 11.90
O4B NAI H . -18.93 29.07 12.01
C3B NAI H . -16.83 29.41 13.17
O3B NAI H . -16.15 30.56 12.74
C2B NAI H . -18.06 29.78 14.04
O2B NAI H . -17.81 30.90 14.83
C1B NAI H . -19.04 30.16 12.88
N9A NAI H . -20.45 30.31 13.30
C8A NAI H . -21.20 29.60 14.28
N7A NAI H . -22.47 30.04 14.35
C5A NAI H . -22.54 31.06 13.38
C6A NAI H . -23.59 31.91 12.97
N6A NAI H . -24.84 31.83 13.54
N1A NAI H . -23.38 32.83 11.98
C2A NAI H . -22.12 32.89 11.44
N3A NAI H . -21.03 32.15 11.73
C4A NAI H . -21.29 31.23 12.72
O3 NAI H . -15.95 24.79 10.73
PN NAI H . -15.11 24.51 9.39
O1N NAI H . -14.11 23.40 9.46
O2N NAI H . -14.85 25.83 8.74
O5D NAI H . -16.30 23.85 8.34
C5D NAI H . -17.33 24.73 8.08
C4D NAI H . -18.22 24.07 7.03
O4D NAI H . -17.40 23.59 5.95
C3D NAI H . -18.93 22.80 7.66
O3D NAI H . -20.27 22.78 7.20
C2D NAI H . -18.13 21.62 7.11
O2D NAI H . -18.91 20.49 6.84
C1D NAI H . -17.63 22.20 5.75
N1N NAI H . -16.37 21.55 5.33
C2N NAI H . -15.21 21.59 6.12
C3N NAI H . -14.06 21.00 5.67
C7N NAI H . -12.90 20.90 6.59
O7N NAI H . -12.01 20.06 6.45
N7N NAI H . -12.82 21.81 7.64
C4N NAI H . -13.98 20.28 4.38
C5N NAI H . -15.21 20.32 3.62
C6N NAI H . -16.34 20.86 4.12
C01 ZPS I . 14.02 1.07 -2.74
C02 ZPS I . 13.43 0.47 -4.01
C03 ZPS I . 14.19 -0.85 -3.76
C04 ZPS I . 14.61 -0.33 -2.38
C05 ZPS I . 15.31 -1.12 -4.73
C08 ZPS I . 13.33 -2.08 -3.76
O06 ZPS I . 16.34 -1.71 -4.32
O07 ZPS I . 15.14 -0.81 -5.94
O09 ZPS I . 13.42 -2.84 -4.75
O10 ZPS I . 12.61 -2.33 -2.81
S SO4 J . 3.18 7.42 -17.91
O1 SO4 J . 1.79 7.16 -18.26
O2 SO4 J . 3.39 8.87 -17.82
O3 SO4 J . 4.06 6.89 -18.95
O4 SO4 J . 3.51 6.79 -16.64
PA NAI K . 5.11 -39.70 -6.47
O1A NAI K . 5.50 -40.12 -5.08
O2A NAI K . 3.75 -39.69 -7.05
O5B NAI K . 5.88 -40.90 -7.42
C5B NAI K . 7.15 -41.12 -6.91
C4B NAI K . 7.55 -42.41 -7.62
O4B NAI K . 8.92 -42.77 -7.36
C3B NAI K . 6.66 -43.56 -7.05
O3B NAI K . 6.03 -44.14 -8.16
C2B NAI K . 7.69 -44.52 -6.43
O2B NAI K . 7.37 -45.85 -6.64
C1B NAI K . 8.92 -44.17 -7.32
N9A NAI K . 10.17 -44.63 -6.73
C8A NAI K . 10.57 -44.68 -5.36
N7A NAI K . 11.81 -45.17 -5.22
C5A NAI K . 12.22 -45.46 -6.53
C6A NAI K . 13.43 -46.00 -7.05
N6A NAI K . 14.44 -46.34 -6.21
N1A NAI K . 13.58 -46.18 -8.40
C2A NAI K . 12.52 -45.81 -9.19
N3A NAI K . 11.33 -45.29 -8.83
C4A NAI K . 11.22 -45.12 -7.47
O3 NAI K . 6.01 -38.38 -6.62
PN NAI K . 5.43 -37.28 -7.65
O1N NAI K . 4.38 -36.38 -7.11
O2N NAI K . 5.39 -37.99 -8.97
O5D NAI K . 6.71 -36.18 -7.90
C5D NAI K . 7.87 -36.86 -8.19
C4D NAI K . 8.95 -35.82 -8.43
O4D NAI K . 8.42 -34.76 -9.24
C3D NAI K . 9.40 -35.18 -7.07
O3D NAI K . 10.80 -35.00 -7.13
C2D NAI K . 8.66 -33.84 -7.03
O2D NAI K . 9.38 -32.80 -6.41
C1D NAI K . 8.55 -33.52 -8.56
N1N NAI K . 7.35 -32.68 -8.85
C2N NAI K . 6.05 -33.10 -8.55
C3N NAI K . 5.00 -32.28 -8.82
C7N NAI K . 3.64 -32.65 -8.38
O7N NAI K . 2.73 -31.83 -8.21
N7N NAI K . 3.37 -33.98 -8.15
C4N NAI K . 5.18 -30.91 -9.40
C5N NAI K . 6.56 -30.59 -9.73
C6N NAI K . 7.57 -31.43 -9.43
C01 ZPS L . -21.56 -9.10 -10.73
C02 ZPS L . -20.80 -7.95 -11.41
C03 ZPS L . -21.57 -6.91 -10.58
C04 ZPS L . -22.26 -8.06 -9.82
C05 ZPS L . -22.49 -6.03 -11.39
C08 ZPS L . -20.64 -6.07 -9.75
O06 ZPS L . -22.09 -5.68 -12.54
O07 ZPS L . -23.58 -5.63 -10.89
O09 ZPS L . -19.76 -5.38 -10.34
O10 ZPS L . -20.74 -6.10 -8.51
PA NAI M . -21.23 -0.31 -17.24
O1A NAI M . -21.62 0.81 -16.31
O2A NAI M . -19.86 -0.65 -17.71
O5B NAI M . -21.98 0.26 -18.69
C5B NAI M . -23.30 0.49 -18.40
C4B NAI M . -23.86 1.15 -19.66
O4B NAI M . -25.19 1.66 -19.42
C3B NAI M . -22.96 2.39 -19.97
O3B NAI M . -22.66 2.32 -21.33
C2B NAI M . -23.92 3.54 -19.68
O2B NAI M . -23.69 4.64 -20.49
C1B NAI M . -25.22 2.86 -20.15
N9A NAI M . -26.41 3.62 -19.80
C8A NAI M . -26.68 4.40 -18.65
N7A NAI M . -27.89 4.97 -18.70
C5A NAI M . -28.43 4.54 -19.92
C6A NAI M . -29.67 4.80 -20.55
N6A NAI M . -30.61 5.59 -19.95
N1A NAI M . -29.94 4.25 -21.77
C2A NAI M . -28.97 3.46 -22.33
N3A NAI M . -27.75 3.14 -21.85
C4A NAI M . -27.52 3.70 -20.62
O3 NAI M . -22.14 -1.50 -16.65
PN NAI M . -21.51 -2.97 -16.91
O1N NAI M . -20.35 -3.36 -16.05
O2N NAI M . -21.61 -3.12 -18.39
O5D NAI M . -22.76 -4.08 -16.44
C5D NAI M . -23.99 -3.55 -16.76
C4D NAI M . -25.06 -4.55 -16.34
O4D NAI M . -24.56 -5.89 -16.50
C3D NAI M . -25.37 -4.33 -14.83
O3D NAI M . -26.75 -4.40 -14.66
C2D NAI M . -24.66 -5.50 -14.14
O2D NAI M . -25.36 -6.02 -13.02
C1D NAI M . -24.64 -6.59 -15.27
N1N NAI M . -23.47 -7.48 -15.12
C2N NAI M . -22.18 -7.01 -15.36
C3N NAI M . -21.10 -7.85 -15.26
C7N NAI M . -19.76 -7.25 -15.18
O7N NAI M . -18.83 -7.72 -14.50
N7N NAI M . -19.54 -6.09 -15.93
C4N NAI M . -21.26 -9.31 -14.95
C5N NAI M . -22.69 -9.71 -14.87
C6N NAI M . -23.65 -8.80 -14.70
C01 ZPS N . 5.81 -28.94 -5.78
C02 ZPS N . 6.66 -29.21 -4.51
C03 ZPS N . 6.00 -30.59 -4.36
C04 ZPS N . 5.02 -30.23 -5.49
C05 ZPS N . 5.34 -30.88 -3.03
C08 ZPS N . 6.92 -31.75 -4.70
O06 ZPS N . 5.03 -32.07 -2.76
O07 ZPS N . 5.16 -29.97 -2.22
O09 ZPS N . 8.06 -31.78 -4.17
O10 ZPS N . 6.50 -32.67 -5.43
PA NAI O . -22.10 7.22 46.63
O1A NAI O . -23.04 6.06 46.51
O2A NAI O . -20.71 7.20 47.19
O5B NAI O . -22.93 8.25 47.76
C5B NAI O . -24.28 8.17 47.50
C4B NAI O . -24.91 8.67 48.77
O4B NAI O . -26.34 8.81 48.62
C3B NAI O . -24.69 7.58 49.87
O3B NAI O . -24.14 8.24 50.96
C2B NAI O . -26.13 7.12 50.17
O2B NAI O . -26.31 6.79 51.51
C1B NAI O . -26.88 8.45 49.86
N9A NAI O . -28.32 8.27 49.70
C8A NAI O . -29.05 7.17 49.14
N7A NAI O . -30.38 7.40 49.17
C5A NAI O . -30.51 8.68 49.75
C6A NAI O . -31.64 9.48 50.06
N6A NAI O . -32.90 9.04 49.79
N1A NAI O . -31.47 10.71 50.64
C2A NAI O . -30.19 11.09 50.89
N3A NAI O . -29.03 10.45 50.66
C4A NAI O . -29.24 9.23 50.08
O3 NAI O . -22.31 7.88 45.19
PN NAI O . -21.16 8.91 44.73
O1N NAI O . -19.97 8.27 44.08
O2N NAI O . -21.08 9.96 45.80
O5D NAI O . -21.84 9.81 43.42
C5D NAI O . -23.09 10.31 43.78
C4D NAI O . -23.58 11.18 42.62
O4D NAI O . -22.48 11.95 42.11
C3D NAI O . -24.09 10.26 41.44
O3D NAI O . -25.23 10.85 40.90
C2D NAI O . -22.95 10.30 40.45
O2D NAI O . -23.37 10.29 39.11
C1D NAI O . -22.35 11.70 40.74
N1N NAI O . -20.91 11.75 40.34
C2N NAI O . -19.95 10.99 41.01
C3N NAI O . -18.63 11.06 40.62
C7N NAI O . -17.70 10.03 41.12
O7N NAI O . -16.72 9.60 40.45
N7N NAI O . -17.90 9.53 42.41
C4N NAI O . -18.22 11.84 39.43
C5N NAI O . -19.25 12.78 39.01
C6N NAI O . -20.54 12.58 39.29
C01 ZPS P . -18.76 9.41 36.18
C02 ZPS P . -18.64 8.72 37.56
C03 ZPS P . -19.85 7.85 37.26
C04 ZPS P . -20.00 8.52 35.88
C05 ZPS P . -21.04 8.12 38.18
C08 ZPS P . -19.51 6.36 37.26
O06 ZPS P . -20.79 8.48 39.35
O07 ZPS P . -22.20 7.95 37.75
O09 ZPS P . -18.90 5.86 38.26
O10 ZPS P . -19.81 5.68 36.26
#